data_2ZXY
# 
_entry.id   2ZXY 
# 
_audit_conform.dict_name       mmcif_pdbx.dic 
_audit_conform.dict_version    5.388 
_audit_conform.dict_location   http://mmcif.pdb.org/dictionaries/ascii/mmcif_pdbx.dic 
# 
loop_
_database_2.database_id 
_database_2.database_code 
_database_2.pdbx_database_accession 
_database_2.pdbx_DOI 
PDB   2ZXY         pdb_00002zxy 10.2210/pdb2zxy/pdb 
RCSB  RCSB028565   ?            ?                   
WWPDB D_1000028565 ?            ?                   
# 
loop_
_pdbx_audit_revision_history.ordinal 
_pdbx_audit_revision_history.data_content_type 
_pdbx_audit_revision_history.major_revision 
_pdbx_audit_revision_history.minor_revision 
_pdbx_audit_revision_history.revision_date 
1 'Structure model' 1 0 2009-08-04 
2 'Structure model' 1 1 2011-07-13 
3 'Structure model' 1 2 2024-03-13 
# 
_pdbx_audit_revision_details.ordinal             1 
_pdbx_audit_revision_details.revision_ordinal    1 
_pdbx_audit_revision_details.data_content_type   'Structure model' 
_pdbx_audit_revision_details.provider            repository 
_pdbx_audit_revision_details.type                'Initial release' 
_pdbx_audit_revision_details.description         ? 
_pdbx_audit_revision_details.details             ? 
# 
loop_
_pdbx_audit_revision_group.ordinal 
_pdbx_audit_revision_group.revision_ordinal 
_pdbx_audit_revision_group.data_content_type 
_pdbx_audit_revision_group.group 
1 2 'Structure model' 'Version format compliance' 
2 3 'Structure model' 'Data collection'           
3 3 'Structure model' 'Database references'       
4 3 'Structure model' 'Derived calculations'      
# 
loop_
_pdbx_audit_revision_category.ordinal 
_pdbx_audit_revision_category.revision_ordinal 
_pdbx_audit_revision_category.data_content_type 
_pdbx_audit_revision_category.category 
1 3 'Structure model' chem_comp_atom 
2 3 'Structure model' chem_comp_bond 
3 3 'Structure model' database_2     
4 3 'Structure model' struct_site    
# 
loop_
_pdbx_audit_revision_item.ordinal 
_pdbx_audit_revision_item.revision_ordinal 
_pdbx_audit_revision_item.data_content_type 
_pdbx_audit_revision_item.item 
1 3 'Structure model' '_database_2.pdbx_DOI'                
2 3 'Structure model' '_database_2.pdbx_database_accession' 
3 3 'Structure model' '_struct_site.pdbx_auth_asym_id'      
4 3 'Structure model' '_struct_site.pdbx_auth_comp_id'      
5 3 'Structure model' '_struct_site.pdbx_auth_seq_id'       
# 
_pdbx_database_status.status_code                     REL 
_pdbx_database_status.entry_id                        2ZXY 
_pdbx_database_status.recvd_initial_deposition_date   2009-01-09 
_pdbx_database_status.deposit_site                    PDBJ 
_pdbx_database_status.process_site                    PDBJ 
_pdbx_database_status.status_code_sf                  REL 
_pdbx_database_status.status_code_mr                  ? 
_pdbx_database_status.SG_entry                        ? 
_pdbx_database_status.pdb_format_compatible           Y 
_pdbx_database_status.status_code_cs                  ? 
_pdbx_database_status.status_code_nmr_data            ? 
_pdbx_database_status.methods_development_category    ? 
# 
loop_
_audit_author.name 
_audit_author.pdbx_ordinal 
'Obuchi, M.'    1  
'Kawahara, K.'  2  
'Motooka, D.'   3  
'Nakamura, S.'  4  
'Yamanaka, M.'  5  
'Takeda, T.'    6  
'Uchiyama, S.'  7  
'Kobayashi, Y.' 8  
'Ohkubo, T.'    9  
'Sambongi, Y.'  10 
# 
_citation.id                        primary 
_citation.title                     
'Hyperstability and crystal structure of cytochrome c(555) from hyperthermophilic Aquifex aeolicus' 
_citation.journal_abbrev            'Acta Crystallogr.,Sect.D' 
_citation.journal_volume            65 
_citation.page_first                804 
_citation.page_last                 813 
_citation.year                      2009 
_citation.journal_id_ASTM           ABCRE6 
_citation.country                   DK 
_citation.journal_id_ISSN           0907-4449 
_citation.journal_id_CSD            0766 
_citation.book_publisher            ? 
_citation.pdbx_database_id_PubMed   19622864 
_citation.pdbx_database_id_DOI      10.1107/S0907444909017314 
# 
loop_
_citation_author.citation_id 
_citation_author.name 
_citation_author.ordinal 
_citation_author.identifier_ORCID 
primary 'Obuchi, M.'    1  ? 
primary 'Kawahara, K.'  2  ? 
primary 'Motooka, D.'   3  ? 
primary 'Nakamura, S.'  4  ? 
primary 'Yamanaka, M.'  5  ? 
primary 'Takeda, T.'    6  ? 
primary 'Uchiyama, S.'  7  ? 
primary 'Kobayashi, Y.' 8  ? 
primary 'Ohkubo, T.'    9  ? 
primary 'Sambongi, Y.'  10 ? 
# 
loop_
_entity.id 
_entity.type 
_entity.src_method 
_entity.pdbx_description 
_entity.formula_weight 
_entity.pdbx_number_of_molecules 
_entity.pdbx_ec 
_entity.pdbx_mutation 
_entity.pdbx_fragment 
_entity.details 
1 polymer     man 'Cytochrome c552' 9264.803 1   ? ? 'UNP residues 18-104' ? 
2 non-polymer syn 'HEME C'          618.503  1   ? ? ?                     ? 
3 water       nat water             18.015   145 ? ? ?                     ? 
# 
_entity_name_com.entity_id   1 
_entity_name_com.name        'Cytochrome c555' 
# 
_entity_poly.entity_id                      1 
_entity_poly.type                           'polypeptide(L)' 
_entity_poly.nstd_linkage                   no 
_entity_poly.nstd_monomer                   no 
_entity_poly.pdbx_seq_one_letter_code       
;ADGKAIFQQKGCGSCHQANVDTVGPSLKKIAQAYAGKEDQLIKFLKGEAPAIVDPAKEAIMKPQLTMLKGLSDAELKALA
DFILSHK
;
_entity_poly.pdbx_seq_one_letter_code_can   
;ADGKAIFQQKGCGSCHQANVDTVGPSLKKIAQAYAGKEDQLIKFLKGEAPAIVDPAKEAIMKPQLTMLKGLSDAELKALA
DFILSHK
;
_entity_poly.pdbx_strand_id                 A 
_entity_poly.pdbx_target_identifier         ? 
# 
loop_
_pdbx_entity_nonpoly.entity_id 
_pdbx_entity_nonpoly.name 
_pdbx_entity_nonpoly.comp_id 
2 'HEME C' HEC 
3 water    HOH 
# 
loop_
_entity_poly_seq.entity_id 
_entity_poly_seq.num 
_entity_poly_seq.mon_id 
_entity_poly_seq.hetero 
1 1  ALA n 
1 2  ASP n 
1 3  GLY n 
1 4  LYS n 
1 5  ALA n 
1 6  ILE n 
1 7  PHE n 
1 8  GLN n 
1 9  GLN n 
1 10 LYS n 
1 11 GLY n 
1 12 CYS n 
1 13 GLY n 
1 14 SER n 
1 15 CYS n 
1 16 HIS n 
1 17 GLN n 
1 18 ALA n 
1 19 ASN n 
1 20 VAL n 
1 21 ASP n 
1 22 THR n 
1 23 VAL n 
1 24 GLY n 
1 25 PRO n 
1 26 SER n 
1 27 LEU n 
1 28 LYS n 
1 29 LYS n 
1 30 ILE n 
1 31 ALA n 
1 32 GLN n 
1 33 ALA n 
1 34 TYR n 
1 35 ALA n 
1 36 GLY n 
1 37 LYS n 
1 38 GLU n 
1 39 ASP n 
1 40 GLN n 
1 41 LEU n 
1 42 ILE n 
1 43 LYS n 
1 44 PHE n 
1 45 LEU n 
1 46 LYS n 
1 47 GLY n 
1 48 GLU n 
1 49 ALA n 
1 50 PRO n 
1 51 ALA n 
1 52 ILE n 
1 53 VAL n 
1 54 ASP n 
1 55 PRO n 
1 56 ALA n 
1 57 LYS n 
1 58 GLU n 
1 59 ALA n 
1 60 ILE n 
1 61 MET n 
1 62 LYS n 
1 63 PRO n 
1 64 GLN n 
1 65 LEU n 
1 66 THR n 
1 67 MET n 
1 68 LEU n 
1 69 LYS n 
1 70 GLY n 
1 71 LEU n 
1 72 SER n 
1 73 ASP n 
1 74 ALA n 
1 75 GLU n 
1 76 LEU n 
1 77 LYS n 
1 78 ALA n 
1 79 LEU n 
1 80 ALA n 
1 81 ASP n 
1 82 PHE n 
1 83 ILE n 
1 84 LEU n 
1 85 SER n 
1 86 HIS n 
1 87 LYS n 
# 
_entity_src_gen.entity_id                          1 
_entity_src_gen.pdbx_src_id                        1 
_entity_src_gen.pdbx_alt_source_flag               sample 
_entity_src_gen.pdbx_seq_type                      ? 
_entity_src_gen.pdbx_beg_seq_num                   ? 
_entity_src_gen.pdbx_end_seq_num                   ? 
_entity_src_gen.gene_src_common_name               ? 
_entity_src_gen.gene_src_genus                     ? 
_entity_src_gen.pdbx_gene_src_gene                 'cycB2, aq_1550' 
_entity_src_gen.gene_src_species                   ? 
_entity_src_gen.gene_src_strain                    ? 
_entity_src_gen.gene_src_tissue                    ? 
_entity_src_gen.gene_src_tissue_fraction           ? 
_entity_src_gen.gene_src_details                   ? 
_entity_src_gen.pdbx_gene_src_fragment             ? 
_entity_src_gen.pdbx_gene_src_scientific_name      'Aquifex aeolicus' 
_entity_src_gen.pdbx_gene_src_ncbi_taxonomy_id     63363 
_entity_src_gen.pdbx_gene_src_variant              ? 
_entity_src_gen.pdbx_gene_src_cell_line            ? 
_entity_src_gen.pdbx_gene_src_atcc                 ? 
_entity_src_gen.pdbx_gene_src_organ                ? 
_entity_src_gen.pdbx_gene_src_organelle            ? 
_entity_src_gen.pdbx_gene_src_cell                 ? 
_entity_src_gen.pdbx_gene_src_cellular_location    ? 
_entity_src_gen.host_org_common_name               ? 
_entity_src_gen.pdbx_host_org_scientific_name      'Escherichia coli' 
_entity_src_gen.pdbx_host_org_ncbi_taxonomy_id     562 
_entity_src_gen.host_org_genus                     ? 
_entity_src_gen.pdbx_host_org_gene                 ? 
_entity_src_gen.pdbx_host_org_organ                ? 
_entity_src_gen.host_org_species                   ? 
_entity_src_gen.pdbx_host_org_tissue               ? 
_entity_src_gen.pdbx_host_org_tissue_fraction      ? 
_entity_src_gen.pdbx_host_org_strain               RI90 
_entity_src_gen.pdbx_host_org_variant              ? 
_entity_src_gen.pdbx_host_org_cell_line            ? 
_entity_src_gen.pdbx_host_org_atcc                 ? 
_entity_src_gen.pdbx_host_org_culture_collection   ? 
_entity_src_gen.pdbx_host_org_cell                 ? 
_entity_src_gen.pdbx_host_org_organelle            ? 
_entity_src_gen.pdbx_host_org_cellular_location    ? 
_entity_src_gen.pdbx_host_org_vector_type          plasmid 
_entity_src_gen.pdbx_host_org_vector               ? 
_entity_src_gen.host_org_details                   ? 
_entity_src_gen.expression_system_id               ? 
_entity_src_gen.plasmid_name                       pKK223-3 
_entity_src_gen.plasmid_details                    ? 
_entity_src_gen.pdbx_description                   ? 
# 
loop_
_chem_comp.id 
_chem_comp.type 
_chem_comp.mon_nstd_flag 
_chem_comp.name 
_chem_comp.pdbx_synonyms 
_chem_comp.formula 
_chem_comp.formula_weight 
ALA 'L-peptide linking' y ALANINE         ? 'C3 H7 N O2'       89.093  
ASN 'L-peptide linking' y ASPARAGINE      ? 'C4 H8 N2 O3'      132.118 
ASP 'L-peptide linking' y 'ASPARTIC ACID' ? 'C4 H7 N O4'       133.103 
CYS 'L-peptide linking' y CYSTEINE        ? 'C3 H7 N O2 S'     121.158 
GLN 'L-peptide linking' y GLUTAMINE       ? 'C5 H10 N2 O3'     146.144 
GLU 'L-peptide linking' y 'GLUTAMIC ACID' ? 'C5 H9 N O4'       147.129 
GLY 'peptide linking'   y GLYCINE         ? 'C2 H5 N O2'       75.067  
HEC non-polymer         . 'HEME C'        ? 'C34 H34 Fe N4 O4' 618.503 
HIS 'L-peptide linking' y HISTIDINE       ? 'C6 H10 N3 O2 1'   156.162 
HOH non-polymer         . WATER           ? 'H2 O'             18.015  
ILE 'L-peptide linking' y ISOLEUCINE      ? 'C6 H13 N O2'      131.173 
LEU 'L-peptide linking' y LEUCINE         ? 'C6 H13 N O2'      131.173 
LYS 'L-peptide linking' y LYSINE          ? 'C6 H15 N2 O2 1'   147.195 
MET 'L-peptide linking' y METHIONINE      ? 'C5 H11 N O2 S'    149.211 
PHE 'L-peptide linking' y PHENYLALANINE   ? 'C9 H11 N O2'      165.189 
PRO 'L-peptide linking' y PROLINE         ? 'C5 H9 N O2'       115.130 
SER 'L-peptide linking' y SERINE          ? 'C3 H7 N O3'       105.093 
THR 'L-peptide linking' y THREONINE       ? 'C4 H9 N O3'       119.119 
TYR 'L-peptide linking' y TYROSINE        ? 'C9 H11 N O3'      181.189 
VAL 'L-peptide linking' y VALINE          ? 'C5 H11 N O2'      117.146 
# 
loop_
_pdbx_poly_seq_scheme.asym_id 
_pdbx_poly_seq_scheme.entity_id 
_pdbx_poly_seq_scheme.seq_id 
_pdbx_poly_seq_scheme.mon_id 
_pdbx_poly_seq_scheme.ndb_seq_num 
_pdbx_poly_seq_scheme.pdb_seq_num 
_pdbx_poly_seq_scheme.auth_seq_num 
_pdbx_poly_seq_scheme.pdb_mon_id 
_pdbx_poly_seq_scheme.auth_mon_id 
_pdbx_poly_seq_scheme.pdb_strand_id 
_pdbx_poly_seq_scheme.pdb_ins_code 
_pdbx_poly_seq_scheme.hetero 
A 1 1  ALA 1  1  1  ALA ALA A . n 
A 1 2  ASP 2  2  2  ASP ASP A . n 
A 1 3  GLY 3  3  3  GLY GLY A . n 
A 1 4  LYS 4  4  4  LYS LYS A . n 
A 1 5  ALA 5  5  5  ALA ALA A . n 
A 1 6  ILE 6  6  6  ILE ILE A . n 
A 1 7  PHE 7  7  7  PHE PHE A . n 
A 1 8  GLN 8  8  8  GLN GLN A . n 
A 1 9  GLN 9  9  9  GLN GLN A . n 
A 1 10 LYS 10 10 10 LYS LYS A . n 
A 1 11 GLY 11 11 11 GLY GLY A . n 
A 1 12 CYS 12 12 12 CYS CYS A . n 
A 1 13 GLY 13 13 13 GLY GLY A . n 
A 1 14 SER 14 14 14 SER SER A . n 
A 1 15 CYS 15 15 15 CYS CYS A . n 
A 1 16 HIS 16 16 16 HIS HIS A . n 
A 1 17 GLN 17 17 17 GLN GLN A . n 
A 1 18 ALA 18 18 18 ALA ALA A . n 
A 1 19 ASN 19 19 19 ASN ASN A . n 
A 1 20 VAL 20 20 20 VAL VAL A . n 
A 1 21 ASP 21 21 21 ASP ASP A . n 
A 1 22 THR 22 22 22 THR THR A . n 
A 1 23 VAL 23 23 23 VAL VAL A . n 
A 1 24 GLY 24 24 24 GLY GLY A . n 
A 1 25 PRO 25 25 25 PRO PRO A . n 
A 1 26 SER 26 26 26 SER SER A . n 
A 1 27 LEU 27 27 27 LEU LEU A . n 
A 1 28 LYS 28 28 28 LYS LYS A . n 
A 1 29 LYS 29 29 29 LYS LYS A . n 
A 1 30 ILE 30 30 30 ILE ILE A . n 
A 1 31 ALA 31 31 31 ALA ALA A . n 
A 1 32 GLN 32 32 32 GLN GLN A . n 
A 1 33 ALA 33 33 33 ALA ALA A . n 
A 1 34 TYR 34 34 34 TYR TYR A . n 
A 1 35 ALA 35 35 35 ALA ALA A . n 
A 1 36 GLY 36 36 36 GLY GLY A . n 
A 1 37 LYS 37 37 37 LYS LYS A . n 
A 1 38 GLU 38 38 38 GLU GLU A . n 
A 1 39 ASP 39 39 39 ASP ASP A . n 
A 1 40 GLN 40 40 40 GLN GLN A . n 
A 1 41 LEU 41 41 41 LEU LEU A . n 
A 1 42 ILE 42 42 42 ILE ILE A . n 
A 1 43 LYS 43 43 43 LYS LYS A . n 
A 1 44 PHE 44 44 44 PHE PHE A . n 
A 1 45 LEU 45 45 45 LEU LEU A . n 
A 1 46 LYS 46 46 46 LYS LYS A . n 
A 1 47 GLY 47 47 47 GLY GLY A . n 
A 1 48 GLU 48 48 48 GLU GLU A . n 
A 1 49 ALA 49 49 49 ALA ALA A . n 
A 1 50 PRO 50 50 50 PRO PRO A . n 
A 1 51 ALA 51 51 51 ALA ALA A . n 
A 1 52 ILE 52 52 52 ILE ILE A . n 
A 1 53 VAL 53 53 53 VAL VAL A . n 
A 1 54 ASP 54 54 54 ASP ASP A . n 
A 1 55 PRO 55 55 55 PRO PRO A . n 
A 1 56 ALA 56 56 56 ALA ALA A . n 
A 1 57 LYS 57 57 57 LYS LYS A . n 
A 1 58 GLU 58 58 58 GLU GLU A . n 
A 1 59 ALA 59 59 59 ALA ALA A . n 
A 1 60 ILE 60 60 60 ILE ILE A . n 
A 1 61 MET 61 61 61 MET MET A . n 
A 1 62 LYS 62 62 62 LYS LYS A . n 
A 1 63 PRO 63 63 63 PRO PRO A . n 
A 1 64 GLN 64 64 64 GLN GLN A . n 
A 1 65 LEU 65 65 65 LEU LEU A . n 
A 1 66 THR 66 66 66 THR THR A . n 
A 1 67 MET 67 67 67 MET MET A . n 
A 1 68 LEU 68 68 68 LEU LEU A . n 
A 1 69 LYS 69 69 69 LYS LYS A . n 
A 1 70 GLY 70 70 70 GLY GLY A . n 
A 1 71 LEU 71 71 71 LEU LEU A . n 
A 1 72 SER 72 72 72 SER SER A . n 
A 1 73 ASP 73 73 73 ASP ASP A . n 
A 1 74 ALA 74 74 74 ALA ALA A . n 
A 1 75 GLU 75 75 75 GLU GLU A . n 
A 1 76 LEU 76 76 76 LEU LEU A . n 
A 1 77 LYS 77 77 77 LYS LYS A . n 
A 1 78 ALA 78 78 78 ALA ALA A . n 
A 1 79 LEU 79 79 79 LEU LEU A . n 
A 1 80 ALA 80 80 80 ALA ALA A . n 
A 1 81 ASP 81 81 81 ASP ASP A . n 
A 1 82 PHE 82 82 82 PHE PHE A . n 
A 1 83 ILE 83 83 83 ILE ILE A . n 
A 1 84 LEU 84 84 84 LEU LEU A . n 
A 1 85 SER 85 85 85 SER SER A . n 
A 1 86 HIS 86 86 86 HIS HIS A . n 
A 1 87 LYS 87 87 ?  ?   ?   A . n 
# 
loop_
_pdbx_nonpoly_scheme.asym_id 
_pdbx_nonpoly_scheme.entity_id 
_pdbx_nonpoly_scheme.mon_id 
_pdbx_nonpoly_scheme.ndb_seq_num 
_pdbx_nonpoly_scheme.pdb_seq_num 
_pdbx_nonpoly_scheme.auth_seq_num 
_pdbx_nonpoly_scheme.pdb_mon_id 
_pdbx_nonpoly_scheme.auth_mon_id 
_pdbx_nonpoly_scheme.pdb_strand_id 
_pdbx_nonpoly_scheme.pdb_ins_code 
B 2 HEC 1   200 200 HEC HEC A . 
C 3 HOH 1   88  88  HOH HOH A . 
C 3 HOH 2   89  1   HOH HOH A . 
C 3 HOH 3   90  90  HOH HOH A . 
C 3 HOH 4   91  91  HOH HOH A . 
C 3 HOH 5   92  92  HOH HOH A . 
C 3 HOH 6   93  93  HOH HOH A . 
C 3 HOH 7   94  94  HOH HOH A . 
C 3 HOH 8   95  95  HOH HOH A . 
C 3 HOH 9   96  96  HOH HOH A . 
C 3 HOH 10  97  97  HOH HOH A . 
C 3 HOH 11  98  98  HOH HOH A . 
C 3 HOH 12  99  99  HOH HOH A . 
C 3 HOH 13  100 100 HOH HOH A . 
C 3 HOH 14  101 101 HOH HOH A . 
C 3 HOH 15  102 102 HOH HOH A . 
C 3 HOH 16  103 103 HOH HOH A . 
C 3 HOH 17  104 104 HOH HOH A . 
C 3 HOH 18  105 105 HOH HOH A . 
C 3 HOH 19  106 106 HOH HOH A . 
C 3 HOH 20  107 107 HOH HOH A . 
C 3 HOH 21  108 108 HOH HOH A . 
C 3 HOH 22  109 109 HOH HOH A . 
C 3 HOH 23  110 110 HOH HOH A . 
C 3 HOH 24  111 111 HOH HOH A . 
C 3 HOH 25  112 112 HOH HOH A . 
C 3 HOH 26  113 113 HOH HOH A . 
C 3 HOH 27  114 114 HOH HOH A . 
C 3 HOH 28  115 115 HOH HOH A . 
C 3 HOH 29  116 116 HOH HOH A . 
C 3 HOH 30  117 117 HOH HOH A . 
C 3 HOH 31  118 118 HOH HOH A . 
C 3 HOH 32  119 119 HOH HOH A . 
C 3 HOH 33  120 120 HOH HOH A . 
C 3 HOH 34  121 2   HOH HOH A . 
C 3 HOH 35  122 3   HOH HOH A . 
C 3 HOH 36  123 123 HOH HOH A . 
C 3 HOH 37  124 124 HOH HOH A . 
C 3 HOH 38  125 125 HOH HOH A . 
C 3 HOH 39  126 126 HOH HOH A . 
C 3 HOH 40  127 127 HOH HOH A . 
C 3 HOH 41  128 128 HOH HOH A . 
C 3 HOH 42  129 129 HOH HOH A . 
C 3 HOH 43  130 130 HOH HOH A . 
C 3 HOH 44  131 131 HOH HOH A . 
C 3 HOH 45  132 132 HOH HOH A . 
C 3 HOH 46  133 133 HOH HOH A . 
C 3 HOH 47  134 134 HOH HOH A . 
C 3 HOH 48  135 135 HOH HOH A . 
C 3 HOH 49  136 136 HOH HOH A . 
C 3 HOH 50  137 137 HOH HOH A . 
C 3 HOH 51  138 138 HOH HOH A . 
C 3 HOH 52  139 139 HOH HOH A . 
C 3 HOH 53  140 140 HOH HOH A . 
C 3 HOH 54  141 141 HOH HOH A . 
C 3 HOH 55  142 142 HOH HOH A . 
C 3 HOH 56  143 143 HOH HOH A . 
C 3 HOH 57  144 144 HOH HOH A . 
C 3 HOH 58  145 145 HOH HOH A . 
C 3 HOH 59  146 146 HOH HOH A . 
C 3 HOH 60  147 147 HOH HOH A . 
C 3 HOH 61  148 148 HOH HOH A . 
C 3 HOH 62  149 149 HOH HOH A . 
C 3 HOH 63  150 150 HOH HOH A . 
C 3 HOH 64  151 151 HOH HOH A . 
C 3 HOH 65  152 152 HOH HOH A . 
C 3 HOH 66  153 153 HOH HOH A . 
C 3 HOH 67  154 154 HOH HOH A . 
C 3 HOH 68  155 155 HOH HOH A . 
C 3 HOH 69  156 156 HOH HOH A . 
C 3 HOH 70  157 157 HOH HOH A . 
C 3 HOH 71  158 158 HOH HOH A . 
C 3 HOH 72  159 159 HOH HOH A . 
C 3 HOH 73  160 160 HOH HOH A . 
C 3 HOH 74  161 161 HOH HOH A . 
C 3 HOH 75  162 162 HOH HOH A . 
C 3 HOH 76  163 163 HOH HOH A . 
C 3 HOH 77  164 164 HOH HOH A . 
C 3 HOH 78  165 165 HOH HOH A . 
C 3 HOH 79  166 166 HOH HOH A . 
C 3 HOH 80  167 167 HOH HOH A . 
C 3 HOH 81  168 168 HOH HOH A . 
C 3 HOH 82  169 169 HOH HOH A . 
C 3 HOH 83  170 170 HOH HOH A . 
C 3 HOH 84  171 171 HOH HOH A . 
C 3 HOH 85  172 172 HOH HOH A . 
C 3 HOH 86  173 173 HOH HOH A . 
C 3 HOH 87  174 174 HOH HOH A . 
C 3 HOH 88  175 175 HOH HOH A . 
C 3 HOH 89  176 176 HOH HOH A . 
C 3 HOH 90  177 177 HOH HOH A . 
C 3 HOH 91  178 178 HOH HOH A . 
C 3 HOH 92  179 179 HOH HOH A . 
C 3 HOH 93  180 180 HOH HOH A . 
C 3 HOH 94  181 181 HOH HOH A . 
C 3 HOH 95  182 182 HOH HOH A . 
C 3 HOH 96  183 183 HOH HOH A . 
C 3 HOH 97  184 184 HOH HOH A . 
C 3 HOH 98  185 185 HOH HOH A . 
C 3 HOH 99  186 186 HOH HOH A . 
C 3 HOH 100 187 187 HOH HOH A . 
C 3 HOH 101 188 188 HOH HOH A . 
C 3 HOH 102 189 189 HOH HOH A . 
C 3 HOH 103 190 190 HOH HOH A . 
C 3 HOH 104 191 191 HOH HOH A . 
C 3 HOH 105 192 192 HOH HOH A . 
C 3 HOH 106 193 193 HOH HOH A . 
C 3 HOH 107 194 194 HOH HOH A . 
C 3 HOH 108 195 195 HOH HOH A . 
C 3 HOH 109 196 196 HOH HOH A . 
C 3 HOH 110 197 197 HOH HOH A . 
C 3 HOH 111 198 198 HOH HOH A . 
C 3 HOH 112 199 199 HOH HOH A . 
C 3 HOH 113 201 201 HOH HOH A . 
C 3 HOH 114 202 202 HOH HOH A . 
C 3 HOH 115 203 203 HOH HOH A . 
C 3 HOH 116 204 204 HOH HOH A . 
C 3 HOH 117 205 205 HOH HOH A . 
C 3 HOH 118 206 206 HOH HOH A . 
C 3 HOH 119 207 207 HOH HOH A . 
C 3 HOH 120 208 208 HOH HOH A . 
C 3 HOH 121 209 209 HOH HOH A . 
C 3 HOH 122 210 210 HOH HOH A . 
C 3 HOH 123 211 211 HOH HOH A . 
C 3 HOH 124 212 212 HOH HOH A . 
C 3 HOH 125 213 213 HOH HOH A . 
C 3 HOH 126 214 214 HOH HOH A . 
C 3 HOH 127 215 215 HOH HOH A . 
C 3 HOH 128 216 216 HOH HOH A . 
C 3 HOH 129 217 217 HOH HOH A . 
C 3 HOH 130 218 218 HOH HOH A . 
C 3 HOH 131 219 219 HOH HOH A . 
C 3 HOH 132 220 220 HOH HOH A . 
C 3 HOH 133 222 222 HOH HOH A . 
C 3 HOH 134 223 223 HOH HOH A . 
C 3 HOH 135 224 224 HOH HOH A . 
C 3 HOH 136 225 225 HOH HOH A . 
C 3 HOH 137 226 226 HOH HOH A . 
C 3 HOH 138 227 227 HOH HOH A . 
C 3 HOH 139 228 228 HOH HOH A . 
C 3 HOH 140 229 229 HOH HOH A . 
C 3 HOH 141 230 230 HOH HOH A . 
C 3 HOH 142 231 231 HOH HOH A . 
C 3 HOH 143 232 232 HOH HOH A . 
C 3 HOH 144 233 233 HOH HOH A . 
C 3 HOH 145 234 234 HOH HOH A . 
# 
loop_
_software.name 
_software.classification 
_software.version 
_software.citation_id 
_software.pdbx_ordinal 
REFMAC    refinement        5.2.0019 ? 1 
HKL-2000  'data collection' .        ? 2 
HKL-2000  'data reduction'  .        ? 3 
SCALEPACK 'data scaling'    .        ? 4 
SHELXS    phasing           .        ? 5 
# 
_cell.entry_id           2ZXY 
_cell.length_a           48.529 
_cell.length_b           32.993 
_cell.length_c           49.668 
_cell.angle_alpha        90.00 
_cell.angle_beta         115.05 
_cell.angle_gamma        90.00 
_cell.Z_PDB              4 
_cell.pdbx_unique_axis   ? 
_cell.length_a_esd       ? 
_cell.length_b_esd       ? 
_cell.length_c_esd       ? 
_cell.angle_alpha_esd    ? 
_cell.angle_beta_esd     ? 
_cell.angle_gamma_esd    ? 
# 
_symmetry.entry_id                         2ZXY 
_symmetry.space_group_name_H-M             'C 1 2 1' 
_symmetry.pdbx_full_space_group_name_H-M   ? 
_symmetry.cell_setting                     ? 
_symmetry.Int_Tables_number                5 
_symmetry.space_group_name_Hall            ? 
# 
_exptl.entry_id          2ZXY 
_exptl.method            'X-RAY DIFFRACTION' 
_exptl.crystals_number   2 
# 
_exptl_crystal.id                    1 
_exptl_crystal.density_meas          ? 
_exptl_crystal.density_Matthews      1.94 
_exptl_crystal.density_percent_sol   36.73 
_exptl_crystal.description           ? 
_exptl_crystal.F_000                 ? 
_exptl_crystal.preparation           ? 
# 
_exptl_crystal_grow.crystal_id      1 
_exptl_crystal_grow.method          'VAPOR DIFFUSION, SITTING DROP' 
_exptl_crystal_grow.temp            277 
_exptl_crystal_grow.temp_details    ? 
_exptl_crystal_grow.pH              5.6 
_exptl_crystal_grow.pdbx_pH_range   ? 
_exptl_crystal_grow.pdbx_details    
'39% PEG 4000, 0.8M ammonium acetate, 0.1M tri-sodium citrate dehydrate, pH 5.6, VAPOR DIFFUSION, SITTING DROP, temperature 277K' 
# 
loop_
_diffrn.id 
_diffrn.ambient_temp 
_diffrn.ambient_temp_details 
_diffrn.crystal_id 
1 100 ? 1 
2 100 ? 1 
# 
loop_
_diffrn_detector.diffrn_id 
_diffrn_detector.detector 
_diffrn_detector.type 
_diffrn_detector.pdbx_collection_date 
_diffrn_detector.details 
1 CCD 'RIGAKU JUPITER 210' 2007-11-27 ? 
2 CCD 'RIGAKU JUPITER 210' 2007-11-27 ? 
# 
loop_
_diffrn_radiation.diffrn_id 
_diffrn_radiation.wavelength_id 
_diffrn_radiation.pdbx_monochromatic_or_laue_m_l 
_diffrn_radiation.monochromator 
_diffrn_radiation.pdbx_diffrn_protocol 
_diffrn_radiation.pdbx_scattering_type 
1 1 M ? 'SINGLE WAVELENGTH' x-ray 
2 1 M ? MAD                 x-ray 
# 
loop_
_diffrn_radiation_wavelength.id 
_diffrn_radiation_wavelength.wavelength 
_diffrn_radiation_wavelength.wt 
1 0.7     1.0 
2 1.73786 1.0 
3 1.74011 1.0 
4 1.69260 1.0 
# 
loop_
_diffrn_source.diffrn_id 
_diffrn_source.source 
_diffrn_source.type 
_diffrn_source.pdbx_synchrotron_site 
_diffrn_source.pdbx_synchrotron_beamline 
_diffrn_source.pdbx_wavelength 
_diffrn_source.pdbx_wavelength_list 
1 SYNCHROTRON 'SPRING-8 BEAMLINE BL38B1' SPring-8 BL38B1 ? 0.7                         
2 SYNCHROTRON 'SPRING-8 BEAMLINE BL38B1' SPring-8 BL38B1 ? '1.73786, 1.74011, 1.69260' 
# 
_reflns.entry_id                     2ZXY 
_reflns.observed_criterion_sigma_I   ? 
_reflns.observed_criterion_sigma_F   ? 
_reflns.d_resolution_low             50 
_reflns.d_resolution_high            1.15 
_reflns.number_obs                   25402 
_reflns.number_all                   ? 
_reflns.percent_possible_obs         97 
_reflns.pdbx_Rmerge_I_obs            0.047 
_reflns.pdbx_Rsym_value              ? 
_reflns.pdbx_netI_over_sigmaI        ? 
_reflns.B_iso_Wilson_estimate        ? 
_reflns.pdbx_redundancy              3.71 
_reflns.R_free_details               ? 
_reflns.limit_h_max                  ? 
_reflns.limit_h_min                  ? 
_reflns.limit_k_max                  ? 
_reflns.limit_k_min                  ? 
_reflns.limit_l_max                  ? 
_reflns.limit_l_min                  ? 
_reflns.observed_criterion_F_max     ? 
_reflns.observed_criterion_F_min     ? 
_reflns.pdbx_chi_squared             ? 
_reflns.pdbx_scaling_rejects         ? 
_reflns.pdbx_diffrn_id               1,2 
_reflns.pdbx_ordinal                 1 
# 
_reflns_shell.d_res_high             1.15 
_reflns_shell.d_res_low              1.19 
_reflns_shell.percent_possible_all   89.4 
_reflns_shell.Rmerge_I_obs           ? 
_reflns_shell.pdbx_Rsym_value        ? 
_reflns_shell.meanI_over_sigI_obs    10.01 
_reflns_shell.pdbx_redundancy        ? 
_reflns_shell.percent_possible_obs   ? 
_reflns_shell.number_unique_all      ? 
_reflns_shell.number_measured_all    ? 
_reflns_shell.number_measured_obs    ? 
_reflns_shell.number_unique_obs      ? 
_reflns_shell.pdbx_chi_squared       ? 
_reflns_shell.pdbx_diffrn_id         ? 
_reflns_shell.pdbx_ordinal           1 
# 
_refine.pdbx_refine_id                           'X-RAY DIFFRACTION' 
_refine.entry_id                                 2ZXY 
_refine.ls_number_reflns_obs                     23375 
_refine.ls_number_reflns_all                     ? 
_refine.pdbx_ls_sigma_I                          ? 
_refine.pdbx_ls_sigma_F                          ? 
_refine.pdbx_data_cutoff_high_absF               ? 
_refine.pdbx_data_cutoff_low_absF                ? 
_refine.pdbx_data_cutoff_high_rms_absF           ? 
_refine.ls_d_res_low                             15.92 
_refine.ls_d_res_high                            1.15 
_refine.ls_percent_reflns_obs                    97.56 
_refine.ls_R_factor_obs                          0.12899 
_refine.ls_R_factor_all                          ? 
_refine.ls_R_factor_R_work                       0.12711 
_refine.ls_R_factor_R_free                       0.16386 
_refine.ls_R_factor_R_free_error                 ? 
_refine.ls_R_factor_R_free_error_details         ? 
_refine.ls_percent_reflns_R_free                 5.1 
_refine.ls_number_reflns_R_free                  1257 
_refine.ls_number_parameters                     ? 
_refine.ls_number_restraints                     ? 
_refine.occupancy_min                            ? 
_refine.occupancy_max                            ? 
_refine.correlation_coeff_Fo_to_Fc               0.972 
_refine.correlation_coeff_Fo_to_Fc_free          0.959 
_refine.B_iso_mean                               10.536 
_refine.aniso_B[1][1]                            0.00 
_refine.aniso_B[2][2]                            0.00 
_refine.aniso_B[3][3]                            0.00 
_refine.aniso_B[1][2]                            0.00 
_refine.aniso_B[1][3]                            0.00 
_refine.aniso_B[2][3]                            0.00 
_refine.solvent_model_details                    MASK 
_refine.solvent_model_param_ksol                 ? 
_refine.solvent_model_param_bsol                 ? 
_refine.pdbx_solvent_vdw_probe_radii             1.20 
_refine.pdbx_solvent_ion_probe_radii             0.80 
_refine.pdbx_solvent_shrinkage_radii             0.80 
_refine.pdbx_ls_cross_valid_method               THROUGHOUT 
_refine.details                                  'HYDROGENS HAVE BEEN ADDED IN THE RIDING POSITIONS' 
_refine.pdbx_starting_model                      ? 
_refine.pdbx_method_to_determine_struct          MAD 
_refine.pdbx_isotropic_thermal_model             ? 
_refine.pdbx_stereochemistry_target_values       'MAXIMUM LIKELIHOOD' 
_refine.pdbx_stereochem_target_val_spec_case     ? 
_refine.pdbx_R_Free_selection_details            RANDOM 
_refine.pdbx_overall_ESU_R                       0.036 
_refine.pdbx_overall_ESU_R_Free                  0.038 
_refine.overall_SU_ML                            ? 
_refine.pdbx_overall_phase_error                 ? 
_refine.overall_SU_B                             ? 
_refine.ls_redundancy_reflns_obs                 ? 
_refine.B_iso_min                                ? 
_refine.B_iso_max                                ? 
_refine.overall_SU_R_Cruickshank_DPI             ? 
_refine.overall_SU_R_free                        ? 
_refine.ls_wR_factor_R_free                      ? 
_refine.ls_wR_factor_R_work                      ? 
_refine.overall_FOM_free_R_set                   ? 
_refine.overall_FOM_work_R_set                   ? 
_refine.pdbx_diffrn_id                           1 
_refine.pdbx_TLS_residual_ADP_flag               ? 
_refine.pdbx_overall_SU_R_free_Cruickshank_DPI   ? 
_refine.pdbx_overall_SU_R_Blow_DPI               ? 
_refine.pdbx_overall_SU_R_free_Blow_DPI          ? 
# 
_refine_hist.pdbx_refine_id                   'X-RAY DIFFRACTION' 
_refine_hist.cycle_id                         LAST 
_refine_hist.pdbx_number_atoms_protein        711 
_refine_hist.pdbx_number_atoms_nucleic_acid   0 
_refine_hist.pdbx_number_atoms_ligand         43 
_refine_hist.number_atoms_solvent             145 
_refine_hist.number_atoms_total               899 
_refine_hist.d_res_high                       1.15 
_refine_hist.d_res_low                        15.92 
# 
loop_
_refine_ls_restr.type 
_refine_ls_restr.dev_ideal 
_refine_ls_restr.dev_ideal_target 
_refine_ls_restr.weight 
_refine_ls_restr.number 
_refine_ls_restr.pdbx_refine_id 
_refine_ls_restr.pdbx_restraint_function 
r_bond_refined_d             0.010  0.022  ? 776  'X-RAY DIFFRACTION' ? 
r_bond_other_d               ?      ?      ? ?    'X-RAY DIFFRACTION' ? 
r_angle_refined_deg          0.930  2.157  ? 1064 'X-RAY DIFFRACTION' ? 
r_angle_other_deg            ?      ?      ? ?    'X-RAY DIFFRACTION' ? 
r_dihedral_angle_1_deg       12.278 5.000  ? 100  'X-RAY DIFFRACTION' ? 
r_dihedral_angle_2_deg       29.677 27.778 ? 27   'X-RAY DIFFRACTION' ? 
r_dihedral_angle_3_deg       13.816 15.000 ? 143  'X-RAY DIFFRACTION' ? 
r_dihedral_angle_4_deg       ?      ?      ? ?    'X-RAY DIFFRACTION' ? 
r_chiral_restr               0.057  0.200  ? 109  'X-RAY DIFFRACTION' ? 
r_gen_planes_refined         0.023  0.020  ? 585  'X-RAY DIFFRACTION' ? 
r_gen_planes_other           ?      ?      ? ?    'X-RAY DIFFRACTION' ? 
r_nbd_refined                0.342  0.200  ? 444  'X-RAY DIFFRACTION' ? 
r_nbd_other                  ?      ?      ? ?    'X-RAY DIFFRACTION' ? 
r_nbtor_refined              0.317  0.200  ? 536  'X-RAY DIFFRACTION' ? 
r_nbtor_other                ?      ?      ? ?    'X-RAY DIFFRACTION' ? 
r_xyhbond_nbd_refined        0.212  0.200  ? 98   'X-RAY DIFFRACTION' ? 
r_xyhbond_nbd_other          ?      ?      ? ?    'X-RAY DIFFRACTION' ? 
r_metal_ion_refined          0.004  0.200  ? 1    'X-RAY DIFFRACTION' ? 
r_metal_ion_other            ?      ?      ? ?    'X-RAY DIFFRACTION' ? 
r_symmetry_vdw_refined       0.328  0.200  ? 51   'X-RAY DIFFRACTION' ? 
r_symmetry_vdw_other         ?      ?      ? ?    'X-RAY DIFFRACTION' ? 
r_symmetry_hbond_refined     0.260  0.200  ? 38   'X-RAY DIFFRACTION' ? 
r_symmetry_hbond_other       ?      ?      ? ?    'X-RAY DIFFRACTION' ? 
r_symmetry_metal_ion_refined ?      ?      ? ?    'X-RAY DIFFRACTION' ? 
r_symmetry_metal_ion_other   ?      ?      ? ?    'X-RAY DIFFRACTION' ? 
r_mcbond_it                  2.628  1.500  ? 477  'X-RAY DIFFRACTION' ? 
r_mcbond_other               ?      ?      ? ?    'X-RAY DIFFRACTION' ? 
r_mcangle_it                 3.579  2.000  ? 764  'X-RAY DIFFRACTION' ? 
r_scbond_it                  4.903  3.000  ? 299  'X-RAY DIFFRACTION' ? 
r_scangle_it                 6.241  4.500  ? 300  'X-RAY DIFFRACTION' ? 
r_rigid_bond_restr           3.165  3.000  ? 776  'X-RAY DIFFRACTION' ? 
r_sphericity_free            14.002 3.000  ? 145  'X-RAY DIFFRACTION' ? 
r_sphericity_bonded          6.455  3.000  ? 754  'X-RAY DIFFRACTION' ? 
# 
_refine_ls_shell.pdbx_refine_id                   'X-RAY DIFFRACTION' 
_refine_ls_shell.pdbx_total_number_of_bins_used   20 
_refine_ls_shell.d_res_high                       1.153 
_refine_ls_shell.d_res_low                        1.183 
_refine_ls_shell.number_reflns_R_work             1655 
_refine_ls_shell.R_factor_R_work                  0.113 
_refine_ls_shell.percent_reflns_obs               93.83 
_refine_ls_shell.R_factor_R_free                  0.131 
_refine_ls_shell.R_factor_R_free_error            ? 
_refine_ls_shell.percent_reflns_R_free            ? 
_refine_ls_shell.number_reflns_R_free             80 
_refine_ls_shell.number_reflns_all                ? 
_refine_ls_shell.R_factor_all                     ? 
_refine_ls_shell.redundancy_reflns_obs            ? 
_refine_ls_shell.number_reflns_obs                ? 
# 
_struct.entry_id                  2ZXY 
_struct.title                     'Crystal Structure of Cytochrome c555 from Aquifex aeolicus' 
_struct.pdbx_model_details        ? 
_struct.pdbx_CASP_flag            ? 
_struct.pdbx_model_type_details   ? 
# 
_struct_keywords.entry_id        2ZXY 
_struct_keywords.pdbx_keywords   'OXYGEN BINDING, TRANSPORT PROTEIN' 
_struct_keywords.text            'HEME PROTEIN, OXYGEN BINDING, TRANSPORT PROTEIN' 
# 
loop_
_struct_asym.id 
_struct_asym.pdbx_blank_PDB_chainid_flag 
_struct_asym.pdbx_modified 
_struct_asym.entity_id 
_struct_asym.details 
A N N 1 ? 
B N N 2 ? 
C N N 3 ? 
# 
_struct_ref.id                         1 
_struct_ref.db_name                    UNP 
_struct_ref.db_code                    O67504_AQUAE 
_struct_ref.pdbx_db_accession          O67504 
_struct_ref.entity_id                  1 
_struct_ref.pdbx_seq_one_letter_code   
;ADGKAIFQQKGCGSCHQANVDTVGPSLKKIAQAYAGKEDQLIKFLKGEAPAIVDPAKEAIMKPQLTMLKGLSDAELKALA
DFILSHK
;
_struct_ref.pdbx_align_begin           18 
_struct_ref.pdbx_db_isoform            ? 
# 
_struct_ref_seq.align_id                      1 
_struct_ref_seq.ref_id                        1 
_struct_ref_seq.pdbx_PDB_id_code              2ZXY 
_struct_ref_seq.pdbx_strand_id                A 
_struct_ref_seq.seq_align_beg                 1 
_struct_ref_seq.pdbx_seq_align_beg_ins_code   ? 
_struct_ref_seq.seq_align_end                 87 
_struct_ref_seq.pdbx_seq_align_end_ins_code   ? 
_struct_ref_seq.pdbx_db_accession             O67504 
_struct_ref_seq.db_align_beg                  18 
_struct_ref_seq.pdbx_db_align_beg_ins_code    ? 
_struct_ref_seq.db_align_end                  104 
_struct_ref_seq.pdbx_db_align_end_ins_code    ? 
_struct_ref_seq.pdbx_auth_seq_align_beg       1 
_struct_ref_seq.pdbx_auth_seq_align_end       87 
# 
_pdbx_struct_assembly.id                   1 
_pdbx_struct_assembly.details              software_defined_assembly 
_pdbx_struct_assembly.method_details       PISA 
_pdbx_struct_assembly.oligomeric_details   dimeric 
_pdbx_struct_assembly.oligomeric_count     2 
# 
loop_
_pdbx_struct_assembly_prop.biol_id 
_pdbx_struct_assembly_prop.type 
_pdbx_struct_assembly_prop.value 
_pdbx_struct_assembly_prop.details 
1 'ABSA (A^2)' 3220 ? 
1 MORE         -54  ? 
1 'SSA (A^2)'  8520 ? 
# 
_pdbx_struct_assembly_gen.assembly_id       1 
_pdbx_struct_assembly_gen.oper_expression   1,2 
_pdbx_struct_assembly_gen.asym_id_list      A,B,C 
# 
loop_
_pdbx_struct_oper_list.id 
_pdbx_struct_oper_list.type 
_pdbx_struct_oper_list.name 
_pdbx_struct_oper_list.symmetry_operation 
_pdbx_struct_oper_list.matrix[1][1] 
_pdbx_struct_oper_list.matrix[1][2] 
_pdbx_struct_oper_list.matrix[1][3] 
_pdbx_struct_oper_list.vector[1] 
_pdbx_struct_oper_list.matrix[2][1] 
_pdbx_struct_oper_list.matrix[2][2] 
_pdbx_struct_oper_list.matrix[2][3] 
_pdbx_struct_oper_list.vector[2] 
_pdbx_struct_oper_list.matrix[3][1] 
_pdbx_struct_oper_list.matrix[3][2] 
_pdbx_struct_oper_list.matrix[3][3] 
_pdbx_struct_oper_list.vector[3] 
1 'identity operation'         1_555 x,y,z     1.0000000000 0.0000000000 0.0000000000 0.0000000000 0.0000000000 1.0000000000  0.0000000000 0.0000000000  0.0000000000 0.0000000000 1.0000000000  0.0000000000   
2 'crystal symmetry operation' 2_655 -x+1,y,-z 0.7696624230 0.6141848619 0.1743465228 4.1210154660 0.6141848619 -0.7868389815 0.0605092777 -5.4661677523 0.1743465228 0.0605092777 -0.9828234416 -22.5732562132 
# 
_struct_biol.id        1 
_struct_biol.details   'AUTHOR STATES THAT THE BIOLOGICAL UNIT IS UNKNOWN' 
# 
loop_
_struct_conf.conf_type_id 
_struct_conf.id 
_struct_conf.pdbx_PDB_helix_id 
_struct_conf.beg_label_comp_id 
_struct_conf.beg_label_asym_id 
_struct_conf.beg_label_seq_id 
_struct_conf.pdbx_beg_PDB_ins_code 
_struct_conf.end_label_comp_id 
_struct_conf.end_label_asym_id 
_struct_conf.end_label_seq_id 
_struct_conf.pdbx_end_PDB_ins_code 
_struct_conf.beg_auth_comp_id 
_struct_conf.beg_auth_asym_id 
_struct_conf.beg_auth_seq_id 
_struct_conf.end_auth_comp_id 
_struct_conf.end_auth_asym_id 
_struct_conf.end_auth_seq_id 
_struct_conf.pdbx_PDB_helix_class 
_struct_conf.details 
_struct_conf.pdbx_PDB_helix_length 
HELX_P HELX_P1 1 ASP A 2  ? LYS A 10 ? ASP A 2  LYS A 10 1 ? 9  
HELX_P HELX_P2 2 GLY A 11 ? CYS A 15 ? GLY A 11 CYS A 15 5 ? 5  
HELX_P HELX_P3 3 SER A 26 ? TYR A 34 ? SER A 26 TYR A 34 1 ? 9  
HELX_P HELX_P4 4 LYS A 37 ? LYS A 46 ? LYS A 37 LYS A 46 1 ? 10 
HELX_P HELX_P5 5 ASP A 54 ? ALA A 56 ? ASP A 54 ALA A 56 5 ? 3  
HELX_P HELX_P6 6 LYS A 57 ? LYS A 62 ? LYS A 57 LYS A 62 1 ? 6  
HELX_P HELX_P7 7 PRO A 63 ? LEU A 71 ? PRO A 63 LEU A 71 5 ? 9  
HELX_P HELX_P8 8 SER A 72 ? SER A 85 ? SER A 72 SER A 85 1 ? 14 
# 
_struct_conf_type.id          HELX_P 
_struct_conf_type.criteria    ? 
_struct_conf_type.reference   ? 
# 
loop_
_struct_conn.id 
_struct_conn.conn_type_id 
_struct_conn.pdbx_leaving_atom_flag 
_struct_conn.pdbx_PDB_id 
_struct_conn.ptnr1_label_asym_id 
_struct_conn.ptnr1_label_comp_id 
_struct_conn.ptnr1_label_seq_id 
_struct_conn.ptnr1_label_atom_id 
_struct_conn.pdbx_ptnr1_label_alt_id 
_struct_conn.pdbx_ptnr1_PDB_ins_code 
_struct_conn.pdbx_ptnr1_standard_comp_id 
_struct_conn.ptnr1_symmetry 
_struct_conn.ptnr2_label_asym_id 
_struct_conn.ptnr2_label_comp_id 
_struct_conn.ptnr2_label_seq_id 
_struct_conn.ptnr2_label_atom_id 
_struct_conn.pdbx_ptnr2_label_alt_id 
_struct_conn.pdbx_ptnr2_PDB_ins_code 
_struct_conn.ptnr1_auth_asym_id 
_struct_conn.ptnr1_auth_comp_id 
_struct_conn.ptnr1_auth_seq_id 
_struct_conn.ptnr2_auth_asym_id 
_struct_conn.ptnr2_auth_comp_id 
_struct_conn.ptnr2_auth_seq_id 
_struct_conn.ptnr2_symmetry 
_struct_conn.pdbx_ptnr3_label_atom_id 
_struct_conn.pdbx_ptnr3_label_seq_id 
_struct_conn.pdbx_ptnr3_label_comp_id 
_struct_conn.pdbx_ptnr3_label_asym_id 
_struct_conn.pdbx_ptnr3_label_alt_id 
_struct_conn.pdbx_ptnr3_PDB_ins_code 
_struct_conn.details 
_struct_conn.pdbx_dist_value 
_struct_conn.pdbx_value_order 
_struct_conn.pdbx_role 
metalc1 metalc ? ? A HIS 16 NE2 ? ? ? 1_555 B HEC . FE ? ? A HIS 16 A HEC 200 1_555 ? ? ? ? ? ? ? 1.996 ? ? 
metalc2 metalc ? ? A MET 61 SD  ? ? ? 1_555 B HEC . FE ? ? A MET 61 A HEC 200 1_555 ? ? ? ? ? ? ? 2.305 ? ? 
# 
_struct_conn_type.id          metalc 
_struct_conn_type.criteria    ? 
_struct_conn_type.reference   ? 
# 
loop_
_pdbx_struct_conn_angle.id 
_pdbx_struct_conn_angle.ptnr1_label_atom_id 
_pdbx_struct_conn_angle.ptnr1_label_alt_id 
_pdbx_struct_conn_angle.ptnr1_label_asym_id 
_pdbx_struct_conn_angle.ptnr1_label_comp_id 
_pdbx_struct_conn_angle.ptnr1_label_seq_id 
_pdbx_struct_conn_angle.ptnr1_auth_atom_id 
_pdbx_struct_conn_angle.ptnr1_auth_asym_id 
_pdbx_struct_conn_angle.ptnr1_auth_comp_id 
_pdbx_struct_conn_angle.ptnr1_auth_seq_id 
_pdbx_struct_conn_angle.ptnr1_PDB_ins_code 
_pdbx_struct_conn_angle.ptnr1_symmetry 
_pdbx_struct_conn_angle.ptnr2_label_atom_id 
_pdbx_struct_conn_angle.ptnr2_label_alt_id 
_pdbx_struct_conn_angle.ptnr2_label_asym_id 
_pdbx_struct_conn_angle.ptnr2_label_comp_id 
_pdbx_struct_conn_angle.ptnr2_label_seq_id 
_pdbx_struct_conn_angle.ptnr2_auth_atom_id 
_pdbx_struct_conn_angle.ptnr2_auth_asym_id 
_pdbx_struct_conn_angle.ptnr2_auth_comp_id 
_pdbx_struct_conn_angle.ptnr2_auth_seq_id 
_pdbx_struct_conn_angle.ptnr2_PDB_ins_code 
_pdbx_struct_conn_angle.ptnr2_symmetry 
_pdbx_struct_conn_angle.ptnr3_label_atom_id 
_pdbx_struct_conn_angle.ptnr3_label_alt_id 
_pdbx_struct_conn_angle.ptnr3_label_asym_id 
_pdbx_struct_conn_angle.ptnr3_label_comp_id 
_pdbx_struct_conn_angle.ptnr3_label_seq_id 
_pdbx_struct_conn_angle.ptnr3_auth_atom_id 
_pdbx_struct_conn_angle.ptnr3_auth_asym_id 
_pdbx_struct_conn_angle.ptnr3_auth_comp_id 
_pdbx_struct_conn_angle.ptnr3_auth_seq_id 
_pdbx_struct_conn_angle.ptnr3_PDB_ins_code 
_pdbx_struct_conn_angle.ptnr3_symmetry 
_pdbx_struct_conn_angle.value 
_pdbx_struct_conn_angle.value_esd 
1  NE2 ? A HIS 16 ? A HIS 16  ? 1_555 FE ? B HEC . ? A HEC 200 ? 1_555 NA ? B HEC .  ? A HEC 200 ? 1_555 89.7  ? 
2  NE2 ? A HIS 16 ? A HIS 16  ? 1_555 FE ? B HEC . ? A HEC 200 ? 1_555 NB ? B HEC .  ? A HEC 200 ? 1_555 89.8  ? 
3  NA  ? B HEC .  ? A HEC 200 ? 1_555 FE ? B HEC . ? A HEC 200 ? 1_555 NB ? B HEC .  ? A HEC 200 ? 1_555 90.6  ? 
4  NE2 ? A HIS 16 ? A HIS 16  ? 1_555 FE ? B HEC . ? A HEC 200 ? 1_555 NC ? B HEC .  ? A HEC 200 ? 1_555 90.0  ? 
5  NA  ? B HEC .  ? A HEC 200 ? 1_555 FE ? B HEC . ? A HEC 200 ? 1_555 NC ? B HEC .  ? A HEC 200 ? 1_555 179.6 ? 
6  NB  ? B HEC .  ? A HEC 200 ? 1_555 FE ? B HEC . ? A HEC 200 ? 1_555 NC ? B HEC .  ? A HEC 200 ? 1_555 89.6  ? 
7  NE2 ? A HIS 16 ? A HIS 16  ? 1_555 FE ? B HEC . ? A HEC 200 ? 1_555 ND ? B HEC .  ? A HEC 200 ? 1_555 90.8  ? 
8  NA  ? B HEC .  ? A HEC 200 ? 1_555 FE ? B HEC . ? A HEC 200 ? 1_555 ND ? B HEC .  ? A HEC 200 ? 1_555 89.1  ? 
9  NB  ? B HEC .  ? A HEC 200 ? 1_555 FE ? B HEC . ? A HEC 200 ? 1_555 ND ? B HEC .  ? A HEC 200 ? 1_555 179.3 ? 
10 NC  ? B HEC .  ? A HEC 200 ? 1_555 FE ? B HEC . ? A HEC 200 ? 1_555 ND ? B HEC .  ? A HEC 200 ? 1_555 90.7  ? 
11 NE2 ? A HIS 16 ? A HIS 16  ? 1_555 FE ? B HEC . ? A HEC 200 ? 1_555 SD ? A MET 61 ? A MET 61  ? 1_555 175.7 ? 
12 NA  ? B HEC .  ? A HEC 200 ? 1_555 FE ? B HEC . ? A HEC 200 ? 1_555 SD ? A MET 61 ? A MET 61  ? 1_555 94.5  ? 
13 NB  ? B HEC .  ? A HEC 200 ? 1_555 FE ? B HEC . ? A HEC 200 ? 1_555 SD ? A MET 61 ? A MET 61  ? 1_555 89.6  ? 
14 NC  ? B HEC .  ? A HEC 200 ? 1_555 FE ? B HEC . ? A HEC 200 ? 1_555 SD ? A MET 61 ? A MET 61  ? 1_555 85.8  ? 
15 ND  ? B HEC .  ? A HEC 200 ? 1_555 FE ? B HEC . ? A HEC 200 ? 1_555 SD ? A MET 61 ? A MET 61  ? 1_555 89.8  ? 
# 
_struct_site.id                   AC1 
_struct_site.pdbx_evidence_code   Software 
_struct_site.pdbx_auth_asym_id    A 
_struct_site.pdbx_auth_comp_id    HEC 
_struct_site.pdbx_auth_seq_id     200 
_struct_site.pdbx_auth_ins_code   ? 
_struct_site.pdbx_num_residues    18 
_struct_site.details              'BINDING SITE FOR RESIDUE HEC A 200' 
# 
loop_
_struct_site_gen.id 
_struct_site_gen.site_id 
_struct_site_gen.pdbx_num_res 
_struct_site_gen.label_comp_id 
_struct_site_gen.label_asym_id 
_struct_site_gen.label_seq_id 
_struct_site_gen.pdbx_auth_ins_code 
_struct_site_gen.auth_comp_id 
_struct_site_gen.auth_asym_id 
_struct_site_gen.auth_seq_id 
_struct_site_gen.label_atom_id 
_struct_site_gen.label_alt_id 
_struct_site_gen.symmetry 
_struct_site_gen.details 
1  AC1 18 CYS A 12 ? CYS A 12  . ? 1_555 ? 
2  AC1 18 SER A 14 ? SER A 14  . ? 1_555 ? 
3  AC1 18 SER A 14 ? SER A 14  . ? 2_655 ? 
4  AC1 18 CYS A 15 ? CYS A 15  . ? 1_555 ? 
5  AC1 18 HIS A 16 ? HIS A 16  . ? 1_555 ? 
6  AC1 18 VAL A 23 ? VAL A 23  . ? 1_555 ? 
7  AC1 18 PRO A 25 ? PRO A 25  . ? 1_555 ? 
8  AC1 18 TYR A 34 ? TYR A 34  . ? 1_555 ? 
9  AC1 18 LEU A 41 ? LEU A 41  . ? 1_555 ? 
10 AC1 18 PHE A 44 ? PHE A 44  . ? 1_555 ? 
11 AC1 18 ALA A 51 ? ALA A 51  . ? 1_555 ? 
12 AC1 18 ILE A 52 ? ILE A 52  . ? 1_555 ? 
13 AC1 18 VAL A 53 ? VAL A 53  . ? 1_555 ? 
14 AC1 18 ASP A 54 ? ASP A 54  . ? 1_555 ? 
15 AC1 18 LYS A 57 ? LYS A 57  . ? 1_555 ? 
16 AC1 18 MET A 61 ? MET A 61  . ? 1_555 ? 
17 AC1 18 GLN A 64 ? GLN A 64  . ? 1_555 ? 
18 AC1 18 HOH C .  ? HOH A 113 . ? 1_555 ? 
# 
loop_
_pdbx_validate_close_contact.id 
_pdbx_validate_close_contact.PDB_model_num 
_pdbx_validate_close_contact.auth_atom_id_1 
_pdbx_validate_close_contact.auth_asym_id_1 
_pdbx_validate_close_contact.auth_comp_id_1 
_pdbx_validate_close_contact.auth_seq_id_1 
_pdbx_validate_close_contact.PDB_ins_code_1 
_pdbx_validate_close_contact.label_alt_id_1 
_pdbx_validate_close_contact.auth_atom_id_2 
_pdbx_validate_close_contact.auth_asym_id_2 
_pdbx_validate_close_contact.auth_comp_id_2 
_pdbx_validate_close_contact.auth_seq_id_2 
_pdbx_validate_close_contact.PDB_ins_code_2 
_pdbx_validate_close_contact.label_alt_id_2 
_pdbx_validate_close_contact.dist 
1 1 OE2 A GLU 38  ? ? OD2 A ASP 81  ? A 1.71 
2 1 O   A HOH 124 ? ? O   A HOH 137 ? ? 1.72 
3 1 SG  A CYS 12  ? ? CAB A HEC 200 ? ? 1.77 
4 1 SG  A CYS 15  ? ? CAC A HEC 200 ? ? 1.80 
5 1 NZ  A LYS 57  ? A O   A HOH 102 ? ? 1.87 
6 1 NE2 A GLN 9   ? B O   A HOH 133 ? ? 1.98 
7 1 CB  A ALA 1   ? B O   A HOH 122 ? ? 2.10 
# 
loop_
_pdbx_validate_symm_contact.id 
_pdbx_validate_symm_contact.PDB_model_num 
_pdbx_validate_symm_contact.auth_atom_id_1 
_pdbx_validate_symm_contact.auth_asym_id_1 
_pdbx_validate_symm_contact.auth_comp_id_1 
_pdbx_validate_symm_contact.auth_seq_id_1 
_pdbx_validate_symm_contact.PDB_ins_code_1 
_pdbx_validate_symm_contact.label_alt_id_1 
_pdbx_validate_symm_contact.site_symmetry_1 
_pdbx_validate_symm_contact.auth_atom_id_2 
_pdbx_validate_symm_contact.auth_asym_id_2 
_pdbx_validate_symm_contact.auth_comp_id_2 
_pdbx_validate_symm_contact.auth_seq_id_2 
_pdbx_validate_symm_contact.PDB_ins_code_2 
_pdbx_validate_symm_contact.label_alt_id_2 
_pdbx_validate_symm_contact.site_symmetry_2 
_pdbx_validate_symm_contact.dist 
1 1 CE  A LYS 69 ? B 1_555 O A HOH 191 ? ? 4_545 2.04 
2 1 OD1 A ASP 81 ? B 1_555 O A HOH 112 ? ? 2_656 2.13 
3 1 NZ  A LYS 37 ? ? 1_555 O A HOH 155 ? ? 2_656 2.15 
# 
_pdbx_validate_rmsd_bond.id                        1 
_pdbx_validate_rmsd_bond.PDB_model_num             1 
_pdbx_validate_rmsd_bond.auth_atom_id_1            CA 
_pdbx_validate_rmsd_bond.auth_asym_id_1            A 
_pdbx_validate_rmsd_bond.auth_comp_id_1            ALA 
_pdbx_validate_rmsd_bond.auth_seq_id_1             1 
_pdbx_validate_rmsd_bond.PDB_ins_code_1            ? 
_pdbx_validate_rmsd_bond.label_alt_id_1            B 
_pdbx_validate_rmsd_bond.auth_atom_id_2            CB 
_pdbx_validate_rmsd_bond.auth_asym_id_2            A 
_pdbx_validate_rmsd_bond.auth_comp_id_2            ALA 
_pdbx_validate_rmsd_bond.auth_seq_id_2             1 
_pdbx_validate_rmsd_bond.PDB_ins_code_2            ? 
_pdbx_validate_rmsd_bond.label_alt_id_2            B 
_pdbx_validate_rmsd_bond.bond_value                1.302 
_pdbx_validate_rmsd_bond.bond_target_value         1.520 
_pdbx_validate_rmsd_bond.bond_deviation            -0.218 
_pdbx_validate_rmsd_bond.bond_standard_deviation   0.021 
_pdbx_validate_rmsd_bond.linker_flag               N 
# 
loop_
_pdbx_validate_torsion.id 
_pdbx_validate_torsion.PDB_model_num 
_pdbx_validate_torsion.auth_comp_id 
_pdbx_validate_torsion.auth_asym_id 
_pdbx_validate_torsion.auth_seq_id 
_pdbx_validate_torsion.PDB_ins_code 
_pdbx_validate_torsion.label_alt_id 
_pdbx_validate_torsion.phi 
_pdbx_validate_torsion.psi 
1 1 ASP A 2  ? ? 61.38   92.03   
2 1 THR A 22 ? ? -130.39 -119.09 
# 
_pdbx_validate_peptide_omega.id               1 
_pdbx_validate_peptide_omega.PDB_model_num    1 
_pdbx_validate_peptide_omega.auth_comp_id_1   ALA 
_pdbx_validate_peptide_omega.auth_asym_id_1   A 
_pdbx_validate_peptide_omega.auth_seq_id_1    1 
_pdbx_validate_peptide_omega.PDB_ins_code_1   ? 
_pdbx_validate_peptide_omega.label_alt_id_1   B 
_pdbx_validate_peptide_omega.auth_comp_id_2   ASP 
_pdbx_validate_peptide_omega.auth_asym_id_2   A 
_pdbx_validate_peptide_omega.auth_seq_id_2    2 
_pdbx_validate_peptide_omega.PDB_ins_code_2   ? 
_pdbx_validate_peptide_omega.label_alt_id_2   ? 
_pdbx_validate_peptide_omega.omega            76.20 
# 
_pdbx_struct_special_symmetry.id              1 
_pdbx_struct_special_symmetry.PDB_model_num   1 
_pdbx_struct_special_symmetry.auth_asym_id    A 
_pdbx_struct_special_symmetry.auth_comp_id    HOH 
_pdbx_struct_special_symmetry.auth_seq_id     131 
_pdbx_struct_special_symmetry.PDB_ins_code    ? 
_pdbx_struct_special_symmetry.label_asym_id   C 
_pdbx_struct_special_symmetry.label_comp_id   HOH 
_pdbx_struct_special_symmetry.label_seq_id    . 
# 
_pdbx_unobs_or_zero_occ_residues.id               1 
_pdbx_unobs_or_zero_occ_residues.PDB_model_num    1 
_pdbx_unobs_or_zero_occ_residues.polymer_flag     Y 
_pdbx_unobs_or_zero_occ_residues.occupancy_flag   1 
_pdbx_unobs_or_zero_occ_residues.auth_asym_id     A 
_pdbx_unobs_or_zero_occ_residues.auth_comp_id     LYS 
_pdbx_unobs_or_zero_occ_residues.auth_seq_id      87 
_pdbx_unobs_or_zero_occ_residues.PDB_ins_code     ? 
_pdbx_unobs_or_zero_occ_residues.label_asym_id    A 
_pdbx_unobs_or_zero_occ_residues.label_comp_id    LYS 
_pdbx_unobs_or_zero_occ_residues.label_seq_id     87 
# 
loop_
_chem_comp_atom.comp_id 
_chem_comp_atom.atom_id 
_chem_comp_atom.type_symbol 
_chem_comp_atom.pdbx_aromatic_flag 
_chem_comp_atom.pdbx_stereo_config 
_chem_comp_atom.pdbx_ordinal 
ALA N    N  N N 1   
ALA CA   C  N S 2   
ALA C    C  N N 3   
ALA O    O  N N 4   
ALA CB   C  N N 5   
ALA OXT  O  N N 6   
ALA H    H  N N 7   
ALA H2   H  N N 8   
ALA HA   H  N N 9   
ALA HB1  H  N N 10  
ALA HB2  H  N N 11  
ALA HB3  H  N N 12  
ALA HXT  H  N N 13  
ASN N    N  N N 14  
ASN CA   C  N S 15  
ASN C    C  N N 16  
ASN O    O  N N 17  
ASN CB   C  N N 18  
ASN CG   C  N N 19  
ASN OD1  O  N N 20  
ASN ND2  N  N N 21  
ASN OXT  O  N N 22  
ASN H    H  N N 23  
ASN H2   H  N N 24  
ASN HA   H  N N 25  
ASN HB2  H  N N 26  
ASN HB3  H  N N 27  
ASN HD21 H  N N 28  
ASN HD22 H  N N 29  
ASN HXT  H  N N 30  
ASP N    N  N N 31  
ASP CA   C  N S 32  
ASP C    C  N N 33  
ASP O    O  N N 34  
ASP CB   C  N N 35  
ASP CG   C  N N 36  
ASP OD1  O  N N 37  
ASP OD2  O  N N 38  
ASP OXT  O  N N 39  
ASP H    H  N N 40  
ASP H2   H  N N 41  
ASP HA   H  N N 42  
ASP HB2  H  N N 43  
ASP HB3  H  N N 44  
ASP HD2  H  N N 45  
ASP HXT  H  N N 46  
CYS N    N  N N 47  
CYS CA   C  N R 48  
CYS C    C  N N 49  
CYS O    O  N N 50  
CYS CB   C  N N 51  
CYS SG   S  N N 52  
CYS OXT  O  N N 53  
CYS H    H  N N 54  
CYS H2   H  N N 55  
CYS HA   H  N N 56  
CYS HB2  H  N N 57  
CYS HB3  H  N N 58  
CYS HG   H  N N 59  
CYS HXT  H  N N 60  
GLN N    N  N N 61  
GLN CA   C  N S 62  
GLN C    C  N N 63  
GLN O    O  N N 64  
GLN CB   C  N N 65  
GLN CG   C  N N 66  
GLN CD   C  N N 67  
GLN OE1  O  N N 68  
GLN NE2  N  N N 69  
GLN OXT  O  N N 70  
GLN H    H  N N 71  
GLN H2   H  N N 72  
GLN HA   H  N N 73  
GLN HB2  H  N N 74  
GLN HB3  H  N N 75  
GLN HG2  H  N N 76  
GLN HG3  H  N N 77  
GLN HE21 H  N N 78  
GLN HE22 H  N N 79  
GLN HXT  H  N N 80  
GLU N    N  N N 81  
GLU CA   C  N S 82  
GLU C    C  N N 83  
GLU O    O  N N 84  
GLU CB   C  N N 85  
GLU CG   C  N N 86  
GLU CD   C  N N 87  
GLU OE1  O  N N 88  
GLU OE2  O  N N 89  
GLU OXT  O  N N 90  
GLU H    H  N N 91  
GLU H2   H  N N 92  
GLU HA   H  N N 93  
GLU HB2  H  N N 94  
GLU HB3  H  N N 95  
GLU HG2  H  N N 96  
GLU HG3  H  N N 97  
GLU HE2  H  N N 98  
GLU HXT  H  N N 99  
GLY N    N  N N 100 
GLY CA   C  N N 101 
GLY C    C  N N 102 
GLY O    O  N N 103 
GLY OXT  O  N N 104 
GLY H    H  N N 105 
GLY H2   H  N N 106 
GLY HA2  H  N N 107 
GLY HA3  H  N N 108 
GLY HXT  H  N N 109 
HEC FE   FE N N 110 
HEC CHA  C  N N 111 
HEC CHB  C  N N 112 
HEC CHC  C  N N 113 
HEC CHD  C  N N 114 
HEC NA   N  Y N 115 
HEC C1A  C  Y N 116 
HEC C2A  C  Y N 117 
HEC C3A  C  Y N 118 
HEC C4A  C  Y N 119 
HEC CMA  C  N N 120 
HEC CAA  C  N N 121 
HEC CBA  C  N N 122 
HEC CGA  C  N N 123 
HEC O1A  O  N N 124 
HEC O2A  O  N N 125 
HEC NB   N  Y N 126 
HEC C1B  C  Y N 127 
HEC C2B  C  Y N 128 
HEC C3B  C  Y N 129 
HEC C4B  C  Y N 130 
HEC CMB  C  N N 131 
HEC CAB  C  N N 132 
HEC CBB  C  N N 133 
HEC NC   N  Y N 134 
HEC C1C  C  Y N 135 
HEC C2C  C  Y N 136 
HEC C3C  C  Y N 137 
HEC C4C  C  Y N 138 
HEC CMC  C  N N 139 
HEC CAC  C  N N 140 
HEC CBC  C  N N 141 
HEC ND   N  Y N 142 
HEC C1D  C  Y N 143 
HEC C2D  C  Y N 144 
HEC C3D  C  Y N 145 
HEC C4D  C  Y N 146 
HEC CMD  C  N N 147 
HEC CAD  C  N N 148 
HEC CBD  C  N N 149 
HEC CGD  C  N N 150 
HEC O1D  O  N N 151 
HEC O2D  O  N N 152 
HEC HHA  H  N N 153 
HEC HHB  H  N N 154 
HEC HHC  H  N N 155 
HEC HHD  H  N N 156 
HEC HMA1 H  N N 157 
HEC HMA2 H  N N 158 
HEC HMA3 H  N N 159 
HEC HAA1 H  N N 160 
HEC HAA2 H  N N 161 
HEC HBA1 H  N N 162 
HEC HBA2 H  N N 163 
HEC H2A  H  N N 164 
HEC HMB1 H  N N 165 
HEC HMB2 H  N N 166 
HEC HMB3 H  N N 167 
HEC HAB  H  N N 168 
HEC HBB1 H  N N 169 
HEC HBB2 H  N N 170 
HEC HBB3 H  N N 171 
HEC HMC1 H  N N 172 
HEC HMC2 H  N N 173 
HEC HMC3 H  N N 174 
HEC HAC  H  N N 175 
HEC HBC1 H  N N 176 
HEC HBC2 H  N N 177 
HEC HBC3 H  N N 178 
HEC HMD1 H  N N 179 
HEC HMD2 H  N N 180 
HEC HMD3 H  N N 181 
HEC HAD1 H  N N 182 
HEC HAD2 H  N N 183 
HEC HBD1 H  N N 184 
HEC HBD2 H  N N 185 
HEC H2D  H  N N 186 
HIS N    N  N N 187 
HIS CA   C  N S 188 
HIS C    C  N N 189 
HIS O    O  N N 190 
HIS CB   C  N N 191 
HIS CG   C  Y N 192 
HIS ND1  N  Y N 193 
HIS CD2  C  Y N 194 
HIS CE1  C  Y N 195 
HIS NE2  N  Y N 196 
HIS OXT  O  N N 197 
HIS H    H  N N 198 
HIS H2   H  N N 199 
HIS HA   H  N N 200 
HIS HB2  H  N N 201 
HIS HB3  H  N N 202 
HIS HD1  H  N N 203 
HIS HD2  H  N N 204 
HIS HE1  H  N N 205 
HIS HE2  H  N N 206 
HIS HXT  H  N N 207 
HOH O    O  N N 208 
HOH H1   H  N N 209 
HOH H2   H  N N 210 
ILE N    N  N N 211 
ILE CA   C  N S 212 
ILE C    C  N N 213 
ILE O    O  N N 214 
ILE CB   C  N S 215 
ILE CG1  C  N N 216 
ILE CG2  C  N N 217 
ILE CD1  C  N N 218 
ILE OXT  O  N N 219 
ILE H    H  N N 220 
ILE H2   H  N N 221 
ILE HA   H  N N 222 
ILE HB   H  N N 223 
ILE HG12 H  N N 224 
ILE HG13 H  N N 225 
ILE HG21 H  N N 226 
ILE HG22 H  N N 227 
ILE HG23 H  N N 228 
ILE HD11 H  N N 229 
ILE HD12 H  N N 230 
ILE HD13 H  N N 231 
ILE HXT  H  N N 232 
LEU N    N  N N 233 
LEU CA   C  N S 234 
LEU C    C  N N 235 
LEU O    O  N N 236 
LEU CB   C  N N 237 
LEU CG   C  N N 238 
LEU CD1  C  N N 239 
LEU CD2  C  N N 240 
LEU OXT  O  N N 241 
LEU H    H  N N 242 
LEU H2   H  N N 243 
LEU HA   H  N N 244 
LEU HB2  H  N N 245 
LEU HB3  H  N N 246 
LEU HG   H  N N 247 
LEU HD11 H  N N 248 
LEU HD12 H  N N 249 
LEU HD13 H  N N 250 
LEU HD21 H  N N 251 
LEU HD22 H  N N 252 
LEU HD23 H  N N 253 
LEU HXT  H  N N 254 
LYS N    N  N N 255 
LYS CA   C  N S 256 
LYS C    C  N N 257 
LYS O    O  N N 258 
LYS CB   C  N N 259 
LYS CG   C  N N 260 
LYS CD   C  N N 261 
LYS CE   C  N N 262 
LYS NZ   N  N N 263 
LYS OXT  O  N N 264 
LYS H    H  N N 265 
LYS H2   H  N N 266 
LYS HA   H  N N 267 
LYS HB2  H  N N 268 
LYS HB3  H  N N 269 
LYS HG2  H  N N 270 
LYS HG3  H  N N 271 
LYS HD2  H  N N 272 
LYS HD3  H  N N 273 
LYS HE2  H  N N 274 
LYS HE3  H  N N 275 
LYS HZ1  H  N N 276 
LYS HZ2  H  N N 277 
LYS HZ3  H  N N 278 
LYS HXT  H  N N 279 
MET N    N  N N 280 
MET CA   C  N S 281 
MET C    C  N N 282 
MET O    O  N N 283 
MET CB   C  N N 284 
MET CG   C  N N 285 
MET SD   S  N N 286 
MET CE   C  N N 287 
MET OXT  O  N N 288 
MET H    H  N N 289 
MET H2   H  N N 290 
MET HA   H  N N 291 
MET HB2  H  N N 292 
MET HB3  H  N N 293 
MET HG2  H  N N 294 
MET HG3  H  N N 295 
MET HE1  H  N N 296 
MET HE2  H  N N 297 
MET HE3  H  N N 298 
MET HXT  H  N N 299 
PHE N    N  N N 300 
PHE CA   C  N S 301 
PHE C    C  N N 302 
PHE O    O  N N 303 
PHE CB   C  N N 304 
PHE CG   C  Y N 305 
PHE CD1  C  Y N 306 
PHE CD2  C  Y N 307 
PHE CE1  C  Y N 308 
PHE CE2  C  Y N 309 
PHE CZ   C  Y N 310 
PHE OXT  O  N N 311 
PHE H    H  N N 312 
PHE H2   H  N N 313 
PHE HA   H  N N 314 
PHE HB2  H  N N 315 
PHE HB3  H  N N 316 
PHE HD1  H  N N 317 
PHE HD2  H  N N 318 
PHE HE1  H  N N 319 
PHE HE2  H  N N 320 
PHE HZ   H  N N 321 
PHE HXT  H  N N 322 
PRO N    N  N N 323 
PRO CA   C  N S 324 
PRO C    C  N N 325 
PRO O    O  N N 326 
PRO CB   C  N N 327 
PRO CG   C  N N 328 
PRO CD   C  N N 329 
PRO OXT  O  N N 330 
PRO H    H  N N 331 
PRO HA   H  N N 332 
PRO HB2  H  N N 333 
PRO HB3  H  N N 334 
PRO HG2  H  N N 335 
PRO HG3  H  N N 336 
PRO HD2  H  N N 337 
PRO HD3  H  N N 338 
PRO HXT  H  N N 339 
SER N    N  N N 340 
SER CA   C  N S 341 
SER C    C  N N 342 
SER O    O  N N 343 
SER CB   C  N N 344 
SER OG   O  N N 345 
SER OXT  O  N N 346 
SER H    H  N N 347 
SER H2   H  N N 348 
SER HA   H  N N 349 
SER HB2  H  N N 350 
SER HB3  H  N N 351 
SER HG   H  N N 352 
SER HXT  H  N N 353 
THR N    N  N N 354 
THR CA   C  N S 355 
THR C    C  N N 356 
THR O    O  N N 357 
THR CB   C  N R 358 
THR OG1  O  N N 359 
THR CG2  C  N N 360 
THR OXT  O  N N 361 
THR H    H  N N 362 
THR H2   H  N N 363 
THR HA   H  N N 364 
THR HB   H  N N 365 
THR HG1  H  N N 366 
THR HG21 H  N N 367 
THR HG22 H  N N 368 
THR HG23 H  N N 369 
THR HXT  H  N N 370 
TYR N    N  N N 371 
TYR CA   C  N S 372 
TYR C    C  N N 373 
TYR O    O  N N 374 
TYR CB   C  N N 375 
TYR CG   C  Y N 376 
TYR CD1  C  Y N 377 
TYR CD2  C  Y N 378 
TYR CE1  C  Y N 379 
TYR CE2  C  Y N 380 
TYR CZ   C  Y N 381 
TYR OH   O  N N 382 
TYR OXT  O  N N 383 
TYR H    H  N N 384 
TYR H2   H  N N 385 
TYR HA   H  N N 386 
TYR HB2  H  N N 387 
TYR HB3  H  N N 388 
TYR HD1  H  N N 389 
TYR HD2  H  N N 390 
TYR HE1  H  N N 391 
TYR HE2  H  N N 392 
TYR HH   H  N N 393 
TYR HXT  H  N N 394 
VAL N    N  N N 395 
VAL CA   C  N S 396 
VAL C    C  N N 397 
VAL O    O  N N 398 
VAL CB   C  N N 399 
VAL CG1  C  N N 400 
VAL CG2  C  N N 401 
VAL OXT  O  N N 402 
VAL H    H  N N 403 
VAL H2   H  N N 404 
VAL HA   H  N N 405 
VAL HB   H  N N 406 
VAL HG11 H  N N 407 
VAL HG12 H  N N 408 
VAL HG13 H  N N 409 
VAL HG21 H  N N 410 
VAL HG22 H  N N 411 
VAL HG23 H  N N 412 
VAL HXT  H  N N 413 
# 
loop_
_chem_comp_bond.comp_id 
_chem_comp_bond.atom_id_1 
_chem_comp_bond.atom_id_2 
_chem_comp_bond.value_order 
_chem_comp_bond.pdbx_aromatic_flag 
_chem_comp_bond.pdbx_stereo_config 
_chem_comp_bond.pdbx_ordinal 
ALA N   CA   sing N N 1   
ALA N   H    sing N N 2   
ALA N   H2   sing N N 3   
ALA CA  C    sing N N 4   
ALA CA  CB   sing N N 5   
ALA CA  HA   sing N N 6   
ALA C   O    doub N N 7   
ALA C   OXT  sing N N 8   
ALA CB  HB1  sing N N 9   
ALA CB  HB2  sing N N 10  
ALA CB  HB3  sing N N 11  
ALA OXT HXT  sing N N 12  
ASN N   CA   sing N N 13  
ASN N   H    sing N N 14  
ASN N   H2   sing N N 15  
ASN CA  C    sing N N 16  
ASN CA  CB   sing N N 17  
ASN CA  HA   sing N N 18  
ASN C   O    doub N N 19  
ASN C   OXT  sing N N 20  
ASN CB  CG   sing N N 21  
ASN CB  HB2  sing N N 22  
ASN CB  HB3  sing N N 23  
ASN CG  OD1  doub N N 24  
ASN CG  ND2  sing N N 25  
ASN ND2 HD21 sing N N 26  
ASN ND2 HD22 sing N N 27  
ASN OXT HXT  sing N N 28  
ASP N   CA   sing N N 29  
ASP N   H    sing N N 30  
ASP N   H2   sing N N 31  
ASP CA  C    sing N N 32  
ASP CA  CB   sing N N 33  
ASP CA  HA   sing N N 34  
ASP C   O    doub N N 35  
ASP C   OXT  sing N N 36  
ASP CB  CG   sing N N 37  
ASP CB  HB2  sing N N 38  
ASP CB  HB3  sing N N 39  
ASP CG  OD1  doub N N 40  
ASP CG  OD2  sing N N 41  
ASP OD2 HD2  sing N N 42  
ASP OXT HXT  sing N N 43  
CYS N   CA   sing N N 44  
CYS N   H    sing N N 45  
CYS N   H2   sing N N 46  
CYS CA  C    sing N N 47  
CYS CA  CB   sing N N 48  
CYS CA  HA   sing N N 49  
CYS C   O    doub N N 50  
CYS C   OXT  sing N N 51  
CYS CB  SG   sing N N 52  
CYS CB  HB2  sing N N 53  
CYS CB  HB3  sing N N 54  
CYS SG  HG   sing N N 55  
CYS OXT HXT  sing N N 56  
GLN N   CA   sing N N 57  
GLN N   H    sing N N 58  
GLN N   H2   sing N N 59  
GLN CA  C    sing N N 60  
GLN CA  CB   sing N N 61  
GLN CA  HA   sing N N 62  
GLN C   O    doub N N 63  
GLN C   OXT  sing N N 64  
GLN CB  CG   sing N N 65  
GLN CB  HB2  sing N N 66  
GLN CB  HB3  sing N N 67  
GLN CG  CD   sing N N 68  
GLN CG  HG2  sing N N 69  
GLN CG  HG3  sing N N 70  
GLN CD  OE1  doub N N 71  
GLN CD  NE2  sing N N 72  
GLN NE2 HE21 sing N N 73  
GLN NE2 HE22 sing N N 74  
GLN OXT HXT  sing N N 75  
GLU N   CA   sing N N 76  
GLU N   H    sing N N 77  
GLU N   H2   sing N N 78  
GLU CA  C    sing N N 79  
GLU CA  CB   sing N N 80  
GLU CA  HA   sing N N 81  
GLU C   O    doub N N 82  
GLU C   OXT  sing N N 83  
GLU CB  CG   sing N N 84  
GLU CB  HB2  sing N N 85  
GLU CB  HB3  sing N N 86  
GLU CG  CD   sing N N 87  
GLU CG  HG2  sing N N 88  
GLU CG  HG3  sing N N 89  
GLU CD  OE1  doub N N 90  
GLU CD  OE2  sing N N 91  
GLU OE2 HE2  sing N N 92  
GLU OXT HXT  sing N N 93  
GLY N   CA   sing N N 94  
GLY N   H    sing N N 95  
GLY N   H2   sing N N 96  
GLY CA  C    sing N N 97  
GLY CA  HA2  sing N N 98  
GLY CA  HA3  sing N N 99  
GLY C   O    doub N N 100 
GLY C   OXT  sing N N 101 
GLY OXT HXT  sing N N 102 
HEC FE  NA   sing N N 103 
HEC FE  NB   sing N N 104 
HEC FE  NC   sing N N 105 
HEC FE  ND   sing N N 106 
HEC CHA C1A  doub N N 107 
HEC CHA C4D  sing N N 108 
HEC CHA HHA  sing N N 109 
HEC CHB C4A  doub N N 110 
HEC CHB C1B  sing N N 111 
HEC CHB HHB  sing N N 112 
HEC CHC C4B  doub N N 113 
HEC CHC C1C  sing N N 114 
HEC CHC HHC  sing N N 115 
HEC CHD C4C  doub N N 116 
HEC CHD C1D  sing N N 117 
HEC CHD HHD  sing N N 118 
HEC NA  C1A  sing Y N 119 
HEC NA  C4A  sing Y N 120 
HEC C1A C2A  sing Y N 121 
HEC C2A C3A  doub Y N 122 
HEC C2A CAA  sing N N 123 
HEC C3A C4A  sing Y N 124 
HEC C3A CMA  sing N N 125 
HEC CMA HMA1 sing N N 126 
HEC CMA HMA2 sing N N 127 
HEC CMA HMA3 sing N N 128 
HEC CAA CBA  sing N N 129 
HEC CAA HAA1 sing N N 130 
HEC CAA HAA2 sing N N 131 
HEC CBA CGA  sing N N 132 
HEC CBA HBA1 sing N N 133 
HEC CBA HBA2 sing N N 134 
HEC CGA O1A  doub N N 135 
HEC CGA O2A  sing N N 136 
HEC O2A H2A  sing N N 137 
HEC NB  C1B  sing Y N 138 
HEC NB  C4B  sing Y N 139 
HEC C1B C2B  doub Y N 140 
HEC C2B C3B  sing Y N 141 
HEC C2B CMB  sing N N 142 
HEC C3B C4B  sing Y N 143 
HEC C3B CAB  doub N E 144 
HEC CMB HMB1 sing N N 145 
HEC CMB HMB2 sing N N 146 
HEC CMB HMB3 sing N N 147 
HEC CAB CBB  sing N N 148 
HEC CAB HAB  sing N N 149 
HEC CBB HBB1 sing N N 150 
HEC CBB HBB2 sing N N 151 
HEC CBB HBB3 sing N N 152 
HEC NC  C1C  sing Y N 153 
HEC NC  C4C  sing Y N 154 
HEC C1C C2C  doub Y N 155 
HEC C2C C3C  sing Y N 156 
HEC C2C CMC  sing N N 157 
HEC C3C C4C  sing Y N 158 
HEC C3C CAC  doub N E 159 
HEC CMC HMC1 sing N N 160 
HEC CMC HMC2 sing N N 161 
HEC CMC HMC3 sing N N 162 
HEC CAC CBC  sing N N 163 
HEC CAC HAC  sing N N 164 
HEC CBC HBC1 sing N N 165 
HEC CBC HBC2 sing N N 166 
HEC CBC HBC3 sing N N 167 
HEC ND  C1D  sing Y N 168 
HEC ND  C4D  sing Y N 169 
HEC C1D C2D  doub Y N 170 
HEC C2D C3D  sing Y N 171 
HEC C2D CMD  sing N N 172 
HEC C3D C4D  doub Y N 173 
HEC C3D CAD  sing N N 174 
HEC CMD HMD1 sing N N 175 
HEC CMD HMD2 sing N N 176 
HEC CMD HMD3 sing N N 177 
HEC CAD CBD  sing N N 178 
HEC CAD HAD1 sing N N 179 
HEC CAD HAD2 sing N N 180 
HEC CBD CGD  sing N N 181 
HEC CBD HBD1 sing N N 182 
HEC CBD HBD2 sing N N 183 
HEC CGD O1D  doub N N 184 
HEC CGD O2D  sing N N 185 
HEC O2D H2D  sing N N 186 
HIS N   CA   sing N N 187 
HIS N   H    sing N N 188 
HIS N   H2   sing N N 189 
HIS CA  C    sing N N 190 
HIS CA  CB   sing N N 191 
HIS CA  HA   sing N N 192 
HIS C   O    doub N N 193 
HIS C   OXT  sing N N 194 
HIS CB  CG   sing N N 195 
HIS CB  HB2  sing N N 196 
HIS CB  HB3  sing N N 197 
HIS CG  ND1  sing Y N 198 
HIS CG  CD2  doub Y N 199 
HIS ND1 CE1  doub Y N 200 
HIS ND1 HD1  sing N N 201 
HIS CD2 NE2  sing Y N 202 
HIS CD2 HD2  sing N N 203 
HIS CE1 NE2  sing Y N 204 
HIS CE1 HE1  sing N N 205 
HIS NE2 HE2  sing N N 206 
HIS OXT HXT  sing N N 207 
HOH O   H1   sing N N 208 
HOH O   H2   sing N N 209 
ILE N   CA   sing N N 210 
ILE N   H    sing N N 211 
ILE N   H2   sing N N 212 
ILE CA  C    sing N N 213 
ILE CA  CB   sing N N 214 
ILE CA  HA   sing N N 215 
ILE C   O    doub N N 216 
ILE C   OXT  sing N N 217 
ILE CB  CG1  sing N N 218 
ILE CB  CG2  sing N N 219 
ILE CB  HB   sing N N 220 
ILE CG1 CD1  sing N N 221 
ILE CG1 HG12 sing N N 222 
ILE CG1 HG13 sing N N 223 
ILE CG2 HG21 sing N N 224 
ILE CG2 HG22 sing N N 225 
ILE CG2 HG23 sing N N 226 
ILE CD1 HD11 sing N N 227 
ILE CD1 HD12 sing N N 228 
ILE CD1 HD13 sing N N 229 
ILE OXT HXT  sing N N 230 
LEU N   CA   sing N N 231 
LEU N   H    sing N N 232 
LEU N   H2   sing N N 233 
LEU CA  C    sing N N 234 
LEU CA  CB   sing N N 235 
LEU CA  HA   sing N N 236 
LEU C   O    doub N N 237 
LEU C   OXT  sing N N 238 
LEU CB  CG   sing N N 239 
LEU CB  HB2  sing N N 240 
LEU CB  HB3  sing N N 241 
LEU CG  CD1  sing N N 242 
LEU CG  CD2  sing N N 243 
LEU CG  HG   sing N N 244 
LEU CD1 HD11 sing N N 245 
LEU CD1 HD12 sing N N 246 
LEU CD1 HD13 sing N N 247 
LEU CD2 HD21 sing N N 248 
LEU CD2 HD22 sing N N 249 
LEU CD2 HD23 sing N N 250 
LEU OXT HXT  sing N N 251 
LYS N   CA   sing N N 252 
LYS N   H    sing N N 253 
LYS N   H2   sing N N 254 
LYS CA  C    sing N N 255 
LYS CA  CB   sing N N 256 
LYS CA  HA   sing N N 257 
LYS C   O    doub N N 258 
LYS C   OXT  sing N N 259 
LYS CB  CG   sing N N 260 
LYS CB  HB2  sing N N 261 
LYS CB  HB3  sing N N 262 
LYS CG  CD   sing N N 263 
LYS CG  HG2  sing N N 264 
LYS CG  HG3  sing N N 265 
LYS CD  CE   sing N N 266 
LYS CD  HD2  sing N N 267 
LYS CD  HD3  sing N N 268 
LYS CE  NZ   sing N N 269 
LYS CE  HE2  sing N N 270 
LYS CE  HE3  sing N N 271 
LYS NZ  HZ1  sing N N 272 
LYS NZ  HZ2  sing N N 273 
LYS NZ  HZ3  sing N N 274 
LYS OXT HXT  sing N N 275 
MET N   CA   sing N N 276 
MET N   H    sing N N 277 
MET N   H2   sing N N 278 
MET CA  C    sing N N 279 
MET CA  CB   sing N N 280 
MET CA  HA   sing N N 281 
MET C   O    doub N N 282 
MET C   OXT  sing N N 283 
MET CB  CG   sing N N 284 
MET CB  HB2  sing N N 285 
MET CB  HB3  sing N N 286 
MET CG  SD   sing N N 287 
MET CG  HG2  sing N N 288 
MET CG  HG3  sing N N 289 
MET SD  CE   sing N N 290 
MET CE  HE1  sing N N 291 
MET CE  HE2  sing N N 292 
MET CE  HE3  sing N N 293 
MET OXT HXT  sing N N 294 
PHE N   CA   sing N N 295 
PHE N   H    sing N N 296 
PHE N   H2   sing N N 297 
PHE CA  C    sing N N 298 
PHE CA  CB   sing N N 299 
PHE CA  HA   sing N N 300 
PHE C   O    doub N N 301 
PHE C   OXT  sing N N 302 
PHE CB  CG   sing N N 303 
PHE CB  HB2  sing N N 304 
PHE CB  HB3  sing N N 305 
PHE CG  CD1  doub Y N 306 
PHE CG  CD2  sing Y N 307 
PHE CD1 CE1  sing Y N 308 
PHE CD1 HD1  sing N N 309 
PHE CD2 CE2  doub Y N 310 
PHE CD2 HD2  sing N N 311 
PHE CE1 CZ   doub Y N 312 
PHE CE1 HE1  sing N N 313 
PHE CE2 CZ   sing Y N 314 
PHE CE2 HE2  sing N N 315 
PHE CZ  HZ   sing N N 316 
PHE OXT HXT  sing N N 317 
PRO N   CA   sing N N 318 
PRO N   CD   sing N N 319 
PRO N   H    sing N N 320 
PRO CA  C    sing N N 321 
PRO CA  CB   sing N N 322 
PRO CA  HA   sing N N 323 
PRO C   O    doub N N 324 
PRO C   OXT  sing N N 325 
PRO CB  CG   sing N N 326 
PRO CB  HB2  sing N N 327 
PRO CB  HB3  sing N N 328 
PRO CG  CD   sing N N 329 
PRO CG  HG2  sing N N 330 
PRO CG  HG3  sing N N 331 
PRO CD  HD2  sing N N 332 
PRO CD  HD3  sing N N 333 
PRO OXT HXT  sing N N 334 
SER N   CA   sing N N 335 
SER N   H    sing N N 336 
SER N   H2   sing N N 337 
SER CA  C    sing N N 338 
SER CA  CB   sing N N 339 
SER CA  HA   sing N N 340 
SER C   O    doub N N 341 
SER C   OXT  sing N N 342 
SER CB  OG   sing N N 343 
SER CB  HB2  sing N N 344 
SER CB  HB3  sing N N 345 
SER OG  HG   sing N N 346 
SER OXT HXT  sing N N 347 
THR N   CA   sing N N 348 
THR N   H    sing N N 349 
THR N   H2   sing N N 350 
THR CA  C    sing N N 351 
THR CA  CB   sing N N 352 
THR CA  HA   sing N N 353 
THR C   O    doub N N 354 
THR C   OXT  sing N N 355 
THR CB  OG1  sing N N 356 
THR CB  CG2  sing N N 357 
THR CB  HB   sing N N 358 
THR OG1 HG1  sing N N 359 
THR CG2 HG21 sing N N 360 
THR CG2 HG22 sing N N 361 
THR CG2 HG23 sing N N 362 
THR OXT HXT  sing N N 363 
TYR N   CA   sing N N 364 
TYR N   H    sing N N 365 
TYR N   H2   sing N N 366 
TYR CA  C    sing N N 367 
TYR CA  CB   sing N N 368 
TYR CA  HA   sing N N 369 
TYR C   O    doub N N 370 
TYR C   OXT  sing N N 371 
TYR CB  CG   sing N N 372 
TYR CB  HB2  sing N N 373 
TYR CB  HB3  sing N N 374 
TYR CG  CD1  doub Y N 375 
TYR CG  CD2  sing Y N 376 
TYR CD1 CE1  sing Y N 377 
TYR CD1 HD1  sing N N 378 
TYR CD2 CE2  doub Y N 379 
TYR CD2 HD2  sing N N 380 
TYR CE1 CZ   doub Y N 381 
TYR CE1 HE1  sing N N 382 
TYR CE2 CZ   sing Y N 383 
TYR CE2 HE2  sing N N 384 
TYR CZ  OH   sing N N 385 
TYR OH  HH   sing N N 386 
TYR OXT HXT  sing N N 387 
VAL N   CA   sing N N 388 
VAL N   H    sing N N 389 
VAL N   H2   sing N N 390 
VAL CA  C    sing N N 391 
VAL CA  CB   sing N N 392 
VAL CA  HA   sing N N 393 
VAL C   O    doub N N 394 
VAL C   OXT  sing N N 395 
VAL CB  CG1  sing N N 396 
VAL CB  CG2  sing N N 397 
VAL CB  HB   sing N N 398 
VAL CG1 HG11 sing N N 399 
VAL CG1 HG12 sing N N 400 
VAL CG1 HG13 sing N N 401 
VAL CG2 HG21 sing N N 402 
VAL CG2 HG22 sing N N 403 
VAL CG2 HG23 sing N N 404 
VAL OXT HXT  sing N N 405 
# 
_atom_sites.entry_id                    2ZXY 
_atom_sites.fract_transf_matrix[1][1]   0.00687767 
_atom_sites.fract_transf_matrix[1][2]   -0.02115900 
_atom_sites.fract_transf_matrix[1][3]   0.00472842 
_atom_sites.fract_transf_matrix[2][1]   0.02851030 
_atom_sites.fract_transf_matrix[2][2]   0.00989488 
_atom_sites.fract_transf_matrix[2][3]   0.00280883 
_atom_sites.fract_transf_matrix[3][1]   -0.00025669 
_atom_sites.fract_transf_matrix[3][2]   -0.00538089 
_atom_sites.fract_transf_matrix[3][3]   0.02156122 
_atom_sites.fract_transf_vector[1]      0.481361 
_atom_sites.fract_transf_vector[2]      0.908031 
_atom_sites.fract_transf_vector[3]      0.229176 
# 
loop_
_atom_type.symbol 
C  
FE 
N  
O  
S  
# 
loop_
_atom_site.group_PDB 
_atom_site.id 
_atom_site.type_symbol 
_atom_site.label_atom_id 
_atom_site.label_alt_id 
_atom_site.label_comp_id 
_atom_site.label_asym_id 
_atom_site.label_entity_id 
_atom_site.label_seq_id 
_atom_site.pdbx_PDB_ins_code 
_atom_site.Cartn_x 
_atom_site.Cartn_y 
_atom_site.Cartn_z 
_atom_site.occupancy 
_atom_site.B_iso_or_equiv 
_atom_site.pdbx_formal_charge 
_atom_site.auth_seq_id 
_atom_site.auth_comp_id 
_atom_site.auth_asym_id 
_atom_site.auth_atom_id 
_atom_site.pdbx_PDB_model_num 
ATOM   1   N  N   A ALA A 1 1  ? -6.249  -13.046 7.568   0.50 30.87 ? 1   ALA A N   1 
ATOM   2   N  N   B ALA A 1 1  ? -4.870  -14.800 4.621   0.50 30.87 ? 1   ALA A N   1 
ATOM   3   C  CA  A ALA A 1 1  ? -5.545  -12.660 6.316   0.50 22.24 ? 1   ALA A CA  1 
ATOM   4   C  CA  B ALA A 1 1  ? -3.902  -14.154 3.749   0.50 22.24 ? 1   ALA A CA  1 
ATOM   5   C  C   A ALA A 1 1  ? -4.047  -12.357 6.583   0.50 18.49 ? 1   ALA A C   1 
ATOM   6   C  C   B ALA A 1 1  ? -3.849  -12.800 4.395   0.50 18.49 ? 1   ALA A C   1 
ATOM   7   O  O   A ALA A 1 1  ? -3.686  -11.865 7.658   0.50 20.91 ? 1   ALA A O   1 
ATOM   8   O  O   B ALA A 1 1  ? -4.596  -11.961 3.918   0.50 20.91 ? 1   ALA A O   1 
ATOM   9   C  CB  A ALA A 1 1  ? -6.260  -11.468 5.597   0.50 29.19 ? 1   ALA A CB  1 
ATOM   10  C  CB  B ALA A 1 1  ? -4.410  -13.963 2.565   0.50 29.19 ? 1   ALA A CB  1 
ATOM   11  N  N   . ASP A 1 2  ? -3.229  -12.580 5.551   1.00 19.56 ? 2   ASP A N   1 
ATOM   12  C  CA  . ASP A 1 2  ? -1.774  -12.513 5.533   1.00 13.71 ? 2   ASP A CA  1 
ATOM   13  C  C   . ASP A 1 2  ? -1.318  -11.335 4.625   1.00 11.35 ? 2   ASP A C   1 
ATOM   14  O  O   . ASP A 1 2  ? -1.169  -11.495 3.424   1.00 12.19 ? 2   ASP A O   1 
ATOM   15  C  CB  . ASP A 1 2  ? -1.062  -13.865 5.270   1.00 15.15 ? 2   ASP A CB  1 
ATOM   16  C  CG  . ASP A 1 2  ? 0.462   -13.779 5.340   1.00 9.60  ? 2   ASP A CG  1 
ATOM   17  O  OD1 . ASP A 1 2  ? 1.111   -14.858 5.217   1.00 18.64 ? 2   ASP A OD1 1 
ATOM   18  O  OD2 . ASP A 1 2  ? 1.074   -12.729 5.532   1.00 13.34 ? 2   ASP A OD2 1 
ATOM   19  N  N   . GLY A 1 3  ? -1.130  -10.160 5.254   1.00 10.04 ? 3   GLY A N   1 
ATOM   20  C  CA  . GLY A 1 3  ? -0.750  -8.968  4.501   1.00 8.72  ? 3   GLY A CA  1 
ATOM   21  C  C   . GLY A 1 3  ? 0.562   -9.131  3.754   1.00 7.59  ? 3   GLY A C   1 
ATOM   22  O  O   . GLY A 1 3  ? 0.734   -8.598  2.659   1.00 8.78  ? 3   GLY A O   1 
ATOM   23  N  N   . LYS A 1 4  ? 1.504   -9.846  4.358   1.00 8.64  ? 4   LYS A N   1 
ATOM   24  C  CA  . LYS A 1 4  ? 2.793   -10.085 3.722   1.00 10.23 ? 4   LYS A CA  1 
ATOM   25  C  C   . LYS A 1 4  ? 2.638   -10.869 2.418   1.00 8.93  ? 4   LYS A C   1 
ATOM   26  O  O   . LYS A 1 4  ? 3.228   -10.517 1.399   1.00 9.40  ? 4   LYS A O   1 
ATOM   27  C  CB  . LYS A 1 4  ? 3.737   -10.816 4.678   1.00 11.46 ? 4   LYS A CB  1 
ATOM   28  C  CG  . LYS A 1 4  ? 5.139   -11.014 4.133   1.00 14.50 ? 4   LYS A CG  1 
ATOM   29  C  CD  . LYS A 1 4  ? 6.023   -11.706 5.155   1.00 19.67 ? 4   LYS A CD  1 
ATOM   30  C  CE  . LYS A 1 4  ? 7.298   -12.233 4.519   1.00 23.42 ? 4   LYS A CE  1 
ATOM   31  N  NZ  . LYS A 1 4  ? 8.186   -12.870 5.528   1.00 28.37 ? 4   LYS A NZ  1 
ATOM   32  N  N   . ALA A 1 5  ? 1.812   -11.911 2.445   1.00 9.73  ? 5   ALA A N   1 
ATOM   33  C  CA  . ALA A 1 5  ? 1.586   -12.732 1.258   1.00 10.16 ? 5   ALA A CA  1 
ATOM   34  C  C   . ALA A 1 5  ? 0.879   -11.957 0.148   1.00 8.86  ? 5   ALA A C   1 
ATOM   35  O  O   . ALA A 1 5  ? 1.203   -12.108 -1.032  1.00 9.89  ? 5   ALA A O   1 
ATOM   36  C  CB  . ALA A 1 5  ? 0.798   -13.980 1.617   1.00 11.88 ? 5   ALA A CB  1 
ATOM   37  N  N   . ILE A 1 6  ? -0.067  -11.107 0.532   1.00 8.94  ? 6   ILE A N   1 
ATOM   38  C  CA  . ILE A 1 6  ? -0.753  -10.261 -0.437  1.00 9.14  ? 6   ILE A CA  1 
ATOM   39  C  C   . ILE A 1 6  ? 0.233   -9.299  -1.098  1.00 7.67  ? 6   ILE A C   1 
ATOM   40  O  O   . ILE A 1 6  ? 0.280   -9.178  -2.322  1.00 8.81  ? 6   ILE A O   1 
ATOM   41  C  CB  . ILE A 1 6  ? -1.902  -9.473  0.224   1.00 9.54  ? 6   ILE A CB  1 
ATOM   42  C  CG1 . ILE A 1 6  ? -2.985  -10.429 0.731   1.00 12.80 ? 6   ILE A CG1 1 
ATOM   43  C  CG2 . ILE A 1 6  ? -2.487  -8.460  -0.746  1.00 10.70 ? 6   ILE A CG2 1 
ATOM   44  C  CD1 . ILE A 1 6  ? -3.981  -9.783  1.673   1.00 14.86 ? 6   ILE A CD1 1 
ATOM   45  N  N   . PHE A 1 7  ? 1.044   -8.642  -0.277  1.00 7.56  ? 7   PHE A N   1 
ATOM   46  C  CA  . PHE A 1 7  ? 2.066   -7.727  -0.765  1.00 8.11  ? 7   PHE A CA  1 
ATOM   47  C  C   . PHE A 1 7  ? 2.998   -8.423  -1.760  1.00 8.34  ? 7   PHE A C   1 
ATOM   48  O  O   . PHE A 1 7  ? 3.318   -7.869  -2.814  1.00 10.33 ? 7   PHE A O   1 
ATOM   49  C  CB  . PHE A 1 7  ? 2.862   -7.172  0.419   1.00 8.56  ? 7   PHE A CB  1 
ATOM   50  C  CG  . PHE A 1 7  ? 3.857   -6.116  0.042   1.00 8.29  ? 7   PHE A CG  1 
ATOM   51  C  CD1 . PHE A 1 7  ? 3.515   -4.776  0.094   1.00 7.56  ? 7   PHE A CD1 1 
ATOM   52  C  CD2 . PHE A 1 7  ? 5.177   -6.454  -0.208  1.00 8.76  ? 7   PHE A CD2 1 
ATOM   53  C  CE1 . PHE A 1 7  ? 4.454   -3.795  -0.175  1.00 7.31  ? 7   PHE A CE1 1 
ATOM   54  C  CE2 . PHE A 1 7  ? 6.116   -5.480  -0.468  1.00 7.50  ? 7   PHE A CE2 1 
ATOM   55  C  CZ  . PHE A 1 7  ? 5.753   -4.151  -0.453  1.00 7.52  ? 7   PHE A CZ  1 
ATOM   56  N  N   A GLN A 1 8  ? 3.527   -9.574  -1.358  0.50 8.35  ? 8   GLN A N   1 
ATOM   57  N  N   B GLN A 1 8  ? 3.332   -9.678  -1.474  0.50 8.47  ? 8   GLN A N   1 
ATOM   58  C  CA  A GLN A 1 8  ? 4.404   -10.362 -2.217  0.50 11.02 ? 8   GLN A CA  1 
ATOM   59  C  CA  B GLN A 1 8  ? 4.167   -10.477 -2.368  0.50 9.88  ? 8   GLN A CA  1 
ATOM   60  C  C   A GLN A 1 8  ? 3.752   -10.628 -3.570  0.50 9.57  ? 8   GLN A C   1 
ATOM   61  C  C   B GLN A 1 8  ? 3.435   -10.812 -3.664  0.50 8.40  ? 8   GLN A C   1 
ATOM   62  O  O   A GLN A 1 8  ? 4.368   -10.424 -4.618  0.50 11.70 ? 8   GLN A O   1 
ATOM   63  O  O   B GLN A 1 8  ? 3.980   -10.641 -4.755  0.50 8.90  ? 8   GLN A O   1 
ATOM   64  C  CB  A GLN A 1 8  ? 4.764   -11.687 -1.543  0.50 14.26 ? 8   GLN A CB  1 
ATOM   65  C  CB  B GLN A 1 8  ? 4.619   -11.766 -1.677  0.50 10.87 ? 8   GLN A CB  1 
ATOM   66  C  CG  A GLN A 1 8  ? 5.083   -11.564 -0.062  0.50 20.05 ? 8   GLN A CG  1 
ATOM   67  C  CG  B GLN A 1 8  ? 5.188   -12.814 -2.624  0.50 13.34 ? 8   GLN A CG  1 
ATOM   68  C  CD  A GLN A 1 8  ? 5.690   -12.830 0.511   0.50 17.18 ? 8   GLN A CD  1 
ATOM   69  C  CD  B GLN A 1 8  ? 6.612   -12.507 -3.048  0.50 13.11 ? 8   GLN A CD  1 
ATOM   70  O  OE1 A GLN A 1 8  ? 6.909   -12.940 0.647   0.50 16.89 ? 8   GLN A OE1 1 
ATOM   71  O  OE1 B GLN A 1 8  ? 7.449   -12.136 -2.225  0.50 15.34 ? 8   GLN A OE1 1 
ATOM   72  N  NE2 A GLN A 1 8  ? 4.839   -13.782 0.878   0.50 15.15 ? 8   GLN A NE2 1 
ATOM   73  N  NE2 B GLN A 1 8  ? 6.881   -12.618 -4.344  0.50 12.46 ? 8   GLN A NE2 1 
ATOM   74  N  N   A GLN A 1 9  ? 2.505   -11.085 -3.542  0.50 8.94  ? 9   GLN A N   1 
ATOM   75  N  N   B GLN A 1 9  ? 2.270   -11.437 -3.530  0.50 7.40  ? 9   GLN A N   1 
ATOM   76  C  CA  A GLN A 1 9  ? 1.912   -11.775 -4.682  0.50 9.94  ? 9   GLN A CA  1 
ATOM   77  C  CA  B GLN A 1 9  ? 1.516   -11.897 -4.690  0.50 9.56  ? 9   GLN A CA  1 
ATOM   78  C  C   A GLN A 1 9  ? 1.285   -10.790 -5.666  0.50 9.03  ? 9   GLN A C   1 
ATOM   79  C  C   B GLN A 1 9  ? 1.329   -10.768 -5.694  0.50 8.74  ? 9   GLN A C   1 
ATOM   80  O  O   A GLN A 1 9  ? 1.099   -11.106 -6.841  0.50 9.54  ? 9   GLN A O   1 
ATOM   81  O  O   B GLN A 1 9  ? 1.420   -10.979 -6.903  0.50 8.45  ? 9   GLN A O   1 
ATOM   82  C  CB  A GLN A 1 9  ? 0.867   -12.789 -4.208  0.50 9.99  ? 9   GLN A CB  1 
ATOM   83  C  CB  B GLN A 1 9  ? 0.156   -12.453 -4.265  0.50 12.49 ? 9   GLN A CB  1 
ATOM   84  C  CG  A GLN A 1 9  ? 1.454   -13.995 -3.490  0.50 14.21 ? 9   GLN A CG  1 
ATOM   85  C  CG  B GLN A 1 9  ? -0.575  -13.204 -5.366  0.50 15.86 ? 9   GLN A CG  1 
ATOM   86  C  CD  A GLN A 1 9  ? 0.389   -14.908 -2.913  0.50 12.20 ? 9   GLN A CD  1 
ATOM   87  C  CD  B GLN A 1 9  ? -2.082  -13.085 -5.251  0.50 19.49 ? 9   GLN A CD  1 
ATOM   88  O  OE1 A GLN A 1 9  ? -0.778  -14.840 -3.300  0.50 16.13 ? 9   GLN A OE1 1 
ATOM   89  O  OE1 B GLN A 1 9  ? -2.745  -12.573 -6.152  0.50 12.14 ? 9   GLN A OE1 1 
ATOM   90  N  NE2 A GLN A 1 9  ? 0.809   -15.842 -2.066  0.50 13.49 ? 9   GLN A NE2 1 
ATOM   91  N  NE2 B GLN A 1 9  ? -2.636  -13.608 -4.165  0.50 20.97 ? 9   GLN A NE2 1 
ATOM   92  N  N   . LYS A 1 10 ? 1.008   -9.580  -5.190  1.00 8.67  ? 10  LYS A N   1 
ATOM   93  C  CA  . LYS A 1 10 ? 0.554   -8.497  -6.051  1.00 9.99  ? 10  LYS A CA  1 
ATOM   94  C  C   . LYS A 1 10 ? 1.719   -7.709  -6.649  1.00 9.81  ? 10  LYS A C   1 
ATOM   95  O  O   . LYS A 1 10 ? 1.515   -6.819  -7.476  1.00 12.88 ? 10  LYS A O   1 
ATOM   96  C  CB  . LYS A 1 10 ? -0.407  -7.569  -5.298  1.00 10.41 ? 10  LYS A CB  1 
ATOM   97  C  CG  . LYS A 1 10 ? -1.618  -8.276  -4.689  1.00 12.49 ? 10  LYS A CG  1 
ATOM   98  C  CD  . LYS A 1 10 ? -2.478  -8.942  -5.754  1.00 12.53 ? 10  LYS A CD  1 
ATOM   99  C  CE  . LYS A 1 10 ? -3.778  -9.485  -5.170  1.00 15.00 ? 10  LYS A CE  1 
ATOM   100 N  NZ  . LYS A 1 10 ? -4.502  -10.366 -6.132  1.00 17.63 ? 10  LYS A NZ  1 
ATOM   101 N  N   . GLY A 1 11 ? 2.943   -8.080  -6.281  1.00 8.17  ? 11  GLY A N   1 
ATOM   102 C  CA  . GLY A 1 11 ? 4.139   -7.544  -6.925  1.00 9.38  ? 11  GLY A CA  1 
ATOM   103 C  C   . GLY A 1 11 ? 4.595   -6.198  -6.388  1.00 8.58  ? 11  GLY A C   1 
ATOM   104 O  O   . GLY A 1 11 ? 5.428   -5.535  -7.003  1.00 8.84  ? 11  GLY A O   1 
ATOM   105 N  N   . CYS A 1 12 ? 4.102   -5.824  -5.209  1.00 7.03  ? 12  CYS A N   1 
ATOM   106 C  CA  . CYS A 1 12 ? 4.304   -4.476  -4.678  1.00 7.04  ? 12  CYS A CA  1 
ATOM   107 C  C   . CYS A 1 12 ? 5.776   -4.189  -4.409  1.00 7.13  ? 12  CYS A C   1 
ATOM   108 O  O   . CYS A 1 12 ? 6.197   -3.031  -4.393  1.00 7.54  ? 12  CYS A O   1 
ATOM   109 C  CB  . CYS A 1 12 ? 3.505   -4.286  -3.387  1.00 6.78  ? 12  CYS A CB  1 
ATOM   110 S  SG  . CYS A 1 12 ? 1.748   -4.684  -3.505  1.00 6.05  ? 12  CYS A SG  1 
ATOM   111 N  N   . GLY A 1 13 ? 6.506   -5.225  -4.016  1.00 7.60  ? 13  GLY A N   1 
ATOM   112 C  CA  . GLY A 1 13 ? 7.867   -5.053  -3.533  1.00 8.71  ? 13  GLY A CA  1 
ATOM   113 C  C   . GLY A 1 13 ? 8.804   -4.538  -4.604  1.00 8.53  ? 13  GLY A C   1 
ATOM   114 O  O   . GLY A 1 13 ? 9.884   -4.039  -4.304  1.00 11.40 ? 13  GLY A O   1 
ATOM   115 N  N   . SER A 1 14 ? 8.397   -4.681  -5.862  1.00 9.40  ? 14  SER A N   1 
ATOM   116 C  CA  . SER A 1 14 ? 9.215   -4.242  -6.984  1.00 10.65 ? 14  SER A CA  1 
ATOM   117 C  C   . SER A 1 14 ? 9.548   -2.753  -6.898  1.00 9.92  ? 14  SER A C   1 
ATOM   118 O  O   . SER A 1 14 ? 10.601  -2.321  -7.372  1.00 12.03 ? 14  SER A O   1 
ATOM   119 C  CB  . SER A 1 14 ? 8.525   -4.562  -8.312  1.00 12.36 ? 14  SER A CB  1 
ATOM   120 O  OG  . SER A 1 14 ? 7.236   -3.975  -8.374  1.00 23.50 ? 14  SER A OG  1 
ATOM   121 N  N   . CYS A 1 15 ? 8.643   -1.972  -6.309  1.00 7.01  ? 15  CYS A N   1 
ATOM   122 C  CA  . CYS A 1 15 ? 8.825   -0.526  -6.182  1.00 6.32  ? 15  CYS A CA  1 
ATOM   123 C  C   . CYS A 1 15 ? 8.912   -0.044  -4.738  1.00 6.00  ? 15  CYS A C   1 
ATOM   124 O  O   . CYS A 1 15 ? 9.051   1.151   -4.490  1.00 7.77  ? 15  CYS A O   1 
ATOM   125 C  CB  . CYS A 1 15 ? 7.693   0.214   -6.886  1.00 5.47  ? 15  CYS A CB  1 
ATOM   126 S  SG  . CYS A 1 15 ? 7.607   -0.134  -8.642  1.00 5.85  ? 15  CYS A SG  1 
ATOM   127 N  N   . HIS A 1 16 ? 8.715   -0.963  -3.798  1.00 5.66  ? 16  HIS A N   1 
ATOM   128 C  CA  . HIS A 1 16 ? 8.650   -0.628  -2.380  1.00 5.04  ? 16  HIS A CA  1 
ATOM   129 C  C   . HIS A 1 16 ? 9.526   -1.563  -1.566  1.00 6.14  ? 16  HIS A C   1 
ATOM   130 O  O   . HIS A 1 16 ? 9.070   -2.599  -1.086  1.00 9.11  ? 16  HIS A O   1 
ATOM   131 C  CB  . HIS A 1 16 ? 7.213   -0.705  -1.872  1.00 4.93  ? 16  HIS A CB  1 
ATOM   132 C  CG  . HIS A 1 16 ? 6.303   0.317   -2.478  1.00 3.86  ? 16  HIS A CG  1 
ATOM   133 N  ND1 . HIS A 1 16 ? 6.390   1.661   -2.181  1.00 4.04  ? 16  HIS A ND1 1 
ATOM   134 C  CD2 . HIS A 1 16 ? 5.237   0.181   -3.303  1.00 3.94  ? 16  HIS A CD2 1 
ATOM   135 C  CE1 . HIS A 1 16 ? 5.427   2.309   -2.813  1.00 3.45  ? 16  HIS A CE1 1 
ATOM   136 N  NE2 . HIS A 1 16 ? 4.723   1.437   -3.512  1.00 3.31  ? 16  HIS A NE2 1 
ATOM   137 N  N   . GLN A 1 17 ? 10.772  -1.160  -1.367  1.00 5.72  ? 17  GLN A N   1 
ATOM   138 C  CA  . GLN A 1 17 ? 11.660  -1.861  -0.461  1.00 6.50  ? 17  GLN A CA  1 
ATOM   139 C  C   . GLN A 1 17 ? 11.429  -1.393  0.969   1.00 5.75  ? 17  GLN A C   1 
ATOM   140 O  O   . GLN A 1 17 ? 10.793  -0.362  1.197   1.00 5.89  ? 17  GLN A O   1 
ATOM   141 C  CB  . GLN A 1 17 ? 13.110  -1.655  -0.892  1.00 7.53  ? 17  GLN A CB  1 
ATOM   142 C  CG  . GLN A 1 17 ? 13.425  -2.345  -2.218  1.00 11.89 ? 17  GLN A CG  1 
ATOM   143 C  CD  . GLN A 1 17 ? 14.684  -1.832  -2.878  1.00 13.70 ? 17  GLN A CD  1 
ATOM   144 O  OE1 . GLN A 1 17 ? 15.583  -1.329  -2.208  1.00 14.76 ? 17  GLN A OE1 1 
ATOM   145 N  NE2 . GLN A 1 17 ? 14.815  -2.089  -4.175  1.00 16.61 ? 17  GLN A NE2 1 
ATOM   146 N  N   . ALA A 1 18 ? 11.807  -2.228  1.930   1.00 6.43  ? 18  ALA A N   1 
ATOM   147 C  CA  . ALA A 1 18 ? 11.468  -1.965  3.323   1.00 5.97  ? 18  ALA A CA  1 
ATOM   148 C  C   . ALA A 1 18 ? 12.021  -0.622  3.792   1.00 5.89  ? 18  ALA A C   1 
ATOM   149 O  O   . ALA A 1 18 ? 11.306  0.156   4.422   1.00 6.70  ? 18  ALA A O   1 
ATOM   150 C  CB  . ALA A 1 18 ? 11.955  -3.090  4.217   1.00 7.94  ? 18  ALA A CB  1 
ATOM   151 N  N   . ASN A 1 19 ? 13.292  -0.357  3.487   1.00 5.81  ? 19  ASN A N   1 
ATOM   152 C  CA  . ASN A 1 19 ? 14.046  0.692   4.170   1.00 7.24  ? 19  ASN A CA  1 
ATOM   153 C  C   . ASN A 1 19 ? 14.746  1.668   3.228   1.00 6.60  ? 19  ASN A C   1 
ATOM   154 O  O   . ASN A 1 19 ? 15.561  2.476   3.673   1.00 8.53  ? 19  ASN A O   1 
ATOM   155 C  CB  . ASN A 1 19 ? 15.076  0.083   5.121   1.00 8.81  ? 19  ASN A CB  1 
ATOM   156 C  CG  . ASN A 1 19 ? 14.441  -0.788  6.180   1.00 11.02 ? 19  ASN A CG  1 
ATOM   157 O  OD1 . ASN A 1 19 ? 14.902  -1.900  6.441   1.00 18.70 ? 19  ASN A OD1 1 
ATOM   158 N  ND2 . ASN A 1 19 ? 13.436  -0.252  6.860   1.00 12.67 ? 19  ASN A ND2 1 
ATOM   159 N  N   . VAL A 1 20 ? 14.462  1.565   1.932   1.00 6.32  ? 20  VAL A N   1 
ATOM   160 C  CA  . VAL A 1 20 ? 15.080  2.437   0.934   1.00 6.68  ? 20  VAL A CA  1 
ATOM   161 C  C   . VAL A 1 20 ? 14.020  2.937   -0.040  1.00 6.22  ? 20  VAL A C   1 
ATOM   162 O  O   . VAL A 1 20 ? 13.221  2.147   -0.545  1.00 6.91  ? 20  VAL A O   1 
ATOM   163 C  CB  . VAL A 1 20 ? 16.166  1.689   0.121   1.00 8.91  ? 20  VAL A CB  1 
ATOM   164 C  CG1 . VAL A 1 20 ? 16.916  2.656   -0.782  1.00 11.58 ? 20  VAL A CG1 1 
ATOM   165 C  CG2 . VAL A 1 20 ? 17.124  0.954   1.049   1.00 9.64  ? 20  VAL A CG2 1 
ATOM   166 N  N   . ASP A 1 21 ? 14.000  4.247   -0.282  1.00 6.58  ? 21  ASP A N   1 
ATOM   167 C  CA  . ASP A 1 21 ? 13.167  4.822   -1.337  1.00 6.45  ? 21  ASP A CA  1 
ATOM   168 C  C   . ASP A 1 21 ? 13.751  4.417   -2.684  1.00 6.59  ? 21  ASP A C   1 
ATOM   169 O  O   . ASP A 1 21 ? 14.946  4.568   -2.915  1.00 9.23  ? 21  ASP A O   1 
ATOM   170 C  CB  . ASP A 1 21 ? 13.156  6.353   -1.258  1.00 7.85  ? 21  ASP A CB  1 
ATOM   171 C  CG  . ASP A 1 21 ? 12.497  6.886   0.005   1.00 7.83  ? 21  ASP A CG  1 
ATOM   172 O  OD1 . ASP A 1 21 ? 11.732  6.155   0.666   1.00 7.71  ? 21  ASP A OD1 1 
ATOM   173 O  OD2 . ASP A 1 21 ? 12.756  8.063   0.334   1.00 10.72 ? 21  ASP A OD2 1 
ATOM   174 N  N   . THR A 1 22 ? 12.902  3.920   -3.577  1.00 6.54  ? 22  THR A N   1 
ATOM   175 C  CA  . THR A 1 22 ? 13.328  3.591   -4.929  1.00 7.40  ? 22  THR A CA  1 
ATOM   176 C  C   . THR A 1 22 ? 12.372  4.203   -5.949  1.00 6.75  ? 22  THR A C   1 
ATOM   177 O  O   . THR A 1 22 ? 12.148  5.413   -5.936  1.00 8.89  ? 22  THR A O   1 
ATOM   178 C  CB  . THR A 1 22 ? 13.506  2.069   -5.125  1.00 8.68  ? 22  THR A CB  1 
ATOM   179 O  OG1 . THR A 1 22 ? 12.268  1.390   -4.870  1.00 9.37  ? 22  THR A OG1 1 
ATOM   180 C  CG2 . THR A 1 22 ? 14.568  1.537   -4.170  1.00 11.52 ? 22  THR A CG2 1 
ATOM   181 N  N   . VAL A 1 23 ? 11.726  3.372   -6.757  1.00 8.09  ? 23  VAL A N   1 
ATOM   182 C  CA  . VAL A 1 23 ? 10.662  3.873   -7.612  1.00 7.86  ? 23  VAL A CA  1 
ATOM   183 C  C   . VAL A 1 23 ? 9.545   4.478   -6.762  1.00 7.93  ? 23  VAL A C   1 
ATOM   184 O  O   . VAL A 1 23 ? 9.123   5.612   -6.990  1.00 8.01  ? 23  VAL A O   1 
ATOM   185 C  CB  . VAL A 1 23 ? 10.098  2.766   -8.527  1.00 9.01  ? 23  VAL A CB  1 
ATOM   186 C  CG1 . VAL A 1 23 ? 8.885   3.271   -9.293  1.00 9.83  ? 23  VAL A CG1 1 
ATOM   187 C  CG2 . VAL A 1 23 ? 11.179  2.275   -9.484  1.00 14.78 ? 23  VAL A CG2 1 
ATOM   188 N  N   . GLY A 1 24 ? 9.155   3.761   -5.713  1.00 6.39  ? 24  GLY A N   1 
ATOM   189 C  CA  . GLY A 1 24 ? 8.242   4.295   -4.710  1.00 5.61  ? 24  GLY A CA  1 
ATOM   190 C  C   . GLY A 1 24 ? 8.921   4.467   -3.364  1.00 5.04  ? 24  GLY A C   1 
ATOM   191 O  O   . GLY A 1 24 ? 10.032  3.983   -3.147  1.00 5.23  ? 24  GLY A O   1 
ATOM   192 N  N   . PRO A 1 25 ? 8.226   5.114   -2.423  1.00 4.59  ? 25  PRO A N   1 
ATOM   193 C  CA  . PRO A 1 25 ? 8.781   5.312   -1.092  1.00 4.61  ? 25  PRO A CA  1 
ATOM   194 C  C   . PRO A 1 25 ? 8.982   3.989   -0.366  1.00 4.22  ? 25  PRO A C   1 
ATOM   195 O  O   . PRO A 1 25 ? 8.268   3.017   -0.622  1.00 4.62  ? 25  PRO A O   1 
ATOM   196 C  CB  . PRO A 1 25 ? 7.709   6.146   -0.385  1.00 5.84  ? 25  PRO A CB  1 
ATOM   197 C  CG  . PRO A 1 25 ? 6.459   5.927   -1.189  1.00 9.24  ? 25  PRO A CG  1 
ATOM   198 C  CD  . PRO A 1 25 ? 6.936   5.794   -2.593  1.00 4.82  ? 25  PRO A CD  1 
ATOM   199 N  N   . SER A 1 26 ? 9.931   3.965   0.558   1.00 4.55  ? 26  SER A N   1 
ATOM   200 C  CA  . SER A 1 26 ? 10.138  2.786   1.381   1.00 4.84  ? 26  SER A CA  1 
ATOM   201 C  C   . SER A 1 26 ? 8.884   2.473   2.189   1.00 4.28  ? 26  SER A C   1 
ATOM   202 O  O   . SER A 1 26 ? 8.089   3.361   2.511   1.00 4.48  ? 26  SER A O   1 
ATOM   203 C  CB  . SER A 1 26 ? 11.329  2.980   2.317   1.00 6.30  ? 26  SER A CB  1 
ATOM   204 O  OG  . SER A 1 26 ? 11.001  3.861   3.375   1.00 6.20  ? 26  SER A OG  1 
ATOM   205 N  N   . LEU A 1 27 ? 8.754   1.216   2.595   1.00 4.66  ? 27  LEU A N   1 
ATOM   206 C  CA  . LEU A 1 27 ? 7.690   0.851   3.515   1.00 4.95  ? 27  LEU A CA  1 
ATOM   207 C  C   . LEU A 1 27 ? 7.814   1.584   4.843   1.00 4.89  ? 27  LEU A C   1 
ATOM   208 O  O   . LEU A 1 27 ? 6.810   1.954   5.448   1.00 4.81  ? 27  LEU A O   1 
ATOM   209 C  CB  . LEU A 1 27 ? 7.649   -0.660  3.731   1.00 5.09  ? 27  LEU A CB  1 
ATOM   210 C  CG  . LEU A 1 27 ? 7.380   -1.473  2.468   1.00 5.25  ? 27  LEU A CG  1 
ATOM   211 C  CD1 . LEU A 1 27 ? 7.356   -2.955  2.792   1.00 8.60  ? 27  LEU A CD1 1 
ATOM   212 C  CD2 . LEU A 1 27 ? 6.080   -1.035  1.810   1.00 7.42  ? 27  LEU A CD2 1 
ATOM   213 N  N   . LYS A 1 28 ? 9.043   1.786   5.300   1.00 4.92  ? 28  LYS A N   1 
ATOM   214 C  CA  . LYS A 1 28 ? 9.274   2.532   6.530   1.00 5.75  ? 28  LYS A CA  1 
ATOM   215 C  C   . LYS A 1 28 ? 8.687   3.940   6.439   1.00 5.30  ? 28  LYS A C   1 
ATOM   216 O  O   . LYS A 1 28 ? 8.007   4.408   7.358   1.00 6.02  ? 28  LYS A O   1 
ATOM   217 C  CB  . LYS A 1 28 ? 10.771  2.601   6.832   1.00 7.57  ? 28  LYS A CB  1 
ATOM   218 C  CG  . LYS A 1 28 ? 11.111  3.315   8.124   1.00 11.93 ? 28  LYS A CG  1 
ATOM   219 C  CD  . LYS A 1 28 ? 12.615  3.359   8.336   1.00 18.36 ? 28  LYS A CD  1 
ATOM   220 C  CE  . LYS A 1 28 ? 13.104  2.135   9.089   1.00 29.25 ? 28  LYS A CE  1 
ATOM   221 N  NZ  . LYS A 1 28 ? 12.894  2.272   10.557  1.00 28.76 ? 28  LYS A NZ  1 
ATOM   222 N  N   . LYS A 1 29 ? 8.926   4.604   5.313   1.00 5.10  ? 29  LYS A N   1 
ATOM   223 C  CA  . LYS A 1 29 ? 8.438   5.963   5.122   1.00 5.80  ? 29  LYS A CA  1 
ATOM   224 C  C   . LYS A 1 29 ? 6.913   6.000   5.063   1.00 4.68  ? 29  LYS A C   1 
ATOM   225 O  O   . LYS A 1 29 ? 6.279   6.882   5.649   1.00 5.58  ? 29  LYS A O   1 
ATOM   226 C  CB  . LYS A 1 29 ? 9.030   6.565   3.849   1.00 6.81  ? 29  LYS A CB  1 
ATOM   227 C  CG  . LYS A 1 29 ? 8.539   7.967   3.546   1.00 9.30  ? 29  LYS A CG  1 
ATOM   228 C  CD  . LYS A 1 29 ? 9.307   8.580   2.387   1.00 10.26 ? 29  LYS A CD  1 
ATOM   229 C  CE  . LYS A 1 29 ? 10.625  9.175   2.854   1.00 12.24 ? 29  LYS A CE  1 
ATOM   230 N  NZ  . LYS A 1 29 ? 11.360  9.836   1.739   1.00 14.25 ? 29  LYS A NZ  1 
ATOM   231 N  N   . ILE A 1 30 ? 6.324   5.048   4.346   1.00 4.32  ? 30  ILE A N   1 
ATOM   232 C  CA  . ILE A 1 30 ? 4.872   4.961   4.265   1.00 4.73  ? 30  ILE A CA  1 
ATOM   233 C  C   . ILE A 1 30 ? 4.266   4.667   5.637   1.00 4.05  ? 30  ILE A C   1 
ATOM   234 O  O   . ILE A 1 30 ? 3.282   5.291   6.043   1.00 4.63  ? 30  ILE A O   1 
ATOM   235 C  CB  . ILE A 1 30 ? 4.423   3.892   3.247   1.00 4.46  ? 30  ILE A CB  1 
ATOM   236 C  CG1 . ILE A 1 30 ? 4.899   4.248   1.836   1.00 5.26  ? 30  ILE A CG1 1 
ATOM   237 C  CG2 . ILE A 1 30 ? 2.913   3.742   3.271   1.00 5.29  ? 30  ILE A CG2 1 
ATOM   238 C  CD1 . ILE A 1 30 ? 4.836   3.082   0.863   1.00 7.09  ? 30  ILE A CD1 1 
ATOM   239 N  N   . ALA A 1 31 ? 4.880   3.736   6.362   1.00 4.19  ? 31  ALA A N   1 
ATOM   240 C  CA  . ALA A 1 31 ? 4.405   3.355   7.686   1.00 4.90  ? 31  ALA A CA  1 
ATOM   241 C  C   . ALA A 1 31 ? 4.425   4.536   8.644   1.00 4.61  ? 31  ALA A C   1 
ATOM   242 O  O   . ALA A 1 31 ? 3.528   4.688   9.471   1.00 6.41  ? 31  ALA A O   1 
ATOM   243 C  CB  . ALA A 1 31 ? 5.244   2.214   8.233   1.00 5.51  ? 31  ALA A CB  1 
ATOM   244 N  N   . GLN A 1 32 ? 5.468   5.351   8.555   1.00 5.04  ? 32  GLN A N   1 
ATOM   245 C  CA  . GLN A 1 32 ? 5.560   6.550   9.374   1.00 6.05  ? 32  GLN A CA  1 
ATOM   246 C  C   . GLN A 1 32 ? 4.478   7.565   9.019   1.00 5.43  ? 32  GLN A C   1 
ATOM   247 O  O   . GLN A 1 32 ? 3.826   8.122   9.901   1.00 6.82  ? 32  GLN A O   1 
ATOM   248 C  CB  . GLN A 1 32 ? 6.939   7.182   9.232   1.00 7.37  ? 32  GLN A CB  1 
ATOM   249 C  CG  . GLN A 1 32 ? 8.038   6.431   9.960   1.00 14.88 ? 32  GLN A CG  1 
ATOM   250 C  CD  . GLN A 1 32 ? 8.077   6.745   11.444  1.00 22.81 ? 32  GLN A CD  1 
ATOM   251 O  OE1 . GLN A 1 32 ? 7.422   7.680   11.907  1.00 25.59 ? 32  GLN A OE1 1 
ATOM   252 N  NE2 . GLN A 1 32 ? 8.728   5.881   12.211  1.00 28.80 ? 32  GLN A NE2 1 
ATOM   253 N  N   . ALA A 1 33 ? 4.264   7.779   7.724   1.00 5.50  ? 33  ALA A N   1 
ATOM   254 C  CA  . ALA A 1 33 ? 3.256   8.733   7.272   1.00 5.76  ? 33  ALA A CA  1 
ATOM   255 C  C   . ALA A 1 33 ? 1.863   8.346   7.752   1.00 6.28  ? 33  ALA A C   1 
ATOM   256 O  O   . ALA A 1 33 ? 1.037   9.210   8.051   1.00 7.32  ? 33  ALA A O   1 
ATOM   257 C  CB  . ALA A 1 33 ? 3.280   8.856   5.759   1.00 7.12  ? 33  ALA A CB  1 
ATOM   258 N  N   . TYR A 1 34 ? 1.589   7.045   7.771   1.00 4.89  ? 34  TYR A N   1 
ATOM   259 C  CA  . TYR A 1 34 ? 0.256   6.557   8.089   1.00 4.99  ? 34  TYR A CA  1 
ATOM   260 C  C   . TYR A 1 34 ? 0.135   6.054   9.528   1.00 5.46  ? 34  TYR A C   1 
ATOM   261 O  O   . TYR A 1 34 ? -0.864  5.441   9.891   1.00 5.70  ? 34  TYR A O   1 
ATOM   262 C  CB  . TYR A 1 34 ? -0.155  5.464   7.102   1.00 4.63  ? 34  TYR A CB  1 
ATOM   263 C  CG  . TYR A 1 34 ? -0.636  5.998   5.767   1.00 4.49  ? 34  TYR A CG  1 
ATOM   264 C  CD1 . TYR A 1 34 ? -1.965  6.364   5.588   1.00 4.85  ? 34  TYR A CD1 1 
ATOM   265 C  CD2 . TYR A 1 34 ? 0.228   6.118   4.684   1.00 4.73  ? 34  TYR A CD2 1 
ATOM   266 C  CE1 . TYR A 1 34 ? -2.426  6.808   4.363   1.00 4.99  ? 34  TYR A CE1 1 
ATOM   267 C  CE2 . TYR A 1 34 ? -0.226  6.565   3.449   1.00 4.52  ? 34  TYR A CE2 1 
ATOM   268 C  CZ  . TYR A 1 34 ? -1.563  6.883   3.292   1.00 4.24  ? 34  TYR A CZ  1 
ATOM   269 O  OH  . TYR A 1 34 ? -2.062  7.247   2.061   1.00 4.97  ? 34  TYR A OH  1 
ATOM   270 N  N   . ALA A 1 35 ? 1.094   6.409   10.374  1.00 5.77  ? 35  ALA A N   1 
ATOM   271 C  CA  . ALA A 1 35 ? 1.029   6.031   11.781  1.00 6.43  ? 35  ALA A CA  1 
ATOM   272 C  C   . ALA A 1 35 ? -0.221  6.606   12.434  1.00 7.27  ? 35  ALA A C   1 
ATOM   273 O  O   . ALA A 1 35 ? -0.475  7.808   12.362  1.00 8.29  ? 35  ALA A O   1 
ATOM   274 C  CB  . ALA A 1 35 ? 2.272   6.501   12.516  1.00 9.31  ? 35  ALA A CB  1 
ATOM   275 N  N   . GLY A 1 36 ? -1.053  5.723   12.975  1.00 7.20  ? 36  GLY A N   1 
ATOM   276 C  CA  . GLY A 1 36 ? -2.318  6.122   13.579  1.00 9.46  ? 36  GLY A CA  1 
ATOM   277 C  C   . GLY A 1 36 ? -3.390  6.476   12.564  1.00 7.73  ? 36  GLY A C   1 
ATOM   278 O  O   . GLY A 1 36 ? -4.454  6.975   12.931  1.00 10.32 ? 36  GLY A O   1 
ATOM   279 N  N   . LYS A 1 37 ? -3.127  6.165   11.296  1.00 7.92  ? 37  LYS A N   1 
ATOM   280 C  CA  . LYS A 1 37 ? -4.050  6.477   10.209  1.00 8.10  ? 37  LYS A CA  1 
ATOM   281 C  C   . LYS A 1 37 ? -4.383  5.241   9.383   1.00 7.42  ? 37  LYS A C   1 
ATOM   282 O  O   . LYS A 1 37 ? -4.452  5.307   8.152   1.00 8.10  ? 37  LYS A O   1 
ATOM   283 C  CB  . LYS A 1 37 ? -3.451  7.546   9.294   1.00 9.77  ? 37  LYS A CB  1 
ATOM   284 C  CG  . LYS A 1 37 ? -3.172  8.867   9.979   1.00 11.75 ? 37  LYS A CG  1 
ATOM   285 C  CD  . LYS A 1 37 ? -2.635  9.885   8.986   1.00 14.91 ? 37  LYS A CD  1 
ATOM   286 C  CE  . LYS A 1 37 ? -2.581  11.277  9.594   1.00 19.29 ? 37  LYS A CE  1 
ATOM   287 N  NZ  . LYS A 1 37 ? -1.766  11.309  10.837  1.00 25.41 ? 37  LYS A NZ  1 
ATOM   288 N  N   . GLU A 1 38 ? -4.590  4.113   10.055  1.00 7.84  ? 38  GLU A N   1 
ATOM   289 C  CA  . GLU A 1 38 ? -4.858  2.871   9.341   1.00 8.98  ? 38  GLU A CA  1 
ATOM   290 C  C   . GLU A 1 38 ? -6.070  2.998   8.422   1.00 7.31  ? 38  GLU A C   1 
ATOM   291 O  O   . GLU A 1 38 ? -6.058  2.501   7.297   1.00 7.71  ? 38  GLU A O   1 
ATOM   292 C  CB  . GLU A 1 38 ? -5.048  1.703   10.303  1.00 11.04 ? 38  GLU A CB  1 
ATOM   293 C  CG  . GLU A 1 38 ? -5.419  0.405   9.600   1.00 17.15 ? 38  GLU A CG  1 
ATOM   294 C  CD  . GLU A 1 38 ? -4.589  -0.770  10.065  1.00 12.40 ? 38  GLU A CD  1 
ATOM   295 O  OE1 . GLU A 1 38 ? -4.563  -1.004  11.291  1.00 23.49 ? 38  GLU A OE1 1 
ATOM   296 O  OE2 . GLU A 1 38 ? -4.271  -1.628  9.214   1.00 13.92 ? 38  GLU A OE2 1 
ATOM   297 N  N   . ASP A 1 39 ? -7.127  3.634   8.911   1.00 8.11  ? 39  ASP A N   1 
ATOM   298 C  CA  . ASP A 1 39 ? -8.333  3.773   8.106   1.00 7.57  ? 39  ASP A CA  1 
ATOM   299 C  C   . ASP A 1 39 ? -8.045  4.527   6.814   1.00 6.50  ? 39  ASP A C   1 
ATOM   300 O  O   . ASP A 1 39 ? -8.571  4.182   5.757   1.00 6.61  ? 39  ASP A O   1 
ATOM   301 C  CB  . ASP A 1 39 ? -9.435  4.482   8.891   1.00 9.38  ? 39  ASP A CB  1 
ATOM   302 C  CG  . ASP A 1 39 ? -10.155 3.554   9.855   1.00 12.80 ? 39  ASP A CG  1 
ATOM   303 O  OD1 . ASP A 1 39 ? -9.931  2.327   9.799   1.00 16.23 ? 39  ASP A OD1 1 
ATOM   304 O  OD2 . ASP A 1 39 ? -10.995 4.049   10.633  1.00 17.44 ? 39  ASP A OD2 1 
ATOM   305 N  N   . GLN A 1 40 ? -7.256  5.592   6.907   1.00 6.84  ? 40  GLN A N   1 
ATOM   306 C  CA  . GLN A 1 40 ? -6.900  6.352   5.722   1.00 6.22  ? 40  GLN A CA  1 
ATOM   307 C  C   . GLN A 1 40 ? -6.016  5.558   4.762   1.00 5.02  ? 40  GLN A C   1 
ATOM   308 O  O   . GLN A 1 40 ? -6.128  5.701   3.547   1.00 5.88  ? 40  GLN A O   1 
ATOM   309 C  CB  . GLN A 1 40 ? -6.240  7.681   6.082   1.00 7.01  ? 40  GLN A CB  1 
ATOM   310 C  CG  . GLN A 1 40 ? -6.146  8.622   4.893   1.00 9.71  ? 40  GLN A CG  1 
ATOM   311 C  CD  . GLN A 1 40 ? -5.565  9.976   5.246   1.00 11.29 ? 40  GLN A CD  1 
ATOM   312 O  OE1 . GLN A 1 40 ? -5.819  10.507  6.328   1.00 16.05 ? 40  GLN A OE1 1 
ATOM   313 N  NE2 . GLN A 1 40 ? -4.935  10.618  4.264   1.00 12.48 ? 40  GLN A NE2 1 
ATOM   314 N  N   . LEU A 1 41 ? -5.137  4.720   5.303   1.00 5.14  ? 41  LEU A N   1 
ATOM   315 C  CA  . LEU A 1 41 ? -4.316  3.862   4.455   1.00 4.61  ? 41  LEU A CA  1 
ATOM   316 C  C   . LEU A 1 41 ? -5.185  2.870   3.685   1.00 4.08  ? 41  LEU A C   1 
ATOM   317 O  O   . LEU A 1 41 ? -5.010  2.679   2.482   1.00 4.79  ? 41  LEU A O   1 
ATOM   318 C  CB  . LEU A 1 41 ? -3.254  3.131   5.277   1.00 4.60  ? 41  LEU A CB  1 
ATOM   319 C  CG  . LEU A 1 41 ? -2.308  2.203   4.506   1.00 4.85  ? 41  LEU A CG  1 
ATOM   320 C  CD1 . LEU A 1 41 ? -1.691  2.913   3.311   1.00 5.18  ? 41  LEU A CD1 1 
ATOM   321 C  CD2 . LEU A 1 41 ? -1.227  1.685   5.443   1.00 4.90  ? 41  LEU A CD2 1 
ATOM   322 N  N   . ILE A 1 42 ? -6.178  2.303   4.361   1.00 4.98  ? 42  ILE A N   1 
ATOM   323 C  CA  . ILE A 1 42 ? -7.125  1.428   3.683   1.00 5.46  ? 42  ILE A CA  1 
ATOM   324 C  C   . ILE A 1 42 ? -7.893  2.178   2.592   1.00 4.91  ? 42  ILE A C   1 
ATOM   325 O  O   . ILE A 1 42 ? -8.027  1.690   1.467   1.00 5.26  ? 42  ILE A O   1 
ATOM   326 C  CB  . ILE A 1 42 ? -8.091  0.758   4.677   1.00 6.02  ? 42  ILE A CB  1 
ATOM   327 C  CG1 . ILE A 1 42 ? -7.321  -0.206  5.586   1.00 8.05  ? 42  ILE A CG1 1 
ATOM   328 C  CG2 . ILE A 1 42 ? -9.209  0.037   3.936   1.00 6.94  ? 42  ILE A CG2 1 
ATOM   329 C  CD1 . ILE A 1 42 ? -8.062  -0.585  6.848   1.00 9.36  ? 42  ILE A CD1 1 
ATOM   330 N  N   . LYS A 1 43 ? -8.344  3.389   2.905   1.00 5.37  ? 43  LYS A N   1 
ATOM   331 C  CA  . LYS A 1 43 ? -8.992  4.229   1.902   1.00 6.03  ? 43  LYS A CA  1 
ATOM   332 C  C   . LYS A 1 43 ? -8.072  4.493   0.711   1.00 4.33  ? 43  LYS A C   1 
ATOM   333 O  O   . LYS A 1 43 ? -8.500  4.419   -0.443  1.00 6.26  ? 43  LYS A O   1 
ATOM   334 C  CB  . LYS A 1 43 ? -9.467  5.547   2.512   1.00 6.92  ? 43  LYS A CB  1 
ATOM   335 C  CG  . LYS A 1 43 ? -10.720 5.424   3.359   1.00 11.06 ? 43  LYS A CG  1 
ATOM   336 C  CD  . LYS A 1 43 ? -11.150 6.781   3.894   1.00 19.51 ? 43  LYS A CD  1 
ATOM   337 C  CE  . LYS A 1 43 ? -11.799 7.622   2.809   1.00 26.23 ? 43  LYS A CE  1 
ATOM   338 N  NZ  . LYS A 1 43 ? -13.284 7.615   2.921   1.00 36.26 ? 43  LYS A NZ  1 
ATOM   339 N  N   . PHE A 1 44 ? -6.810  4.812   0.985   1.00 4.75  ? 44  PHE A N   1 
ATOM   340 C  CA  . PHE A 1 44 ? -5.859  5.026   -0.093  1.00 4.64  ? 44  PHE A CA  1 
ATOM   341 C  C   . PHE A 1 44 ? -5.776  3.795   -0.987  1.00 3.57  ? 44  PHE A C   1 
ATOM   342 O  O   . PHE A 1 44 ? -5.785  3.903   -2.216  1.00 4.65  ? 44  PHE A O   1 
ATOM   343 C  CB  . PHE A 1 44 ? -4.472  5.376   0.440   1.00 4.63  ? 44  PHE A CB  1 
ATOM   344 C  CG  . PHE A 1 44 ? -3.433  5.474   -0.636  1.00 3.94  ? 44  PHE A CG  1 
ATOM   345 C  CD1 . PHE A 1 44 ? -3.353  6.615   -1.422  1.00 4.87  ? 44  PHE A CD1 1 
ATOM   346 C  CD2 . PHE A 1 44 ? -2.736  4.342   -1.039  1.00 4.27  ? 44  PHE A CD2 1 
ATOM   347 C  CE1 . PHE A 1 44 ? -2.577  6.635   -2.568  1.00 5.04  ? 44  PHE A CE1 1 
ATOM   348 C  CE2 . PHE A 1 44 ? -1.975  4.352   -2.194  1.00 4.52  ? 44  PHE A CE2 1 
ATOM   349 C  CZ  . PHE A 1 44 ? -1.894  5.500   -2.955  1.00 5.16  ? 44  PHE A CZ  1 
ATOM   350 N  N   . LEU A 1 45 ? -5.684  2.624   -0.366  1.00 3.96  ? 45  LEU A N   1 
ATOM   351 C  CA  . LEU A 1 45 ? -5.539  1.377   -1.103  1.00 4.72  ? 45  LEU A CA  1 
ATOM   352 C  C   . LEU A 1 45 ? -6.758  1.066   -1.964  1.00 4.37  ? 45  LEU A C   1 
ATOM   353 O  O   . LEU A 1 45 ? -6.654  0.340   -2.952  1.00 5.35  ? 45  LEU A O   1 
ATOM   354 C  CB  . LEU A 1 45 ? -5.248  0.221   -0.150  1.00 4.51  ? 45  LEU A CB  1 
ATOM   355 C  CG  . LEU A 1 45 ? -3.896  0.297   0.561   1.00 4.87  ? 45  LEU A CG  1 
ATOM   356 C  CD1 . LEU A 1 45 ? -3.820  -0.738  1.673   1.00 6.79  ? 45  LEU A CD1 1 
ATOM   357 C  CD2 . LEU A 1 45 ? -2.751  0.126   -0.434  1.00 5.85  ? 45  LEU A CD2 1 
ATOM   358 N  N   . LYS A 1 46 ? -7.897  1.659   -1.614  1.00 4.99  ? 46  LYS A N   1 
ATOM   359 C  CA  . LYS A 1 46 ? -9.129  1.503   -2.383  1.00 6.22  ? 46  LYS A CA  1 
ATOM   360 C  C   . LYS A 1 46 ? -9.283  2.546   -3.486  1.00 6.40  ? 46  LYS A C   1 
ATOM   361 O  O   . LYS A 1 46 ? -10.254 2.513   -4.239  1.00 8.53  ? 46  LYS A O   1 
ATOM   362 C  CB  . LYS A 1 46 ? -10.339 1.558   -1.453  1.00 6.21  ? 46  LYS A CB  1 
ATOM   363 C  CG  . LYS A 1 46 ? -10.465 0.355   -0.541  1.00 8.99  ? 46  LYS A CG  1 
ATOM   364 C  CD  . LYS A 1 46 ? -11.694 0.469   0.345   1.00 15.59 ? 46  LYS A CD  1 
ATOM   365 C  CE  . LYS A 1 46 ? -12.966 0.161   -0.433  1.00 24.76 ? 46  LYS A CE  1 
ATOM   366 N  NZ  . LYS A 1 46 ? -13.582 -1.127  -0.010  1.00 21.58 ? 46  LYS A NZ  1 
ATOM   367 N  N   . GLY A 1 47 ? -8.359  3.500   -3.550  1.00 6.05  ? 47  GLY A N   1 
ATOM   368 C  CA  . GLY A 1 47 ? -8.492  4.628   -4.468  1.00 7.91  ? 47  GLY A CA  1 
ATOM   369 C  C   . GLY A 1 47 ? -9.337  5.765   -3.919  1.00 9.64  ? 47  GLY A C   1 
ATOM   370 O  O   . GLY A 1 47 ? -9.746  6.652   -4.664  1.00 14.19 ? 47  GLY A O   1 
ATOM   371 N  N   A GLU A 1 48 ? -9.433  5.828   -2.593  0.50 10.95 ? 48  GLU A N   1 
ATOM   372 N  N   B GLU A 1 48 ? -9.560  5.767   -2.608  0.50 5.48  ? 48  GLU A N   1 
ATOM   373 C  CA  A GLU A 1 48 ? -10.464 6.611   -1.921  0.50 11.93 ? 48  GLU A CA  1 
ATOM   374 C  CA  B GLU A 1 48 ? -10.497 6.701   -1.987  0.50 8.52  ? 48  GLU A CA  1 
ATOM   375 C  C   A GLU A 1 48 ? -9.872  7.836   -1.225  0.50 11.09 ? 48  GLU A C   1 
ATOM   376 C  C   B GLU A 1 48 ? -9.832  7.619   -0.961  0.50 6.94  ? 48  GLU A C   1 
ATOM   377 O  O   A GLU A 1 48 ? -10.599 8.620   -0.616  0.50 11.33 ? 48  GLU A O   1 
ATOM   378 O  O   B GLU A 1 48 ? -10.502 8.174   -0.090  0.50 6.92  ? 48  GLU A O   1 
ATOM   379 C  CB  A GLU A 1 48 ? -11.210 5.748   -0.897  0.50 12.59 ? 48  GLU A CB  1 
ATOM   380 C  CB  B GLU A 1 48 ? -11.648 5.938   -1.332  0.50 9.87  ? 48  GLU A CB  1 
ATOM   381 C  CG  A GLU A 1 48 ? -12.408 5.001   -1.456  0.50 10.81 ? 48  GLU A CG  1 
ATOM   382 C  CG  B GLU A 1 48 ? -12.168 4.775   -2.158  0.50 16.04 ? 48  GLU A CG  1 
ATOM   383 C  CD  A GLU A 1 48 ? -13.068 4.102   -0.427  0.50 16.03 ? 48  GLU A CD  1 
ATOM   384 C  CD  B GLU A 1 48 ? -13.507 5.070   -2.800  0.50 19.29 ? 48  GLU A CD  1 
ATOM   385 O  OE1 A GLU A 1 48 ? -13.742 3.132   -0.830  0.50 13.25 ? 48  GLU A OE1 1 
ATOM   386 O  OE1 B GLU A 1 48 ? -13.967 6.229   -2.714  0.50 26.38 ? 48  GLU A OE1 1 
ATOM   387 O  OE2 A GLU A 1 48 ? -12.863 4.328   0.785   0.50 19.63 ? 48  GLU A OE2 1 
ATOM   388 O  OE2 B GLU A 1 48 ? -14.036 4.182   -3.499  0.50 15.35 ? 48  GLU A OE2 1 
ATOM   389 N  N   . ALA A 1 49 ? -8.545  7.886   -1.156  1.00 7.25  ? 49  ALA A N   1 
ATOM   390 C  CA  . ALA A 1 49 ? -7.854  8.937   -0.413  1.00 7.28  ? 49  ALA A CA  1 
ATOM   391 C  C   . ALA A 1 49 ? -6.636  9.389   -1.205  1.00 6.99  ? 49  ALA A C   1 
ATOM   392 O  O   . ALA A 1 49 ? -6.082  8.616   -1.992  1.00 7.59  ? 49  ALA A O   1 
ATOM   393 C  CB  . ALA A 1 49 ? -7.435  8.430   0.963   1.00 7.81  ? 49  ALA A CB  1 
ATOM   394 N  N   . PRO A 1 50 ? -6.210  10.644  -0.997  1.00 7.62  ? 50  PRO A N   1 
ATOM   395 C  CA  . PRO A 1 50 ? -5.132  11.220  -1.791  1.00 8.56  ? 50  PRO A CA  1 
ATOM   396 C  C   . PRO A 1 50 ? -3.775  10.688  -1.349  1.00 6.92  ? 50  PRO A C   1 
ATOM   397 O  O   . PRO A 1 50 ? -3.590  10.357  -0.178  1.00 7.64  ? 50  PRO A O   1 
ATOM   398 C  CB  . PRO A 1 50 ? -5.233  12.714  -1.479  1.00 11.58 ? 50  PRO A CB  1 
ATOM   399 C  CG  . PRO A 1 50 ? -5.794  12.759  -0.104  1.00 11.52 ? 50  PRO A CG  1 
ATOM   400 C  CD  . PRO A 1 50 ? -6.762  11.610  -0.031  1.00 9.60  ? 50  PRO A CD  1 
ATOM   401 N  N   . ALA A 1 51 ? -2.797  10.742  -2.244  1.00 6.63  ? 51  ALA A N   1 
ATOM   402 C  CA  . ALA A 1 51 ? -1.414  10.501  -1.856  1.00 5.65  ? 51  ALA A CA  1 
ATOM   403 C  C   . ALA A 1 51 ? -0.953  11.542  -0.846  1.00 5.78  ? 51  ALA A C   1 
ATOM   404 O  O   . ALA A 1 51 ? -1.135  12.741  -1.060  1.00 8.19  ? 51  ALA A O   1 
ATOM   405 C  CB  . ALA A 1 51 ? -0.513  10.520  -3.079  1.00 6.24  ? 51  ALA A CB  1 
ATOM   406 N  N   . ILE A 1 52 ? -0.333  11.080  0.238   1.00 5.67  ? 52  ILE A N   1 
ATOM   407 C  CA  . ILE A 1 52 ? 0.227   11.974  1.241   1.00 5.84  ? 52  ILE A CA  1 
ATOM   408 C  C   . ILE A 1 52 ? 1.741   11.847  1.372   1.00 6.33  ? 52  ILE A C   1 
ATOM   409 O  O   . ILE A 1 52 ? 2.371   12.655  2.049   1.00 9.60  ? 52  ILE A O   1 
ATOM   410 C  CB  . ILE A 1 52 ? -0.431  11.784  2.626   1.00 6.34  ? 52  ILE A CB  1 
ATOM   411 C  CG1 . ILE A 1 52 ? -0.191  10.372  3.170   1.00 7.03  ? 52  ILE A CG1 1 
ATOM   412 C  CG2 . ILE A 1 52 ? -1.909  12.099  2.552   1.00 8.63  ? 52  ILE A CG2 1 
ATOM   413 C  CD1 . ILE A 1 52 ? -0.645  10.180  4.613   1.00 8.26  ? 52  ILE A CD1 1 
ATOM   414 N  N   . VAL A 1 53 ? 2.329   10.857  0.705   1.00 4.73  ? 53  VAL A N   1 
ATOM   415 C  CA  . VAL A 1 53 ? 3.765   10.620  0.822   1.00 5.69  ? 53  VAL A CA  1 
ATOM   416 C  C   . VAL A 1 53 ? 4.561   11.270  -0.309  1.00 5.16  ? 53  VAL A C   1 
ATOM   417 O  O   . VAL A 1 53 ? 5.437   12.094  -0.060  1.00 8.16  ? 53  VAL A O   1 
ATOM   418 C  CB  . VAL A 1 53 ? 4.105   9.115   0.910   1.00 5.59  ? 53  VAL A CB  1 
ATOM   419 C  CG1 . VAL A 1 53 ? 5.599   8.925   1.129   1.00 7.83  ? 53  VAL A CG1 1 
ATOM   420 C  CG2 . VAL A 1 53 ? 3.309   8.450   2.028   1.00 7.17  ? 53  VAL A CG2 1 
ATOM   421 N  N   . ASP A 1 54 ? 4.200   10.955  -1.548  1.00 6.14  ? 54  ASP A N   1 
ATOM   422 C  CA  . ASP A 1 54 ? 4.900   11.493  -2.711  1.00 6.32  ? 54  ASP A CA  1 
ATOM   423 C  C   . ASP A 1 54 ? 3.908   11.931  -3.785  1.00 6.72  ? 54  ASP A C   1 
ATOM   424 O  O   . ASP A 1 54 ? 3.770   11.278  -4.819  1.00 7.42  ? 54  ASP A O   1 
ATOM   425 C  CB  . ASP A 1 54 ? 5.876   10.457  -3.270  1.00 7.46  ? 54  ASP A CB  1 
ATOM   426 C  CG  . ASP A 1 54 ? 6.735   11.002  -4.390  1.00 10.33 ? 54  ASP A CG  1 
ATOM   427 O  OD1 . ASP A 1 54 ? 6.700   12.224  -4.634  1.00 15.84 ? 54  ASP A OD1 1 
ATOM   428 O  OD2 . ASP A 1 54 ? 7.437   10.196  -5.037  1.00 11.16 ? 54  ASP A OD2 1 
ATOM   429 N  N   . PRO A 1 55 ? 3.204   13.044  -3.540  1.00 6.75  ? 55  PRO A N   1 
ATOM   430 C  CA  . PRO A 1 55 ? 2.161   13.476  -4.469  1.00 6.63  ? 55  PRO A CA  1 
ATOM   431 C  C   . PRO A 1 55 ? 2.676   13.726  -5.888  1.00 6.23  ? 55  PRO A C   1 
ATOM   432 O  O   . PRO A 1 55 ? 1.913   13.609  -6.843  1.00 7.16  ? 55  PRO A O   1 
ATOM   433 C  CB  . PRO A 1 55 ? 1.644   14.773  -3.842  1.00 7.99  ? 55  PRO A CB  1 
ATOM   434 C  CG  . PRO A 1 55 ? 1.942   14.641  -2.391  1.00 12.55 ? 55  PRO A CG  1 
ATOM   435 C  CD  . PRO A 1 55 ? 3.204   13.828  -2.292  1.00 7.40  ? 55  PRO A CD  1 
ATOM   436 N  N   . ALA A 1 56 ? 3.957   14.056  -6.031  1.00 6.05  ? 56  ALA A N   1 
ATOM   437 C  CA  . ALA A 1 56 ? 4.537   14.284  -7.357  1.00 6.75  ? 56  ALA A CA  1 
ATOM   438 C  C   . ALA A 1 56 ? 4.352   13.080  -8.280  1.00 5.74  ? 56  ALA A C   1 
ATOM   439 O  O   . ALA A 1 56 ? 4.302   13.230  -9.501  1.00 7.65  ? 56  ALA A O   1 
ATOM   440 C  CB  . ALA A 1 56 ? 6.011   14.645  -7.244  1.00 6.61  ? 56  ALA A CB  1 
ATOM   441 N  N   A LYS A 1 57 ? 4.301   11.888  -7.694  0.50 5.81  ? 57  LYS A N   1 
ATOM   442 N  N   B LYS A 1 57 ? 4.279   11.888  -7.695  0.50 5.85  ? 57  LYS A N   1 
ATOM   443 C  CA  A LYS A 1 57 ? 4.222   10.653  -8.470  0.50 6.52  ? 57  LYS A CA  1 
ATOM   444 C  CA  B LYS A 1 57 ? 4.220   10.656  -8.476  0.50 5.97  ? 57  LYS A CA  1 
ATOM   445 C  C   A LYS A 1 57 ? 2.960   9.859   -8.149  0.50 6.30  ? 57  LYS A C   1 
ATOM   446 C  C   B LYS A 1 57 ? 2.933   9.874   -8.227  0.50 5.10  ? 57  LYS A C   1 
ATOM   447 O  O   A LYS A 1 57 ? 2.879   8.662   -8.427  0.50 6.04  ? 57  LYS A O   1 
ATOM   448 O  O   B LYS A 1 57 ? 2.813   8.712   -8.615  0.50 5.51  ? 57  LYS A O   1 
ATOM   449 C  CB  A LYS A 1 57 ? 5.469   9.798   -8.240  0.50 7.41  ? 57  LYS A CB  1 
ATOM   450 C  CB  B LYS A 1 57 ? 5.440   9.781   -8.192  0.50 6.54  ? 57  LYS A CB  1 
ATOM   451 C  CG  A LYS A 1 57 ? 6.773   10.552  -8.453  0.50 9.60  ? 57  LYS A CG  1 
ATOM   452 C  CG  B LYS A 1 57 ? 6.729   10.311  -8.802  0.50 5.60  ? 57  LYS A CG  1 
ATOM   453 C  CD  A LYS A 1 57 ? 7.931   9.604   -8.719  0.50 9.85  ? 57  LYS A CD  1 
ATOM   454 C  CD  B LYS A 1 57 ? 7.896   9.381   -8.514  0.50 9.24  ? 57  LYS A CD  1 
ATOM   455 C  CE  A LYS A 1 57 ? 9.019   10.281  -9.540  0.50 11.24 ? 57  LYS A CE  1 
ATOM   456 C  CE  B LYS A 1 57 ? 7.906   8.199   -9.469  0.50 8.21  ? 57  LYS A CE  1 
ATOM   457 N  NZ  A LYS A 1 57 ? 10.312  9.541   -9.480  0.50 13.50 ? 57  LYS A NZ  1 
ATOM   458 N  NZ  B LYS A 1 57 ? 9.246   7.554   -9.538  0.50 13.94 ? 57  LYS A NZ  1 
ATOM   459 N  N   . GLU A 1 58 ? 1.928   10.568  -7.706  1.00 5.34  ? 58  GLU A N   1 
ATOM   460 C  CA  . GLU A 1 58 ? 0.638   9.960   -7.412  1.00 6.50  ? 58  GLU A CA  1 
ATOM   461 C  C   . GLU A 1 58 ? 0.071   9.162   -8.584  1.00 5.37  ? 58  GLU A C   1 
ATOM   462 O  O   . GLU A 1 58 ? -0.459  8.066   -8.399  1.00 6.02  ? 58  GLU A O   1 
ATOM   463 C  CB  . GLU A 1 58 ? -0.340  11.050  -6.976  1.00 7.56  ? 58  GLU A CB  1 
ATOM   464 C  CG  . GLU A 1 58 ? -1.692  10.551  -6.502  1.00 8.91  ? 58  GLU A CG  1 
ATOM   465 C  CD  . GLU A 1 58 ? -2.447  11.598  -5.702  1.00 8.73  ? 58  GLU A CD  1 
ATOM   466 O  OE1 . GLU A 1 58 ? -1.980  12.756  -5.647  1.00 10.73 ? 58  GLU A OE1 1 
ATOM   467 O  OE2 . GLU A 1 58 ? -3.480  11.253  -5.085  1.00 8.62  ? 58  GLU A OE2 1 
ATOM   468 N  N   . ALA A 1 59 ? 0.200   9.701   -9.791  1.00 6.60  ? 59  ALA A N   1 
ATOM   469 C  CA  . ALA A 1 59 ? -0.430  9.095   -10.958 1.00 6.96  ? 59  ALA A CA  1 
ATOM   470 C  C   . ALA A 1 59 ? 0.279   7.812   -11.392 1.00 7.66  ? 59  ALA A C   1 
ATOM   471 O  O   . ALA A 1 59 ? -0.294  6.996   -12.111 1.00 8.15  ? 59  ALA A O   1 
ATOM   472 C  CB  . ALA A 1 59 ? -0.494  10.093  -12.110 1.00 10.04 ? 59  ALA A CB  1 
ATOM   473 N  N   . ILE A 1 60 ? 1.533   7.648   -10.980 1.00 7.10  ? 60  ILE A N   1 
ATOM   474 C  CA  . ILE A 1 60 ? 2.276   6.422   -11.272 1.00 7.77  ? 60  ILE A CA  1 
ATOM   475 C  C   . ILE A 1 60 ? 1.770   5.268   -10.414 1.00 6.01  ? 60  ILE A C   1 
ATOM   476 O  O   . ILE A 1 60 ? 1.660   4.130   -10.870 1.00 7.17  ? 60  ILE A O   1 
ATOM   477 C  CB  . ILE A 1 60 ? 3.780   6.600   -11.011 1.00 9.30  ? 60  ILE A CB  1 
ATOM   478 C  CG1 . ILE A 1 60 ? 4.376   7.618   -11.981 1.00 16.97 ? 60  ILE A CG1 1 
ATOM   479 C  CG2 . ILE A 1 60 ? 4.505   5.264   -11.120 1.00 14.94 ? 60  ILE A CG2 1 
ATOM   480 C  CD1 . ILE A 1 60 ? 5.823   7.954   -11.697 1.00 26.56 ? 60  ILE A CD1 1 
ATOM   481 N  N   . MET A 1 61 ? 1.517   5.559   -9.145  1.00 5.49  ? 61  MET A N   1 
ATOM   482 C  CA  . MET A 1 61 ? 1.071   4.541   -8.206  1.00 5.25  ? 61  MET A CA  1 
ATOM   483 C  C   . MET A 1 61 ? -0.394  4.156   -8.414  1.00 4.99  ? 61  MET A C   1 
ATOM   484 O  O   . MET A 1 61 ? -0.778  3.010   -8.188  1.00 5.65  ? 61  MET A O   1 
ATOM   485 C  CB  . MET A 1 61 ? 1.317   5.013   -6.774  1.00 4.85  ? 61  MET A CB  1 
ATOM   486 C  CG  . MET A 1 61 ? 0.714   4.128   -5.706  1.00 4.21  ? 61  MET A CG  1 
ATOM   487 S  SD  . MET A 1 61 ? 1.231   2.403   -5.825  1.00 3.47  ? 61  MET A SD  1 
ATOM   488 C  CE  . MET A 1 61 ? -0.204  1.614   -5.103  1.00 4.90  ? 61  MET A CE  1 
ATOM   489 N  N   . LYS A 1 62 ? -1.216  5.116   -8.823  1.00 5.05  ? 62  LYS A N   1 
ATOM   490 C  CA  . LYS A 1 62 ? -2.653  4.896   -8.858  1.00 5.63  ? 62  LYS A CA  1 
ATOM   491 C  C   . LYS A 1 62 ? -3.076  3.616   -9.586  1.00 4.82  ? 62  LYS A C   1 
ATOM   492 O  O   . LYS A 1 62 ? -3.883  2.853   -9.063  1.00 5.51  ? 62  LYS A O   1 
ATOM   493 C  CB  . LYS A 1 62 ? -3.394  6.110   -9.409  1.00 7.75  ? 62  LYS A CB  1 
ATOM   494 C  CG  . LYS A 1 62 ? -4.896  5.904   -9.455  1.00 7.99  ? 62  LYS A CG  1 
ATOM   495 C  CD  . LYS A 1 62 ? -5.637  7.194   -9.733  1.00 10.00 ? 62  LYS A CD  1 
ATOM   496 C  CE  . LYS A 1 62 ? -5.206  7.788   -11.059 1.00 11.74 ? 62  LYS A CE  1 
ATOM   497 N  NZ  . LYS A 1 62 ? -5.967  9.025   -11.371 1.00 15.45 ? 62  LYS A NZ  1 
ATOM   498 N  N   . PRO A 1 63 ? -2.534  3.365   -10.793 1.00 5.28  ? 63  PRO A N   1 
ATOM   499 C  CA  . PRO A 1 63 ? -3.029  2.189   -11.511 1.00 6.11  ? 63  PRO A CA  1 
ATOM   500 C  C   . PRO A 1 63 ? -2.740  0.877   -10.779 1.00 5.47  ? 63  PRO A C   1 
ATOM   501 O  O   . PRO A 1 63 ? -3.460  -0.101  -10.973 1.00 6.06  ? 63  PRO A O   1 
ATOM   502 C  CB  . PRO A 1 63 ? -2.291  2.237   -12.859 1.00 8.01  ? 63  PRO A CB  1 
ATOM   503 C  CG  . PRO A 1 63 ? -1.246  3.285   -12.720 1.00 12.16 ? 63  PRO A CG  1 
ATOM   504 C  CD  . PRO A 1 63 ? -1.693  4.222   -11.644 1.00 6.26  ? 63  PRO A CD  1 
ATOM   505 N  N   . GLN A 1 64 ? -1.699  0.849   -9.950  1.00 5.38  ? 64  GLN A N   1 
ATOM   506 C  CA  . GLN A 1 64 ? -1.374  -0.353  -9.182  1.00 5.56  ? 64  GLN A CA  1 
ATOM   507 C  C   . GLN A 1 64 ? -2.512  -0.758  -8.250  1.00 5.47  ? 64  GLN A C   1 
ATOM   508 O  O   . GLN A 1 64 ? -2.637  -1.925  -7.872  1.00 6.76  ? 64  GLN A O   1 
ATOM   509 C  CB  . GLN A 1 64 ? -0.085  -0.158  -8.384  1.00 6.51  ? 64  GLN A CB  1 
ATOM   510 C  CG  . GLN A 1 64 ? 1.146   0.061   -9.244  1.00 5.71  ? 64  GLN A CG  1 
ATOM   511 C  CD  . GLN A 1 64 ? 1.466   -1.142  -10.116 1.00 6.06  ? 64  GLN A CD  1 
ATOM   512 O  OE1 . GLN A 1 64 ? 1.357   -2.287  -9.678  1.00 7.34  ? 64  GLN A OE1 1 
ATOM   513 N  NE2 . GLN A 1 64 ? 1.918   -0.884  -11.337 1.00 7.68  ? 64  GLN A NE2 1 
ATOM   514 N  N   . LEU A 1 65 ? -3.350  0.206   -7.887  1.00 5.20  ? 65  LEU A N   1 
ATOM   515 C  CA  . LEU A 1 65 ? -4.461  -0.063  -6.985  1.00 5.64  ? 65  LEU A CA  1 
ATOM   516 C  C   . LEU A 1 65 ? -5.494  -1.003  -7.601  1.00 5.76  ? 65  LEU A C   1 
ATOM   517 O  O   . LEU A 1 65 ? -6.254  -1.658  -6.888  1.00 6.89  ? 65  LEU A O   1 
ATOM   518 C  CB  . LEU A 1 65 ? -5.115  1.242   -6.546  1.00 5.84  ? 65  LEU A CB  1 
ATOM   519 C  CG  . LEU A 1 65 ? -4.192  2.175   -5.760  1.00 5.93  ? 65  LEU A CG  1 
ATOM   520 C  CD1 . LEU A 1 65 ? -4.903  3.475   -5.410  1.00 6.89  ? 65  LEU A CD1 1 
ATOM   521 C  CD2 . LEU A 1 65 ? -3.670  1.479   -4.505  1.00 6.58  ? 65  LEU A CD2 1 
ATOM   522 N  N   A THR A 1 66 ? -5.516  -1.077  -8.927  0.50 6.50  ? 66  THR A N   1 
ATOM   523 N  N   B THR A 1 66 ? -5.509  -1.077  -8.927  0.50 6.73  ? 66  THR A N   1 
ATOM   524 C  CA  A THR A 1 66 ? -6.493  -1.910  -9.616  0.50 7.00  ? 66  THR A CA  1 
ATOM   525 C  CA  B THR A 1 66 ? -6.363  -2.031  -9.619  0.50 7.93  ? 66  THR A CA  1 
ATOM   526 C  C   A THR A 1 66 ? -6.312  -3.388  -9.277  0.50 9.05  ? 66  THR A C   1 
ATOM   527 C  C   B THR A 1 66 ? -5.990  -3.470  -9.270  0.50 8.17  ? 66  THR A C   1 
ATOM   528 O  O   A THR A 1 66 ? -7.275  -4.154  -9.272  0.50 10.20 ? 66  THR A O   1 
ATOM   529 O  O   B THR A 1 66 ? -6.832  -4.365  -9.326  0.50 8.70  ? 66  THR A O   1 
ATOM   530 C  CB  A THR A 1 66 ? -6.423  -1.719  -11.142 0.50 7.36  ? 66  THR A CB  1 
ATOM   531 C  CB  B THR A 1 66 ? -6.306  -1.832  -11.145 0.50 9.56  ? 66  THR A CB  1 
ATOM   532 O  OG1 A THR A 1 66 ? -5.220  -2.311  -11.648 0.50 5.67  ? 66  THR A OG1 1 
ATOM   533 O  OG1 B THR A 1 66 ? -6.861  -0.554  -11.483 0.50 8.92  ? 66  THR A OG1 1 
ATOM   534 C  CG2 A THR A 1 66 ? -6.445  -0.239  -11.494 0.50 10.57 ? 66  THR A CG2 1 
ATOM   535 C  CG2 B THR A 1 66 ? -7.092  -2.922  -11.855 0.50 14.66 ? 66  THR A CG2 1 
ATOM   536 N  N   A MET A 1 67 ? -5.089  -3.764  -8.916  0.50 8.27  ? 67  MET A N   1 
ATOM   537 N  N   B MET A 1 67 ? -4.790  -3.647  -8.724  0.50 7.50  ? 67  MET A N   1 
ATOM   538 C  CA  A MET A 1 67 ? -4.789  -5.134  -8.507  0.50 8.81  ? 67  MET A CA  1 
ATOM   539 C  CA  B MET A 1 67 ? -4.339  -4.961  -8.275  0.50 8.83  ? 67  MET A CA  1 
ATOM   540 C  C   A MET A 1 67 ? -5.621  -5.557  -7.306  0.50 11.44 ? 67  MET A C   1 
ATOM   541 C  C   B MET A 1 67 ? -5.170  -5.487  -7.108  0.50 5.56  ? 67  MET A C   1 
ATOM   542 O  O   A MET A 1 67 ? -5.733  -6.749  -7.021  0.50 15.48 ? 67  MET A O   1 
ATOM   543 O  O   B MET A 1 67 ? -5.117  -6.674  -6.790  0.50 5.62  ? 67  MET A O   1 
ATOM   544 C  CB  A MET A 1 67 ? -3.310  -5.269  -8.158  0.50 10.32 ? 67  MET A CB  1 
ATOM   545 C  CB  B MET A 1 67 ? -2.859  -4.921  -7.889  0.50 8.76  ? 67  MET A CB  1 
ATOM   546 C  CG  A MET A 1 67 ? -2.382  -5.086  -9.331  0.50 11.71 ? 67  MET A CG  1 
ATOM   547 C  CG  B MET A 1 67 ? -1.928  -4.553  -9.032  0.50 13.25 ? 67  MET A CG  1 
ATOM   548 S  SD  A MET A 1 67 ? -0.736  -5.676  -8.929  0.50 10.54 ? 67  MET A SD  1 
ATOM   549 S  SD  B MET A 1 67 ? -1.735  -5.892  -10.224 0.50 15.77 ? 67  MET A SD  1 
ATOM   550 C  CE  A MET A 1 67 ? 0.068   -5.487  -10.514 0.50 9.24  ? 67  MET A CE  1 
ATOM   551 C  CE  B MET A 1 67 ? -1.270  -7.238  -9.141  0.50 11.27 ? 67  MET A CE  1 
ATOM   552 N  N   . LEU A 1 68 ? -5.890  -4.589  -6.440  1.00 7.07  ? 68  LEU A N   1 
ATOM   553 C  CA  . LEU A 1 68 ? -6.411  -4.870  -5.111  1.00 7.20  ? 68  LEU A CA  1 
ATOM   554 C  C   . LEU A 1 68 ? -7.936  -5.003  -5.081  1.00 7.31  ? 68  LEU A C   1 
ATOM   555 O  O   . LEU A 1 68 ? -8.528  -5.133  -4.011  1.00 8.18  ? 68  LEU A O   1 
ATOM   556 C  CB  . LEU A 1 68 ? -5.954  -3.791  -4.122  1.00 6.11  ? 68  LEU A CB  1 
ATOM   557 C  CG  . LEU A 1 68 ? -4.443  -3.566  -4.031  1.00 7.13  ? 68  LEU A CG  1 
ATOM   558 C  CD1 . LEU A 1 68 ? -4.132  -2.471  -3.028  1.00 6.99  ? 68  LEU A CD1 1 
ATOM   559 C  CD2 . LEU A 1 68 ? -3.717  -4.857  -3.672  1.00 8.07  ? 68  LEU A CD2 1 
ATOM   560 N  N   A LYS A 1 69 ? -8.566  -4.964  -6.252  0.50 9.03  ? 69  LYS A N   1 
ATOM   561 N  N   B LYS A 1 69 ? -8.566  -4.909  -6.248  0.50 7.45  ? 69  LYS A N   1 
ATOM   562 C  CA  A LYS A 1 69 ? -10.025 -4.890  -6.334  0.50 8.74  ? 69  LYS A CA  1 
ATOM   563 C  CA  B LYS A 1 69 ? -10.024 -4.889  -6.328  0.50 8.18  ? 69  LYS A CA  1 
ATOM   564 C  C   A LYS A 1 69 ? -10.704 -6.241  -6.106  0.50 7.68  ? 69  LYS A C   1 
ATOM   565 C  C   B LYS A 1 69 ? -10.665 -6.198  -5.869  0.50 7.72  ? 69  LYS A C   1 
ATOM   566 O  O   A LYS A 1 69 ? -11.930 -6.321  -6.026  0.50 10.29 ? 69  LYS A O   1 
ATOM   567 O  O   B LYS A 1 69 ? -11.838 -6.225  -5.496  0.50 8.75  ? 69  LYS A O   1 
ATOM   568 C  CB  A LYS A 1 69 ? -10.465 -4.298  -7.675  0.50 9.17  ? 69  LYS A CB  1 
ATOM   569 C  CB  B LYS A 1 69 ? -10.482 -4.545  -7.747  0.50 7.80  ? 69  LYS A CB  1 
ATOM   570 C  CG  A LYS A 1 69 ? -9.923  -2.902  -7.948  0.50 8.38  ? 69  LYS A CG  1 
ATOM   571 C  CG  B LYS A 1 69 ? -10.307 -3.080  -8.108  0.50 8.27  ? 69  LYS A CG  1 
ATOM   572 C  CD  A LYS A 1 69 ? -10.545 -1.867  -7.024  0.50 7.74  ? 69  LYS A CD  1 
ATOM   573 C  CD  B LYS A 1 69 ? -10.704 -2.818  -9.548  0.50 13.72 ? 69  LYS A CD  1 
ATOM   574 C  CE  A LYS A 1 69 ? -10.259 -0.459  -7.514  0.50 6.40  ? 69  LYS A CE  1 
ATOM   575 C  CE  B LYS A 1 69 ? -10.625 -1.337  -9.879  0.50 13.00 ? 69  LYS A CE  1 
ATOM   576 N  NZ  A LYS A 1 69 ? -10.184 0.507   -6.389  0.50 6.72  ? 69  LYS A NZ  1 
ATOM   577 N  NZ  B LYS A 1 69 ? -11.380 -0.505  -8.899  0.50 12.58 ? 69  LYS A NZ  1 
ATOM   578 N  N   . GLY A 1 70 ? -9.901  -7.285  -5.923  1.00 7.74  ? 70  GLY A N   1 
ATOM   579 C  CA  . GLY A 1 70 ? -10.415 -8.597  -5.549  1.00 7.73  ? 70  GLY A CA  1 
ATOM   580 C  C   . GLY A 1 70 ? -10.327 -8.885  -4.064  1.00 6.87  ? 70  GLY A C   1 
ATOM   581 O  O   . GLY A 1 70 ? -10.691 -9.972  -3.618  1.00 8.67  ? 70  GLY A O   1 
ATOM   582 N  N   . LEU A 1 71 ? -9.799  -7.929  -3.304  1.00 6.70  ? 71  LEU A N   1 
ATOM   583 C  CA  . LEU A 1 71 ? -9.580  -8.112  -1.870  1.00 6.58  ? 71  LEU A CA  1 
ATOM   584 C  C   . LEU A 1 71 ? -10.789 -7.663  -1.063  1.00 6.64  ? 71  LEU A C   1 
ATOM   585 O  O   . LEU A 1 71 ? -11.374 -6.615  -1.333  1.00 7.67  ? 71  LEU A O   1 
ATOM   586 C  CB  . LEU A 1 71 ? -8.347  -7.338  -1.405  1.00 7.00  ? 71  LEU A CB  1 
ATOM   587 C  CG  . LEU A 1 71 ? -7.024  -7.736  -2.052  1.00 7.87  ? 71  LEU A CG  1 
ATOM   588 C  CD1 . LEU A 1 71 ? -5.885  -6.945  -1.437  1.00 10.63 ? 71  LEU A CD1 1 
ATOM   589 C  CD2 . LEU A 1 71 ? -6.773  -9.228  -1.918  1.00 9.23  ? 71  LEU A CD2 1 
ATOM   590 N  N   . SER A 1 72 ? -11.081 -8.397  0.003   1.00 6.26  ? 72  SER A N   1 
ATOM   591 C  CA  . SER A 1 72 ? -12.052 -7.949  0.990   1.00 6.91  ? 72  SER A CA  1 
ATOM   592 C  C   . SER A 1 72 ? -11.489 -6.784  1.794   1.00 7.40  ? 72  SER A C   1 
ATOM   593 O  O   . SER A 1 72 ? -10.275 -6.570  1.831   1.00 6.01  ? 72  SER A O   1 
ATOM   594 C  CB  . SER A 1 72 ? -12.396 -9.096  1.930   1.00 7.87  ? 72  SER A CB  1 
ATOM   595 O  OG  . SER A 1 72 ? -11.285 -9.385  2.760   1.00 7.35  ? 72  SER A OG  1 
ATOM   596 N  N   . ASP A 1 73 ? -12.353 -6.126  2.557   1.00 7.74  ? 73  ASP A N   1 
ATOM   597 C  CA  . ASP A 1 73 ? -11.897 -5.071  3.449   1.00 9.06  ? 73  ASP A CA  1 
ATOM   598 C  C   . ASP A 1 73 ? -10.959 -5.600  4.534   1.00 8.01  ? 73  ASP A C   1 
ATOM   599 O  O   . ASP A 1 73 ? -9.977  -4.949  4.885   1.00 7.68  ? 73  ASP A O   1 
ATOM   600 C  CB  . ASP A 1 73 ? -13.087 -4.337  4.070   1.00 11.15 ? 73  ASP A CB  1 
ATOM   601 C  CG  . ASP A 1 73 ? -13.766 -3.395  3.092   1.00 15.99 ? 73  ASP A CG  1 
ATOM   602 O  OD1 . ASP A 1 73 ? -13.233 -3.199  1.978   1.00 14.44 ? 73  ASP A OD1 1 
ATOM   603 O  OD2 . ASP A 1 73 ? -14.857 -2.885  3.420   1.00 22.22 ? 73  ASP A OD2 1 
ATOM   604 N  N   . ALA A 1 74 ? -11.201 -6.826  4.988   1.00 7.69  ? 74  ALA A N   1 
ATOM   605 C  CA  . ALA A 1 74 ? -10.305 -7.455  5.956   1.00 8.14  ? 74  ALA A CA  1 
ATOM   606 C  C   . ALA A 1 74 ? -8.923  -7.715  5.359   1.00 6.61  ? 74  ALA A C   1 
ATOM   607 O  O   . ALA A 1 74 ? -7.902  -7.565  6.032   1.00 6.72  ? 74  ALA A O   1 
ATOM   608 C  CB  . ALA A 1 74 ? -10.909 -8.744  6.483   1.00 10.21 ? 74  ALA A CB  1 
ATOM   609 N  N   . GLU A 1 75 ? -8.893  -8.120  4.096   1.00 5.60  ? 75  GLU A N   1 
ATOM   610 C  CA  . GLU A 1 75 ? -7.628  -8.349  3.408   1.00 5.00  ? 75  GLU A CA  1 
ATOM   611 C  C   . GLU A 1 75 ? -6.874  -7.052  3.143   1.00 5.01  ? 75  GLU A C   1 
ATOM   612 O  O   . GLU A 1 75 ? -5.657  -6.982  3.326   1.00 5.66  ? 75  GLU A O   1 
ATOM   613 C  CB  . GLU A 1 75 ? -7.849  -9.128  2.114   1.00 5.66  ? 75  GLU A CB  1 
ATOM   614 C  CG  . GLU A 1 75 ? -8.215  -10.572 2.373   1.00 7.59  ? 75  GLU A CG  1 
ATOM   615 C  CD  . GLU A 1 75 ? -8.649  -11.308 1.128   1.00 9.25  ? 75  GLU A CD  1 
ATOM   616 O  OE1 . GLU A 1 75 ? -9.330  -10.708 0.272   1.00 8.03  ? 75  GLU A OE1 1 
ATOM   617 O  OE2 . GLU A 1 75 ? -8.412  -12.531 1.071   1.00 17.42 ? 75  GLU A OE2 1 
ATOM   618 N  N   . LEU A 1 76 ? -7.607  -6.003  2.791   1.00 5.37  ? 76  LEU A N   1 
ATOM   619 C  CA  . LEU A 1 76 ? -7.000  -4.689  2.649   1.00 5.16  ? 76  LEU A CA  1 
ATOM   620 C  C   . LEU A 1 76 ? -6.418  -4.204  3.969   1.00 5.17  ? 76  LEU A C   1 
ATOM   621 O  O   . LEU A 1 76 ? -5.333  -3.627  4.003   1.00 5.62  ? 76  LEU A O   1 
ATOM   622 C  CB  . LEU A 1 76 ? -8.015  -3.678  2.120   1.00 6.21  ? 76  LEU A CB  1 
ATOM   623 C  CG  . LEU A 1 76 ? -8.415  -3.882  0.660   1.00 6.33  ? 76  LEU A CG  1 
ATOM   624 C  CD1 . LEU A 1 76 ? -9.695  -3.126  0.349   1.00 10.98 ? 76  LEU A CD1 1 
ATOM   625 C  CD2 . LEU A 1 76 ? -7.295  -3.449  -0.274  1.00 9.05  ? 76  LEU A CD2 1 
ATOM   626 N  N   . LYS A 1 77 ? -7.133  -4.460  5.059   1.00 5.12  ? 77  LYS A N   1 
ATOM   627 C  CA  . LYS A 1 77 ? -6.630  -4.121  6.381   1.00 6.38  ? 77  LYS A CA  1 
ATOM   628 C  C   . LYS A 1 77 ? -5.353  -4.890  6.714   1.00 5.65  ? 77  LYS A C   1 
ATOM   629 O  O   . LYS A 1 77 ? -4.399  -4.321  7.245   1.00 5.94  ? 77  LYS A O   1 
ATOM   630 C  CB  . LYS A 1 77 ? -7.693  -4.357  7.451   1.00 6.51  ? 77  LYS A CB  1 
ATOM   631 C  CG  . LYS A 1 77 ? -7.230  -3.977  8.841   1.00 9.13  ? 77  LYS A CG  1 
ATOM   632 C  CD  . LYS A 1 77 ? -8.315  -4.260  9.862   1.00 13.20 ? 77  LYS A CD  1 
ATOM   633 C  CE  . LYS A 1 77 ? -7.875  -3.866  11.262  1.00 20.32 ? 77  LYS A CE  1 
ATOM   634 N  NZ  . LYS A 1 77 ? -6.609  -4.541  11.662  1.00 25.39 ? 77  LYS A NZ  1 
ATOM   635 N  N   . ALA A 1 78 ? -5.321  -6.175  6.378   1.00 5.61  ? 78  ALA A N   1 
ATOM   636 C  CA  . ALA A 1 78 ? -4.123  -6.978  6.609   1.00 6.32  ? 78  ALA A CA  1 
ATOM   637 C  C   . ALA A 1 78 ? -2.928  -6.440  5.818   1.00 5.27  ? 78  ALA A C   1 
ATOM   638 O  O   . ALA A 1 78 ? -1.812  -6.377  6.328   1.00 5.34  ? 78  ALA A O   1 
ATOM   639 C  CB  . ALA A 1 78 ? -4.385  -8.437  6.267   1.00 7.82  ? 78  ALA A CB  1 
ATOM   640 N  N   . LEU A 1 79 ? -3.167  -6.060  4.568   1.00 5.31  ? 79  LEU A N   1 
ATOM   641 C  CA  . LEU A 1 79 ? -2.139  -5.439  3.741   1.00 4.92  ? 79  LEU A CA  1 
ATOM   642 C  C   . LEU A 1 79 ? -1.654  -4.119  4.345   1.00 4.60  ? 79  LEU A C   1 
ATOM   643 O  O   . LEU A 1 79 ? -0.450  -3.889  4.478   1.00 4.94  ? 79  LEU A O   1 
ATOM   644 C  CB  . LEU A 1 79 ? -2.685  -5.213  2.329   1.00 5.20  ? 79  LEU A CB  1 
ATOM   645 C  CG  . LEU A 1 79 ? -1.778  -4.492  1.335   1.00 5.35  ? 79  LEU A CG  1 
ATOM   646 C  CD1 . LEU A 1 79 ? -0.460  -5.225  1.160   1.00 6.67  ? 79  LEU A CD1 1 
ATOM   647 C  CD2 . LEU A 1 79 ? -2.490  -4.341  0.003   1.00 6.26  ? 79  LEU A CD2 1 
ATOM   648 N  N   . ALA A 1 80 ? -2.595  -3.302  4.805   1.00 4.82  ? 80  ALA A N   1 
ATOM   649 C  CA  . ALA A 1 80 ? -2.255  -2.063  5.490   1.00 4.61  ? 80  ALA A CA  1 
ATOM   650 C  C   . ALA A 1 80 ? -1.426  -2.318  6.745   1.00 4.73  ? 80  ALA A C   1 
ATOM   651 O  O   . ALA A 1 80 ? -0.422  -1.646  6.975   1.00 5.75  ? 80  ALA A O   1 
ATOM   652 C  CB  . ALA A 1 80 ? -3.510  -1.284  5.832   1.00 5.43  ? 80  ALA A CB  1 
ATOM   653 N  N   A ASP A 1 81 ? -1.763  -3.364  7.487   0.50 4.36  ? 81  ASP A N   1 
ATOM   654 N  N   B ASP A 1 81 ? -1.934  -3.195  7.610   0.50 6.78  ? 81  ASP A N   1 
ATOM   655 C  CA  A ASP A 1 81 ? -1.098  -3.603  8.760   0.50 6.25  ? 81  ASP A CA  1 
ATOM   656 C  CA  B ASP A 1 81 ? -1.171  -3.713  8.746   0.50 7.11  ? 81  ASP A CA  1 
ATOM   657 C  C   A ASP A 1 81 ? 0.292   -4.198  8.563   0.50 5.09  ? 81  ASP A C   1 
ATOM   658 C  C   B ASP A 1 81 ? 0.286   -3.942  8.360   0.50 4.37  ? 81  ASP A C   1 
ATOM   659 O  O   A ASP A 1 81 ? 1.224   -3.852  9.291   0.50 4.54  ? 81  ASP A O   1 
ATOM   660 O  O   B ASP A 1 81 ? 1.197   -3.489  9.053   0.50 4.90  ? 81  ASP A O   1 
ATOM   661 C  CB  A ASP A 1 81 ? -1.950  -4.492  9.663   0.50 5.68  ? 81  ASP A CB  1 
ATOM   662 C  CB  B ASP A 1 81 ? -1.770  -5.037  9.238   0.50 7.89  ? 81  ASP A CB  1 
ATOM   663 C  CG  A ASP A 1 81 ? -3.162  -3.768  10.219  0.50 8.29  ? 81  ASP A CG  1 
ATOM   664 C  CG  B ASP A 1 81 ? -3.129  -4.866  9.899   0.50 7.39  ? 81  ASP A CG  1 
ATOM   665 O  OD1 A ASP A 1 81 ? -4.157  -4.445  10.536  0.50 6.52  ? 81  ASP A OD1 1 
ATOM   666 O  OD1 B ASP A 1 81 ? -3.811  -5.892  10.108  0.50 10.02 ? 81  ASP A OD1 1 
ATOM   667 O  OD2 A ASP A 1 81 ? -3.183  -2.518  10.183  0.50 7.75  ? 81  ASP A OD2 1 
ATOM   668 O  OD2 B ASP A 1 81 ? -3.451  -3.739  10.333  0.50 8.58  ? 81  ASP A OD2 1 
ATOM   669 N  N   . PHE A 1 82 ? 0.483   -4.878  7.436   1.00 5.20  ? 82  PHE A N   1 
ATOM   670 C  CA  . PHE A 1 82 ? 1.820   -5.295  7.033   1.00 6.45  ? 82  PHE A CA  1 
ATOM   671 C  C   . PHE A 1 82 ? 2.693   -4.091  6.688   1.00 4.79  ? 82  PHE A C   1 
ATOM   672 O  O   . PHE A 1 82 ? 3.831   -3.982  7.140   1.00 5.65  ? 82  PHE A O   1 
ATOM   673 C  CB  . PHE A 1 82 ? 1.761   -6.266  5.849   1.00 6.07  ? 82  PHE A CB  1 
ATOM   674 C  CG  . PHE A 1 82 ? 3.109   -6.582  5.261   1.00 7.04  ? 82  PHE A CG  1 
ATOM   675 C  CD1 . PHE A 1 82 ? 4.012   -7.370  5.954   1.00 9.34  ? 82  PHE A CD1 1 
ATOM   676 C  CD2 . PHE A 1 82 ? 3.507   -6.007  4.067   1.00 8.51  ? 82  PHE A CD2 1 
ATOM   677 C  CE1 . PHE A 1 82 ? 5.277   -7.606  5.448   1.00 11.50 ? 82  PHE A CE1 1 
ATOM   678 C  CE2 . PHE A 1 82 ? 4.758   -6.262  3.543   1.00 10.40 ? 82  PHE A CE2 1 
ATOM   679 C  CZ  . PHE A 1 82 ? 5.640   -7.066  4.234   1.00 12.56 ? 82  PHE A CZ  1 
ATOM   680 N  N   . ILE A 1 83 ? 2.151   -3.168  5.906   1.00 4.91  ? 83  ILE A N   1 
ATOM   681 C  CA  . ILE A 1 83 ? 2.881   -1.950  5.592   1.00 4.72  ? 83  ILE A CA  1 
ATOM   682 C  C   . ILE A 1 83 ? 3.235   -1.195  6.872   1.00 4.17  ? 83  ILE A C   1 
ATOM   683 O  O   . ILE A 1 83 ? 4.398   -0.870  7.109   1.00 4.73  ? 83  ILE A O   1 
ATOM   684 C  CB  . ILE A 1 83 ? 2.083   -1.044  4.633   1.00 5.38  ? 83  ILE A CB  1 
ATOM   685 C  CG1 . ILE A 1 83 ? 1.914   -1.733  3.275   1.00 5.60  ? 83  ILE A CG1 1 
ATOM   686 C  CG2 . ILE A 1 83 ? 2.772   0.303   4.477   1.00 7.12  ? 83  ILE A CG2 1 
ATOM   687 C  CD1 . ILE A 1 83 ? 0.876   -1.083  2.379   1.00 7.94  ? 83  ILE A CD1 1 
ATOM   688 N  N   . LEU A 1 84 ? 2.244   -0.997  7.732   1.00 4.27  ? 84  LEU A N   1 
ATOM   689 C  CA  . LEU A 1 84 ? 2.397   -0.221  8.955   1.00 4.31  ? 84  LEU A CA  1 
ATOM   690 C  C   . LEU A 1 84 ? 3.404   -0.817  9.925   1.00 4.82  ? 84  LEU A C   1 
ATOM   691 O  O   . LEU A 1 84 ? 3.989   -0.097  10.733  1.00 6.09  ? 84  LEU A O   1 
ATOM   692 C  CB  . LEU A 1 84 ? 1.047   -0.038  9.639   1.00 4.80  ? 84  LEU A CB  1 
ATOM   693 C  CG  . LEU A 1 84 ? 0.094   0.916   8.918   1.00 5.25  ? 84  LEU A CG  1 
ATOM   694 C  CD1 . LEU A 1 84 ? -1.334  0.702   9.373   1.00 7.06  ? 84  LEU A CD1 1 
ATOM   695 C  CD2 . LEU A 1 84 ? 0.520   2.360   9.141   1.00 7.15  ? 84  LEU A CD2 1 
ATOM   696 N  N   . SER A 1 85 ? 3.645   -2.117  9.809   1.00 5.26  ? 85  SER A N   1 
ATOM   697 C  CA  . SER A 1 85 ? 4.554   -2.809  10.715  1.00 6.08  ? 85  SER A CA  1 
ATOM   698 C  C   . SER A 1 85 ? 6.014   -2.409  10.507  1.00 7.18  ? 85  SER A C   1 
ATOM   699 O  O   . SER A 1 85 ? 6.874   -2.793  11.293  1.00 8.90  ? 85  SER A O   1 
ATOM   700 C  CB  . SER A 1 85 ? 4.399   -4.323  10.582  1.00 7.15  ? 85  SER A CB  1 
ATOM   701 O  OG  . SER A 1 85 ? 5.012   -4.797  9.395   1.00 8.20  ? 85  SER A OG  1 
ATOM   702 N  N   . HIS A 1 86 ? 6.290   -1.673  9.433   1.00 6.46  ? 86  HIS A N   1 
ATOM   703 C  CA  . HIS A 1 86 ? 7.659   -1.301  9.074   1.00 8.05  ? 86  HIS A CA  1 
ATOM   704 C  C   . HIS A 1 86 ? 8.089   0.025   9.694   1.00 10.44 ? 86  HIS A C   1 
ATOM   705 O  O   . HIS A 1 86 ? 9.126   0.577   9.316   1.00 16.05 ? 86  HIS A O   1 
ATOM   706 C  CB  . HIS A 1 86 ? 7.808   -1.210  7.555   1.00 8.51  ? 86  HIS A CB  1 
ATOM   707 C  CG  . HIS A 1 86 ? 7.686   -2.527  6.857   1.00 7.14  ? 86  HIS A CG  1 
ATOM   708 N  ND1 . HIS A 1 86 ? 6.469   -3.099  6.558   1.00 7.70  ? 86  HIS A ND1 1 
ATOM   709 C  CD2 . HIS A 1 86 ? 8.627   -3.417  6.465   1.00 8.97  ? 86  HIS A CD2 1 
ATOM   710 C  CE1 . HIS A 1 86 ? 6.664   -4.311  6.071   1.00 9.68  ? 86  HIS A CE1 1 
ATOM   711 N  NE2 . HIS A 1 86 ? 7.965   -4.511  5.963   1.00 10.12 ? 86  HIS A NE2 1 
HETATM 712 FE FE  . HEC B 2 .  ? 3.075   1.930   -4.525  1.00 2.97  ? 200 HEC A FE  1 
HETATM 713 C  CHA . HEC B 2 .  ? 3.197   5.097   -3.187  1.00 3.68  ? 200 HEC A CHA 1 
HETATM 714 C  CHB . HEC B 2 .  ? 1.278   0.881   -1.840  1.00 3.64  ? 200 HEC A CHB 1 
HETATM 715 C  CHC . HEC B 2 .  ? 2.845   -1.191  -5.908  1.00 3.90  ? 200 HEC A CHC 1 
HETATM 716 C  CHD . HEC B 2 .  ? 5.014   2.923   -7.142  1.00 3.98  ? 200 HEC A CHD 1 
HETATM 717 N  NA  . HEC B 2 .  ? 2.339   2.832   -2.868  1.00 3.65  ? 200 HEC A NA  1 
HETATM 718 C  C1A . HEC B 2 .  ? 2.523   4.141   -2.482  1.00 3.13  ? 200 HEC A C1A 1 
HETATM 719 C  C2A . HEC B 2 .  ? 1.904   4.341   -1.199  1.00 3.40  ? 200 HEC A C2A 1 
HETATM 720 C  C3A . HEC B 2 .  ? 1.355   3.180   -0.837  1.00 3.36  ? 200 HEC A C3A 1 
HETATM 721 C  C4A . HEC B 2 .  ? 1.628   2.209   -1.871  1.00 3.24  ? 200 HEC A C4A 1 
HETATM 722 C  CMA . HEC B 2 .  ? 0.528   2.898   0.425   1.00 4.38  ? 200 HEC A CMA 1 
HETATM 723 C  CAA . HEC B 2 .  ? 1.821   5.695   -0.474  1.00 3.64  ? 200 HEC A CAA 1 
HETATM 724 C  CBA . HEC B 2 .  ? 0.575   6.450   -0.923  1.00 4.10  ? 200 HEC A CBA 1 
HETATM 725 C  CGA . HEC B 2 .  ? 0.596   7.870   -0.408  1.00 4.00  ? 200 HEC A CGA 1 
HETATM 726 O  O1A . HEC B 2 .  ? 1.393   8.689   -0.929  1.00 4.38  ? 200 HEC A O1A 1 
HETATM 727 O  O2A . HEC B 2 .  ? -0.187  8.201   0.517   1.00 4.43  ? 200 HEC A O2A 1 
HETATM 728 N  NB  . HEC B 2 .  ? 2.230   0.194   -3.982  1.00 3.85  ? 200 HEC A NB  1 
HETATM 729 C  C1B . HEC B 2 .  ? 1.527   -0.042  -2.821  1.00 3.50  ? 200 HEC A C1B 1 
HETATM 730 C  C2B . HEC B 2 .  ? 1.040   -1.402  -2.835  1.00 4.10  ? 200 HEC A C2B 1 
HETATM 731 C  C3B . HEC B 2 .  ? 1.413   -1.950  -3.996  1.00 3.93  ? 200 HEC A C3B 1 
HETATM 732 C  C4B . HEC B 2 .  ? 2.203   -0.976  -4.713  1.00 3.08  ? 200 HEC A C4B 1 
HETATM 733 C  CMB . HEC B 2 .  ? 0.249   -2.057  -1.686  1.00 5.49  ? 200 HEC A CMB 1 
HETATM 734 C  CAB . HEC B 2 .  ? 1.123   -3.373  -4.510  1.00 5.55  ? 200 HEC A CAB 1 
HETATM 735 C  CBB . HEC B 2 .  ? -0.389  -3.538  -4.760  1.00 6.24  ? 200 HEC A CBB 1 
HETATM 736 N  NC  . HEC B 2 .  ? 3.820   1.033   -6.174  1.00 3.83  ? 200 HEC A NC  1 
HETATM 737 C  C1C . HEC B 2 .  ? 3.664   -0.289  -6.533  1.00 3.52  ? 200 HEC A C1C 1 
HETATM 738 C  C2C . HEC B 2 .  ? 4.450   -0.548  -7.717  1.00 4.35  ? 200 HEC A C2C 1 
HETATM 739 C  C3C . HEC B 2 .  ? 5.046   0.599   -8.057  1.00 4.21  ? 200 HEC A C3C 1 
HETATM 740 C  C4C . HEC B 2 .  ? 4.641   1.608   -7.111  1.00 3.74  ? 200 HEC A C4C 1 
HETATM 741 C  CMC . HEC B 2 .  ? 4.627   -1.931  -8.371  1.00 5.60  ? 200 HEC A CMC 1 
HETATM 742 C  CAC . HEC B 2 .  ? 6.153   0.812   -9.107  1.00 5.24  ? 200 HEC A CAC 1 
HETATM 743 C  CBC . HEC B 2 .  ? 5.626   0.472   -10.514 1.00 7.04  ? 200 HEC A CBC 1 
HETATM 744 N  ND  . HEC B 2 .  ? 3.912   3.703   -5.082  1.00 3.95  ? 200 HEC A ND  1 
HETATM 745 C  C1D . HEC B 2 .  ? 4.651   3.886   -6.240  1.00 3.54  ? 200 HEC A C1D 1 
HETATM 746 C  C2D . HEC B 2 .  ? 5.024   5.264   -6.361  1.00 4.98  ? 200 HEC A C2D 1 
HETATM 747 C  C3D . HEC B 2 .  ? 4.505   5.933   -5.115  1.00 4.26  ? 200 HEC A C3D 1 
HETATM 748 C  C4D . HEC B 2 .  ? 3.830   4.899   -4.383  1.00 3.75  ? 200 HEC A C4D 1 
HETATM 749 C  CMD . HEC B 2 .  ? 5.818   5.919   -7.494  1.00 5.43  ? 200 HEC A CMD 1 
HETATM 750 C  CAD . HEC B 2 .  ? 4.600   7.427   -4.791  1.00 4.41  ? 200 HEC A CAD 1 
HETATM 751 C  CBD . HEC B 2 .  ? 3.316   8.129   -5.214  1.00 4.28  ? 200 HEC A CBD 1 
HETATM 752 C  CGD . HEC B 2 .  ? 2.339   8.142   -4.069  1.00 4.23  ? 200 HEC A CGD 1 
HETATM 753 O  O1D . HEC B 2 .  ? 2.772   8.485   -2.937  1.00 4.07  ? 200 HEC A O1D 1 
HETATM 754 O  O2D . HEC B 2 .  ? 1.146   7.800   -4.276  1.00 5.02  ? 200 HEC A O2D 1 
HETATM 755 O  O   . HOH C 3 .  ? -8.895  -14.440 -0.515  1.00 21.03 ? 88  HOH A O   1 
HETATM 756 O  O   . HOH C 3 .  ? 0.481   -16.880 3.766   1.00 30.00 ? 89  HOH A O   1 
HETATM 757 O  O   . HOH C 3 .  ? 8.154   -8.859  2.115   1.00 28.86 ? 90  HOH A O   1 
HETATM 758 O  O   . HOH C 3 .  ? -13.171 4.412   6.681   1.00 26.07 ? 91  HOH A O   1 
HETATM 759 O  O   . HOH C 3 .  ? -1.121  -11.501 -8.587  1.00 19.68 ? 92  HOH A O   1 
HETATM 760 O  O   . HOH C 3 .  ? 12.287  7.247   5.770   1.00 28.02 ? 93  HOH A O   1 
HETATM 761 O  O   . HOH C 3 .  ? 14.422  6.002   7.172   1.00 27.99 ? 94  HOH A O   1 
HETATM 762 O  O   . HOH C 3 .  ? -4.277  9.003   2.057   1.00 7.32  ? 95  HOH A O   1 
HETATM 763 O  O   . HOH C 3 .  ? 11.263  1.538   -2.261  1.00 6.16  ? 96  HOH A O   1 
HETATM 764 O  O   . HOH C 3 .  ? 5.776   10.775  8.556   1.00 16.01 ? 97  HOH A O   1 
HETATM 765 O  O   . HOH C 3 .  ? 15.087  3.037   -7.675  1.00 28.73 ? 98  HOH A O   1 
HETATM 766 O  O   . HOH C 3 .  ? 14.711  0.207   -8.216  1.00 26.68 ? 99  HOH A O   1 
HETATM 767 O  O   . HOH C 3 .  ? -4.250  12.605  7.024   1.00 25.17 ? 100 HOH A O   1 
HETATM 768 O  O   . HOH C 3 .  ? -2.169  14.191  -3.304  1.00 10.32 ? 101 HOH A O   1 
HETATM 769 O  O   . HOH C 3 .  ? 10.384  9.667   -11.345 1.00 25.87 ? 102 HOH A O   1 
HETATM 770 O  O   . HOH C 3 .  ? -3.078  -8.782  9.702   1.00 23.42 ? 103 HOH A O   1 
HETATM 771 O  O   . HOH C 3 .  ? 10.381  5.829   10.303  1.00 28.30 ? 104 HOH A O   1 
HETATM 772 O  O   . HOH C 3 .  ? 17.784  -2.534  5.702   1.00 22.18 ? 105 HOH A O   1 
HETATM 773 O  O   . HOH C 3 .  ? 17.129  4.517   -4.401  1.00 25.46 ? 106 HOH A O   1 
HETATM 774 O  O   . HOH C 3 .  ? -9.759  8.025   8.962   1.00 26.76 ? 107 HOH A O   1 
HETATM 775 O  O   . HOH C 3 .  ? 1.452   15.078  3.179   1.00 23.16 ? 108 HOH A O   1 
HETATM 776 O  O   . HOH C 3 .  ? -2.202  -9.590  -9.665  1.00 29.96 ? 109 HOH A O   1 
HETATM 777 O  O   . HOH C 3 .  ? 13.972  9.811   -1.427  1.00 15.49 ? 110 HOH A O   1 
HETATM 778 O  O   . HOH C 3 .  ? 12.281  7.716   -4.283  1.00 18.65 ? 111 HOH A O   1 
HETATM 779 O  O   . HOH C 3 .  ? -10.364 5.491   14.319  1.00 29.38 ? 112 HOH A O   1 
HETATM 780 O  O   . HOH C 3 .  ? -1.250  7.160   -5.821  1.00 6.52  ? 113 HOH A O   1 
HETATM 781 O  O   . HOH C 3 .  ? -12.774 -1.105  6.483   1.00 36.24 ? 114 HOH A O   1 
HETATM 782 O  O   . HOH C 3 .  ? -14.098 -0.854  -8.236  1.00 23.24 ? 115 HOH A O   1 
HETATM 783 O  O   . HOH C 3 .  ? -1.451  16.800  -2.934  1.00 25.03 ? 116 HOH A O   1 
HETATM 784 O  O   . HOH C 3 .  ? -5.870  6.364   -3.720  1.00 6.68  ? 117 HOH A O   1 
HETATM 785 O  O   . HOH C 3 .  ? 4.232   -14.836 3.731   1.00 27.40 ? 118 HOH A O   1 
HETATM 786 O  O   . HOH C 3 .  ? 6.046   -9.839  0.905   1.00 29.05 ? 119 HOH A O   1 
HETATM 787 O  O   . HOH C 3 .  ? 9.747   -4.996  0.029   1.00 15.97 ? 120 HOH A O   1 
HETATM 788 O  O   . HOH C 3 .  ? -1.468  -15.682 3.599   1.00 30.00 ? 121 HOH A O   1 
HETATM 789 O  O   . HOH C 3 .  ? -6.507  -13.950 2.694   1.00 30.00 ? 122 HOH A O   1 
HETATM 790 O  O   . HOH C 3 .  ? -3.595  -15.087 9.487   1.00 30.67 ? 123 HOH A O   1 
HETATM 791 O  O   . HOH C 3 .  ? -1.128  -8.212  8.136   1.00 25.97 ? 124 HOH A O   1 
HETATM 792 O  O   . HOH C 3 .  ? -11.042 -11.775 -1.451  1.00 13.03 ? 125 HOH A O   1 
HETATM 793 O  O   . HOH C 3 .  ? 12.004  -5.422  -9.289  1.00 20.27 ? 126 HOH A O   1 
HETATM 794 O  O   . HOH C 3 .  ? 12.700  5.939   3.299   1.00 16.40 ? 127 HOH A O   1 
HETATM 795 O  O   . HOH C 3 .  ? 15.678  6.033   1.084   1.00 21.57 ? 128 HOH A O   1 
HETATM 796 O  O   . HOH C 3 .  ? -12.615 0.036   -4.753  1.00 21.17 ? 129 HOH A O   1 
HETATM 797 O  O   . HOH C 3 .  ? -8.060  -0.727  -4.983  1.00 6.80  ? 130 HOH A O   1 
HETATM 798 O  O   . HOH C 3 .  ? 1.226   2.487   13.188  0.50 17.32 ? 131 HOH A O   1 
HETATM 799 O  O   . HOH C 3 .  ? -0.233  0.659   13.188  1.00 20.59 ? 132 HOH A O   1 
HETATM 800 O  O   . HOH C 3 .  ? -2.912  -12.094 -2.922  1.00 23.21 ? 133 HOH A O   1 
HETATM 801 O  O   . HOH C 3 .  ? 2.170   -4.142  -7.608  1.00 8.32  ? 134 HOH A O   1 
HETATM 802 O  O   . HOH C 3 .  ? -13.978 1.959   -3.132  1.00 24.57 ? 135 HOH A O   1 
HETATM 803 O  O   . HOH C 3 .  ? -4.048  5.497   -14.640 1.00 15.57 ? 136 HOH A O   1 
HETATM 804 O  O   . HOH C 3 .  ? -1.224  -9.924  8.008   1.00 21.12 ? 137 HOH A O   1 
HETATM 805 O  O   . HOH C 3 .  ? -6.972  -11.081 -5.250  1.00 19.69 ? 138 HOH A O   1 
HETATM 806 O  O   . HOH C 3 .  ? 6.074   14.582  -4.117  1.00 14.19 ? 139 HOH A O   1 
HETATM 807 O  O   . HOH C 3 .  ? -7.202  -8.157  -5.691  1.00 12.05 ? 140 HOH A O   1 
HETATM 808 O  O   . HOH C 3 .  ? 17.723  -0.199  -3.531  1.00 19.85 ? 141 HOH A O   1 
HETATM 809 O  O   . HOH C 3 .  ? -10.847 -2.822  6.317   1.00 26.48 ? 142 HOH A O   1 
HETATM 810 O  O   . HOH C 3 .  ? -7.582  4.525   11.612  1.00 18.80 ? 143 HOH A O   1 
HETATM 811 O  O   . HOH C 3 .  ? -13.946 -7.948  4.977   1.00 12.84 ? 144 HOH A O   1 
HETATM 812 O  O   . HOH C 3 .  ? 10.705  7.909   -7.305  1.00 26.25 ? 145 HOH A O   1 
HETATM 813 O  O   . HOH C 3 .  ? 6.217   -7.962  -3.983  1.00 14.12 ? 146 HOH A O   1 
HETATM 814 O  O   . HOH C 3 .  ? 7.681   -5.876  9.428   1.00 27.14 ? 147 HOH A O   1 
HETATM 815 O  O   . HOH C 3 .  ? 9.400   -6.410  4.703   1.00 20.13 ? 148 HOH A O   1 
HETATM 816 O  O   . HOH C 3 .  ? 6.813   -4.717  13.443  1.00 28.83 ? 149 HOH A O   1 
HETATM 817 O  O   . HOH C 3 .  ? 5.815   -7.286  12.939  1.00 32.71 ? 150 HOH A O   1 
HETATM 818 O  O   . HOH C 3 .  ? -9.166  -4.768  -11.186 1.00 21.72 ? 151 HOH A O   1 
HETATM 819 O  O   . HOH C 3 .  ? 8.146   12.093  -0.496  1.00 21.09 ? 152 HOH A O   1 
HETATM 820 O  O   . HOH C 3 .  ? -4.108  6.911   -5.900  1.00 7.97  ? 153 HOH A O   1 
HETATM 821 O  O   . HOH C 3 .  ? 5.630   -10.592 -7.618  1.00 20.79 ? 154 HOH A O   1 
HETATM 822 O  O   . HOH C 3 .  ? 3.392   -5.773  13.566  1.00 26.42 ? 155 HOH A O   1 
HETATM 823 O  O   . HOH C 3 .  ? -7.146  -9.304  -9.437  1.00 31.71 ? 156 HOH A O   1 
HETATM 824 O  O   . HOH C 3 .  ? 12.435  13.334  0.725   1.00 24.22 ? 157 HOH A O   1 
HETATM 825 O  O   . HOH C 3 .  ? 16.469  8.838   -2.427  1.00 27.55 ? 158 HOH A O   1 
HETATM 826 O  O   . HOH C 3 .  ? -8.949  10.810  -2.793  1.00 28.51 ? 159 HOH A O   1 
HETATM 827 O  O   . HOH C 3 .  ? -11.194 12.602  -1.150  1.00 30.00 ? 160 HOH A O   1 
HETATM 828 O  O   . HOH C 3 .  ? 15.800  3.990   5.876   1.00 12.29 ? 161 HOH A O   1 
HETATM 829 O  O   . HOH C 3 .  ? -3.967  15.435  1.657   1.00 11.62 ? 162 HOH A O   1 
HETATM 830 O  O   . HOH C 3 .  ? -7.628  -8.061  8.700   1.00 13.79 ? 163 HOH A O   1 
HETATM 831 O  O   . HOH C 3 .  ? -4.642  -9.061  -8.551  1.00 16.18 ? 164 HOH A O   1 
HETATM 832 O  O   . HOH C 3 .  ? 19.184  -0.795  7.216   1.00 18.70 ? 165 HOH A O   1 
HETATM 833 O  O   . HOH C 3 .  ? 3.210   2.519   11.418  1.00 11.16 ? 166 HOH A O   1 
HETATM 834 O  O   . HOH C 3 .  ? -4.821  15.288  -3.736  1.00 18.20 ? 167 HOH A O   1 
HETATM 835 O  O   . HOH C 3 .  ? -1.656  15.199  0.124   1.00 12.69 ? 168 HOH A O   1 
HETATM 836 O  O   . HOH C 3 .  ? -4.962  9.386   -6.336  1.00 10.65 ? 169 HOH A O   1 
HETATM 837 O  O   . HOH C 3 .  ? 5.143   -6.002  -9.990  1.00 10.50 ? 170 HOH A O   1 
HETATM 838 O  O   . HOH C 3 .  ? 10.013  7.956   -2.672  1.00 15.25 ? 171 HOH A O   1 
HETATM 839 O  O   . HOH C 3 .  ? -2.525  7.428   -13.526 1.00 16.23 ? 172 HOH A O   1 
HETATM 840 O  O   . HOH C 3 .  ? 2.079   -17.730 0.661   1.00 20.56 ? 173 HOH A O   1 
HETATM 841 O  O   . HOH C 3 .  ? 8.240   7.677   -4.899  1.00 13.21 ? 174 HOH A O   1 
HETATM 842 O  O   . HOH C 3 .  ? -3.962  3.617   12.882  1.00 15.50 ? 175 HOH A O   1 
HETATM 843 O  O   . HOH C 3 .  ? -4.773  13.674  3.819   1.00 12.64 ? 176 HOH A O   1 
HETATM 844 O  O   . HOH C 3 .  ? 1.331   12.283  -10.295 1.00 10.71 ? 177 HOH A O   1 
HETATM 845 O  O   . HOH C 3 .  ? -12.914 -8.636  -7.963  1.00 24.67 ? 178 HOH A O   1 
HETATM 846 O  O   . HOH C 3 .  ? -7.236  7.235   9.393   1.00 16.37 ? 179 HOH A O   1 
HETATM 847 O  O   . HOH C 3 .  ? -6.431  9.861   8.871   1.00 22.17 ? 180 HOH A O   1 
HETATM 848 O  O   . HOH C 3 .  ? -7.462  13.843  3.809   1.00 15.44 ? 181 HOH A O   1 
HETATM 849 O  O   . HOH C 3 .  ? 0.680   9.804   10.919  1.00 17.96 ? 182 HOH A O   1 
HETATM 850 O  O   . HOH C 3 .  ? -15.128 1.386   0.633   1.00 24.83 ? 183 HOH A O   1 
HETATM 851 O  O   . HOH C 3 .  ? -8.252  -6.957  -8.736  1.00 20.35 ? 184 HOH A O   1 
HETATM 852 O  O   . HOH C 3 .  ? -13.293 -4.805  -0.387  1.00 13.96 ? 185 HOH A O   1 
HETATM 853 O  O   . HOH C 3 .  ? 12.543  -4.906  1.059   1.00 18.71 ? 186 HOH A O   1 
HETATM 854 O  O   . HOH C 3 .  ? 11.247  -1.306  7.904   1.00 20.76 ? 187 HOH A O   1 
HETATM 855 O  O   . HOH C 3 .  ? 9.532   9.843   -0.849  1.00 24.25 ? 188 HOH A O   1 
HETATM 856 O  O   . HOH C 3 .  ? -4.683  9.316   14.000  1.00 23.27 ? 189 HOH A O   1 
HETATM 857 O  O   . HOH C 3 .  ? -5.566  10.322  16.528  1.00 22.29 ? 190 HOH A O   1 
HETATM 858 O  O   . HOH C 3 .  ? -0.636  14.592  -7.214  1.00 16.31 ? 191 HOH A O   1 
HETATM 859 O  O   . HOH C 3 .  ? -14.094 -6.413  7.340   1.00 19.80 ? 192 HOH A O   1 
HETATM 860 O  O   . HOH C 3 .  ? -11.889 -5.543  8.520   1.00 20.11 ? 193 HOH A O   1 
HETATM 861 O  O   . HOH C 3 .  ? -6.694  -10.763 8.990   1.00 29.30 ? 194 HOH A O   1 
HETATM 862 O  O   . HOH C 3 .  ? -2.447  -6.326  13.044  1.00 20.01 ? 195 HOH A O   1 
HETATM 863 O  O   . HOH C 3 .  ? 12.225  -0.025  -7.340  1.00 28.62 ? 196 HOH A O   1 
HETATM 864 O  O   . HOH C 3 .  ? 0.666   11.809  7.577   1.00 21.25 ? 197 HOH A O   1 
HETATM 865 O  O   . HOH C 3 .  ? -8.661  11.200  3.229   1.00 22.62 ? 198 HOH A O   1 
HETATM 866 O  O   . HOH C 3 .  ? -5.442  10.522  -8.814  1.00 20.77 ? 199 HOH A O   1 
HETATM 867 O  O   . HOH C 3 .  ? 14.594  11.714  0.390   1.00 22.07 ? 201 HOH A O   1 
HETATM 868 O  O   . HOH C 3 .  ? 10.458  7.374   7.650   1.00 25.29 ? 202 HOH A O   1 
HETATM 869 O  O   . HOH C 3 .  ? 17.022  0.208   8.207   1.00 21.99 ? 203 HOH A O   1 
HETATM 870 O  O   . HOH C 3 .  ? 7.003   9.531   6.384   1.00 9.81  ? 204 HOH A O   1 
HETATM 871 O  O   . HOH C 3 .  ? -10.314 10.885  1.023   1.00 26.35 ? 205 HOH A O   1 
HETATM 872 O  O   . HOH C 3 .  ? -12.308 2.155   3.469   1.00 22.06 ? 206 HOH A O   1 
HETATM 873 O  O   . HOH C 3 .  ? -11.599 1.006   7.672   1.00 20.18 ? 207 HOH A O   1 
HETATM 874 O  O   . HOH C 3 .  ? -11.081 2.940   5.809   1.00 13.33 ? 208 HOH A O   1 
HETATM 875 O  O   . HOH C 3 .  ? 7.457   -8.644  -6.580  1.00 22.56 ? 209 HOH A O   1 
HETATM 876 O  O   . HOH C 3 .  ? 17.126  6.135   -2.064  1.00 18.85 ? 210 HOH A O   1 
HETATM 877 O  O   . HOH C 3 .  ? -10.124 -2.211  -3.625  1.00 22.88 ? 211 HOH A O   1 
HETATM 878 O  O   . HOH C 3 .  ? -10.511 -8.660  -9.337  1.00 23.50 ? 212 HOH A O   1 
HETATM 879 O  O   . HOH C 3 .  ? -10.071 -7.684  9.894   1.00 21.24 ? 213 HOH A O   1 
HETATM 880 O  O   . HOH C 3 .  ? -3.728  -17.109 4.521   1.00 20.67 ? 214 HOH A O   1 
HETATM 881 O  O   . HOH C 3 .  ? 15.272  -2.271  2.356   1.00 10.91 ? 215 HOH A O   1 
HETATM 882 O  O   . HOH C 3 .  ? 15.554  8.829   1.028   1.00 24.16 ? 216 HOH A O   1 
HETATM 883 O  O   . HOH C 3 .  ? -7.048  15.708  -2.270  1.00 17.97 ? 217 HOH A O   1 
HETATM 884 O  O   . HOH C 3 .  ? 1.469   -10.666 7.115   1.00 25.93 ? 218 HOH A O   1 
HETATM 885 O  O   . HOH C 3 .  ? -2.684  -14.498 0.956   1.00 22.12 ? 219 HOH A O   1 
HETATM 886 O  O   . HOH C 3 .  ? -13.137 -12.406 0.179   1.00 18.60 ? 220 HOH A O   1 
HETATM 887 O  O   . HOH C 3 .  ? 8.739   -6.370  1.936   1.00 25.24 ? 222 HOH A O   1 
HETATM 888 O  O   . HOH C 3 .  ? 10.240  -7.589  -6.152  1.00 21.01 ? 223 HOH A O   1 
HETATM 889 O  O   . HOH C 3 .  ? 9.986   12.358  1.839   1.00 18.51 ? 224 HOH A O   1 
HETATM 890 O  O   . HOH C 3 .  ? 11.823  11.170  -2.471  1.00 21.81 ? 225 HOH A O   1 
HETATM 891 O  O   . HOH C 3 .  ? -12.458 3.464   -5.596  1.00 15.69 ? 226 HOH A O   1 
HETATM 892 O  O   . HOH C 3 .  ? -8.515  11.932  7.262   1.00 21.38 ? 227 HOH A O   1 
HETATM 893 O  O   . HOH C 3 .  ? -9.776  10.799  9.336   1.00 30.52 ? 228 HOH A O   1 
HETATM 894 O  O   . HOH C 3 .  ? -5.497  12.980  -5.193  1.00 20.59 ? 229 HOH A O   1 
HETATM 895 O  O   . HOH C 3 .  ? -2.792  11.349  -9.882  1.00 22.65 ? 230 HOH A O   1 
HETATM 896 O  O   . HOH C 3 .  ? -11.183 -4.346  -2.978  1.00 18.89 ? 231 HOH A O   1 
HETATM 897 O  O   . HOH C 3 .  ? 3.654   -15.800 -0.753  1.00 24.01 ? 232 HOH A O   1 
HETATM 898 O  O   . HOH C 3 .  ? 7.631   -8.906  -1.711  1.00 24.43 ? 233 HOH A O   1 
HETATM 899 O  O   . HOH C 3 .  ? -8.967  -13.500 3.888   1.00 27.16 ? 234 HOH A O   1 
# 
loop_
_atom_site_anisotrop.id 
_atom_site_anisotrop.type_symbol 
_atom_site_anisotrop.pdbx_label_atom_id 
_atom_site_anisotrop.pdbx_label_alt_id 
_atom_site_anisotrop.pdbx_label_comp_id 
_atom_site_anisotrop.pdbx_label_asym_id 
_atom_site_anisotrop.pdbx_label_seq_id 
_atom_site_anisotrop.pdbx_PDB_ins_code 
_atom_site_anisotrop.U[1][1] 
_atom_site_anisotrop.U[2][2] 
_atom_site_anisotrop.U[3][3] 
_atom_site_anisotrop.U[1][2] 
_atom_site_anisotrop.U[1][3] 
_atom_site_anisotrop.U[2][3] 
_atom_site_anisotrop.pdbx_auth_seq_id 
_atom_site_anisotrop.pdbx_auth_comp_id 
_atom_site_anisotrop.pdbx_auth_asym_id 
_atom_site_anisotrop.pdbx_auth_atom_id 
1   N  N   A ALA A 1  ? 0.3802 0.3854 0.4073 0.0043  -0.0016 0.0140  1   ALA A N   
2   N  N   B ALA A 1  ? 0.3802 0.3854 0.4073 0.0043  -0.0016 0.0140  1   ALA A N   
3   C  CA  A ALA A 1  ? 0.2870 0.2278 0.3303 0.0294  -0.0254 0.0436  1   ALA A CA  
4   C  CA  B ALA A 1  ? 0.2870 0.2278 0.3303 0.0294  -0.0254 0.0436  1   ALA A CA  
5   C  C   A ALA A 1  ? 0.2056 0.1865 0.3106 0.0213  -0.0278 0.0110  1   ALA A C   
6   C  C   B ALA A 1  ? 0.2056 0.1865 0.3106 0.0213  -0.0278 0.0110  1   ALA A C   
7   O  O   A ALA A 1  ? 0.2672 0.2389 0.2883 -0.0170 -0.0178 0.0407  1   ALA A O   
8   O  O   B ALA A 1  ? 0.2672 0.2389 0.2883 -0.0170 -0.0178 0.0407  1   ALA A O   
9   C  CB  A ALA A 1  ? 0.3565 0.3640 0.3886 -0.0070 0.0043  0.0290  1   ALA A CB  
10  C  CB  B ALA A 1  ? 0.3565 0.3640 0.3886 -0.0070 0.0043  0.0290  1   ALA A CB  
11  N  N   . ASP A 2  ? 0.2345 0.2234 0.2851 -0.0114 0.0158  0.0351  2   ASP A N   
12  C  CA  . ASP A 2  ? 0.1760 0.1238 0.2210 -0.0275 0.0294  -0.0087 2   ASP A CA  
13  C  C   . ASP A 2  ? 0.1549 0.0921 0.1844 -0.0388 0.0415  -0.0195 2   ASP A C   
14  O  O   . ASP A 2  ? 0.1728 0.0988 0.1916 -0.0393 0.0293  -0.0319 2   ASP A O   
15  C  CB  . ASP A 2  ? 0.2039 0.1377 0.2340 -0.0376 0.0316  0.0193  2   ASP A CB  
16  C  CG  . ASP A 2  ? 0.0904 0.1279 0.1465 -0.0192 0.0097  0.0146  2   ASP A CG  
17  O  OD1 . ASP A 2  ? 0.2018 0.2337 0.2725 -0.0455 0.0400  0.0883  2   ASP A OD1 
18  O  OD2 . ASP A 2  ? 0.1990 0.1624 0.1453 -0.0089 -0.0079 0.0240  2   ASP A OD2 
19  N  N   . GLY A 3  ? 0.1469 0.0936 0.1408 -0.0153 0.0462  0.0031  3   GLY A N   
20  C  CA  . GLY A 3  ? 0.1059 0.0812 0.1441 0.0015  0.0016  0.0075  3   GLY A CA  
21  C  C   . GLY A 3  ? 0.0841 0.0784 0.1260 0.0012  -0.0021 -0.0103 3   GLY A C   
22  O  O   . GLY A 3  ? 0.1021 0.0762 0.1555 0.0173  0.0131  0.0237  3   GLY A O   
23  N  N   . LYS A 4  ? 0.0967 0.0803 0.1514 0.0068  0.0150  0.0156  4   LYS A N   
24  C  CA  . LYS A 4  ? 0.1120 0.1006 0.1760 0.0138  -0.0069 0.0272  4   LYS A CA  
25  C  C   . LYS A 4  ? 0.0957 0.0801 0.1635 0.0194  0.0168  0.0269  4   LYS A C   
26  O  O   . LYS A 4  ? 0.1070 0.0950 0.1551 0.0141  0.0167  0.0345  4   LYS A O   
27  C  CB  . LYS A 4  ? 0.1234 0.1083 0.2039 0.0307  -0.0229 0.0370  4   LYS A CB  
28  C  CG  . LYS A 4  ? 0.1306 0.1827 0.2378 0.0581  -0.0177 0.0374  4   LYS A CG  
29  C  CD  . LYS A 4  ? 0.1629 0.2472 0.3373 0.0706  -0.0375 0.0204  4   LYS A CD  
30  C  CE  . LYS A 4  ? 0.1676 0.3292 0.3930 0.0458  -0.0608 0.0060  4   LYS A CE  
31  N  NZ  . LYS A 4  ? 0.2568 0.4212 0.4001 0.0489  -0.0763 0.0085  4   LYS A NZ  
32  N  N   . ALA A 5  ? 0.1181 0.0749 0.1765 0.0097  0.0064  0.0142  5   ALA A N   
33  C  CA  . ALA A 5  ? 0.1335 0.0628 0.1898 -0.0007 0.0249  0.0225  5   ALA A CA  
34  C  C   . ALA A 5  ? 0.1101 0.0571 0.1695 0.0081  0.0536  -0.0048 5   ALA A C   
35  O  O   . ALA A 5  ? 0.1180 0.0830 0.1747 0.0166  0.0512  0.0014  5   ALA A O   
36  C  CB  . ALA A 5  ? 0.1780 0.0729 0.2004 -0.0080 0.0380  0.0265  5   ALA A CB  
37  N  N   . ILE A 6  ? 0.0870 0.0564 0.1961 -0.0095 0.0200  -0.0140 6   ILE A N   
38  C  CA  . ILE A 6  ? 0.1014 0.0540 0.1917 0.0013  0.0200  -0.0194 6   ILE A CA  
39  C  C   . ILE A 6  ? 0.0639 0.0748 0.1528 0.0087  0.0013  -0.0163 6   ILE A C   
40  O  O   . ILE A 6  ? 0.0865 0.0718 0.1764 0.0036  -0.0150 -0.0100 6   ILE A O   
41  C  CB  . ILE A 6  ? 0.0831 0.1026 0.1766 -0.0137 0.0055  -0.0511 6   ILE A CB  
42  C  CG1 . ILE A 6  ? 0.1031 0.1672 0.2159 -0.0007 0.0243  -0.0636 6   ILE A CG1 
43  C  CG2 . ILE A 6  ? 0.0787 0.1190 0.2086 0.0227  -0.0249 -0.0501 6   ILE A CG2 
44  C  CD1 . ILE A 6  ? 0.1053 0.2364 0.2229 0.0415  0.0487  -0.0706 6   ILE A CD1 
45  N  N   . PHE A 7  ? 0.0704 0.0698 0.1472 0.0044  -0.0214 0.0072  7   PHE A N   
46  C  CA  . PHE A 7  ? 0.0810 0.0732 0.1539 -0.0241 -0.0433 0.0088  7   PHE A CA  
47  C  C   . PHE A 7  ? 0.0685 0.0970 0.1516 -0.0250 -0.0082 0.0309  7   PHE A C   
48  O  O   . PHE A 7  ? 0.1279 0.1033 0.1613 -0.0278 -0.0274 0.0202  7   PHE A O   
49  C  CB  . PHE A 7  ? 0.0944 0.1010 0.1299 -0.0110 -0.0163 0.0338  7   PHE A CB  
50  C  CG  . PHE A 7  ? 0.1050 0.0722 0.1379 -0.0347 -0.0256 0.0057  7   PHE A CG  
51  C  CD1 . PHE A 7  ? 0.0999 0.0883 0.0992 -0.0189 -0.0328 -0.0019 7   PHE A CD1 
52  C  CD2 . PHE A 7  ? 0.1083 0.1173 0.1071 -0.0140 0.0039  -0.0057 7   PHE A CD2 
53  C  CE1 . PHE A 7  ? 0.1011 0.0727 0.1038 -0.0093 -0.0040 -0.0229 7   PHE A CE1 
54  C  CE2 . PHE A 7  ? 0.0780 0.0997 0.1073 -0.0386 0.0219  -0.0195 7   PHE A CE2 
55  C  CZ  . PHE A 7  ? 0.1245 0.0827 0.0787 -0.0211 -0.0004 -0.0171 7   PHE A CZ  
56  N  N   A GLN A 8  ? 0.0541 0.0933 0.1698 0.0048  -0.0035 0.0305  8   GLN A N   
57  N  N   B GLN A 8  ? 0.0684 0.0845 0.1689 0.0028  0.0148  0.0194  8   GLN A N   
58  C  CA  A GLN A 8  ? 0.1018 0.1405 0.1762 -0.0008 0.0379  0.0363  8   GLN A CA  
59  C  CA  B GLN A 8  ? 0.0717 0.1119 0.1917 0.0142  0.0194  0.0383  8   GLN A CA  
60  C  C   A GLN A 8  ? 0.1102 0.1101 0.1435 0.0003  0.0609  0.0279  8   GLN A C   
61  C  C   B GLN A 8  ? 0.0695 0.0810 0.1685 0.0035  0.0399  0.0002  8   GLN A C   
62  O  O   A GLN A 8  ? 0.1205 0.1610 0.1632 -0.0178 0.0654  0.0390  8   GLN A O   
63  O  O   B GLN A 8  ? 0.0537 0.1085 0.1759 0.0077  0.0360  0.0081  8   GLN A O   
64  C  CB  A GLN A 8  ? 0.1499 0.1808 0.2112 0.0570  0.0486  0.0330  8   GLN A CB  
65  C  CB  B GLN A 8  ? 0.0793 0.1512 0.1823 0.0771  0.0563  0.0409  8   GLN A CB  
66  C  CG  A GLN A 8  ? 0.2366 0.2439 0.2813 0.0126  0.0050  0.0255  8   GLN A CG  
67  C  CG  B GLN A 8  ? 0.1449 0.1635 0.1985 0.0213  0.0300  0.0587  8   GLN A CG  
68  C  CD  A GLN A 8  ? 0.1747 0.1899 0.2883 0.0007  0.0148  0.0092  8   GLN A CD  
69  C  CD  B GLN A 8  ? 0.1620 0.1799 0.1562 -0.0032 -0.0072 0.0523  8   GLN A CD  
70  O  OE1 A GLN A 8  ? 0.1597 0.2204 0.2618 -0.0176 -0.0147 0.0273  8   GLN A OE1 
71  O  OE1 B GLN A 8  ? 0.1695 0.2521 0.1613 0.0225  -0.0324 -0.0376 8   GLN A OE1 
72  N  NE2 A GLN A 8  ? 0.1402 0.1994 0.2361 0.0378  0.0163  -0.0278 8   GLN A NE2 
73  N  NE2 B GLN A 8  ? 0.1057 0.1933 0.1746 0.0163  0.0051  -0.0092 8   GLN A NE2 
74  N  N   A GLN A 9  ? 0.1214 0.0673 0.1508 -0.0069 0.0782  0.0115  9   GLN A N   
75  N  N   B GLN A 9  ? 0.0556 0.0369 0.1887 0.0005  0.0100  0.0236  9   GLN A N   
76  C  CA  A GLN A 9  ? 0.1204 0.0810 0.1765 -0.0201 0.0671  0.0001  9   GLN A CA  
77  C  CA  B GLN A 9  ? 0.0974 0.0842 0.1818 -0.0072 0.0371  -0.0323 9   GLN A CA  
78  C  C   A GLN A 9  ? 0.1038 0.0751 0.1641 -0.0188 0.0417  -0.0227 9   GLN A C   
79  C  C   B GLN A 9  ? 0.0907 0.0670 0.1744 -0.0228 0.0197  -0.0338 9   GLN A C   
80  O  O   A GLN A 9  ? 0.0876 0.0937 0.1812 -0.0231 0.0228  -0.0338 9   GLN A O   
81  O  O   B GLN A 9  ? 0.0805 0.0602 0.1802 -0.0110 -0.0018 -0.0707 9   GLN A O   
82  C  CB  A GLN A 9  ? 0.1239 0.0663 0.1894 -0.0077 0.0886  -0.0089 9   GLN A CB  
83  C  CB  B GLN A 9  ? 0.1096 0.1202 0.2448 -0.0424 0.0191  -0.0228 9   GLN A CB  
84  C  CG  A GLN A 9  ? 0.1705 0.1628 0.2065 -0.0028 0.0702  0.0024  9   GLN A CG  
85  C  CG  B GLN A 9  ? 0.1709 0.1797 0.2519 -0.0610 0.0145  -0.0711 9   GLN A CG  
86  C  CD  A GLN A 9  ? 0.1512 0.1308 0.1815 -0.0561 0.0069  0.0166  9   GLN A CD  
87  C  CD  B GLN A 9  ? 0.2444 0.2222 0.2740 0.0015  -0.0082 -0.0628 9   GLN A CD  
88  O  OE1 A GLN A 9  ? 0.1926 0.2063 0.2140 -0.0221 -0.0081 0.0682  9   GLN A OE1 
89  O  OE1 B GLN A 9  ? 0.1234 0.1014 0.2363 -0.0046 -0.0321 -0.1027 9   GLN A OE1 
90  N  NE2 A GLN A 9  ? 0.1788 0.1548 0.1790 -0.0268 0.0724  0.0660  9   GLN A NE2 
91  N  NE2 B GLN A 9  ? 0.1908 0.2498 0.3560 -0.0510 0.0020  -0.0250 9   GLN A NE2 
92  N  N   . LYS A 10 ? 0.1058 0.0586 0.1651 -0.0201 0.0018  -0.0318 10  LYS A N   
93  C  CA  . LYS A 10 ? 0.1190 0.0985 0.1620 -0.0077 -0.0343 -0.0480 10  LYS A CA  
94  C  C   . LYS A 10 ? 0.1419 0.0809 0.1500 -0.0165 -0.0307 -0.0449 10  LYS A C   
95  O  O   . LYS A 10 ? 0.2397 0.0953 0.1541 -0.0042 -0.0750 -0.0100 10  LYS A O   
96  C  CB  . LYS A 10 ? 0.1406 0.0913 0.1638 -0.0092 -0.0573 -0.0794 10  LYS A CB  
97  C  CG  . LYS A 10 ? 0.1136 0.1218 0.2390 0.0166  -0.0521 -0.0791 10  LYS A CG  
98  C  CD  . LYS A 10 ? 0.1114 0.1494 0.2151 -0.0221 -0.0353 -0.0861 10  LYS A CD  
99  C  CE  . LYS A 10 ? 0.1339 0.1794 0.2568 -0.0034 -0.0177 -0.0848 10  LYS A CE  
100 N  NZ  . LYS A 10 ? 0.1522 0.2390 0.2785 -0.0122 -0.0363 -0.1091 10  LYS A NZ  
101 N  N   . GLY A 11 ? 0.1208 0.0677 0.1219 -0.0301 -0.0034 -0.0210 11  GLY A N   
102 C  CA  . GLY A 11 ? 0.1563 0.0802 0.1200 -0.0288 -0.0030 -0.0384 11  GLY A CA  
103 C  C   . GLY A 11 ? 0.1393 0.0704 0.1162 -0.0044 0.0161  -0.0100 11  GLY A C   
104 O  O   . GLY A 11 ? 0.1236 0.0799 0.1322 -0.0037 0.0063  -0.0110 11  GLY A O   
105 N  N   . CYS A 12 ? 0.0932 0.0586 0.1152 -0.0079 -0.0108 -0.0167 12  CYS A N   
106 C  CA  . CYS A 12 ? 0.0812 0.0564 0.1299 -0.0148 -0.0242 -0.0212 12  CYS A CA  
107 C  C   . CYS A 12 ? 0.1126 0.0338 0.1245 0.0095  -0.0060 -0.0276 12  CYS A C   
108 O  O   . CYS A 12 ? 0.0763 0.0680 0.1424 0.0081  -0.0185 -0.0299 12  CYS A O   
109 C  CB  . CYS A 12 ? 0.0657 0.0633 0.1287 -0.0044 -0.0309 -0.0166 12  CYS A CB  
110 S  SG  . CYS A 12 ? 0.0972 0.0444 0.0882 -0.0077 -0.0033 -0.0123 12  CYS A SG  
111 N  N   . GLY A 13 ? 0.0768 0.0771 0.1348 0.0120  -0.0182 -0.0248 13  GLY A N   
112 C  CA  . GLY A 13 ? 0.1228 0.1077 0.1005 0.0229  -0.0029 -0.0089 13  GLY A CA  
113 C  C   . GLY A 13 ? 0.1179 0.1023 0.1040 0.0554  -0.0075 0.0075  13  GLY A C   
114 O  O   . GLY A 13 ? 0.0796 0.2128 0.1406 0.0276  -0.0154 0.0347  13  GLY A O   
115 N  N   . SER A 14 ? 0.1544 0.0979 0.1046 0.0471  0.0183  -0.0011 14  SER A N   
116 C  CA  . SER A 14 ? 0.1640 0.1278 0.1126 0.0521  0.0259  0.0039  14  SER A CA  
117 C  C   . SER A 14 ? 0.1648 0.1162 0.0961 0.0199  0.0230  0.0040  14  SER A C   
118 O  O   . SER A 14 ? 0.1472 0.1775 0.1322 0.0326  0.0560  -0.0025 14  SER A O   
119 C  CB  . SER A 14 ? 0.2091 0.1646 0.0959 0.0126  0.0215  -0.0090 14  SER A CB  
120 O  OG  . SER A 14 ? 0.3216 0.3291 0.2421 0.0314  0.0226  -0.0421 14  SER A OG  
121 N  N   . CYS A 15 ? 0.0877 0.0982 0.0803 0.0392  0.0121  -0.0049 15  CYS A N   
122 C  CA  . CYS A 15 ? 0.0569 0.1125 0.0710 0.0217  0.0112  0.0048  15  CYS A CA  
123 C  C   . CYS A 15 ? 0.0437 0.1090 0.0751 -0.0006 -0.0025 0.0100  15  CYS A C   
124 O  O   . CYS A 15 ? 0.1079 0.0986 0.0885 -0.0465 -0.0310 0.0067  15  CYS A O   
125 C  CB  . CYS A 15 ? 0.0564 0.0984 0.0530 0.0035  0.0092  0.0118  15  CYS A CB  
126 S  SG  . CYS A 15 ? 0.0639 0.0953 0.0629 0.0095  0.0180  -0.0202 15  CYS A SG  
127 N  N   . HIS A 16 ? 0.0577 0.0954 0.0617 0.0044  0.0028  0.0048  16  HIS A N   
128 C  CA  . HIS A 16 ? 0.0496 0.0747 0.0671 -0.0019 -0.0070 0.0032  16  HIS A CA  
129 C  C   . HIS A 16 ? 0.0616 0.0655 0.1061 0.0097  -0.0053 -0.0050 16  HIS A C   
130 O  O   . HIS A 16 ? 0.0672 0.0999 0.1791 -0.0110 -0.0317 0.0548  16  HIS A O   
131 C  CB  . HIS A 16 ? 0.0478 0.0678 0.0716 -0.0016 -0.0053 -0.0036 16  HIS A CB  
132 C  CG  . HIS A 16 ? 0.0412 0.0462 0.0593 0.0066  0.0039  -0.0006 16  HIS A CG  
133 N  ND1 . HIS A 16 ? 0.0497 0.0508 0.0531 -0.0089 0.0136  -0.0062 16  HIS A ND1 
134 C  CD2 . HIS A 16 ? 0.0277 0.0718 0.0500 0.0076  0.0045  -0.0028 16  HIS A CD2 
135 C  CE1 . HIS A 16 ? 0.0505 0.0471 0.0336 -0.0088 -0.0057 -0.0092 16  HIS A CE1 
136 N  NE2 . HIS A 16 ? 0.0277 0.0618 0.0364 0.0050  0.0008  -0.0104 16  HIS A NE2 
137 N  N   . GLN A 17 ? 0.0395 0.0907 0.0872 0.0034  -0.0019 -0.0061 17  GLN A N   
138 C  CA  . GLN A 17 ? 0.0472 0.1016 0.0982 0.0248  -0.0148 0.0020  17  GLN A CA  
139 C  C   . GLN A 17 ? 0.0468 0.0896 0.0819 0.0066  -0.0155 -0.0091 17  GLN A C   
140 O  O   . GLN A 17 ? 0.0423 0.0996 0.0820 0.0115  0.0013  0.0040  17  GLN A O   
141 C  CB  . GLN A 17 ? 0.0420 0.1522 0.0919 0.0025  0.0300  -0.0171 17  GLN A CB  
142 C  CG  . GLN A 17 ? 0.0786 0.2585 0.1145 0.0239  0.0401  -0.0125 17  GLN A CG  
143 C  CD  . GLN A 17 ? 0.1732 0.1891 0.1581 0.0514  0.0556  -0.0031 17  GLN A CD  
144 O  OE1 . GLN A 17 ? 0.1301 0.2026 0.2280 0.0028  -0.0054 -0.0463 17  GLN A OE1 
145 N  NE2 . GLN A 17 ? 0.2099 0.2193 0.2018 0.0841  -0.0166 0.0058  17  GLN A NE2 
146 N  N   . ALA A 18 ? 0.0598 0.0799 0.1046 0.0195  -0.0136 0.0084  18  ALA A N   
147 C  CA  . ALA A 18 ? 0.0548 0.0960 0.0761 -0.0088 -0.0036 -0.0004 18  ALA A CA  
148 C  C   . ALA A 18 ? 0.0533 0.1024 0.0681 0.0156  -0.0035 0.0133  18  ALA A C   
149 O  O   . ALA A 18 ? 0.0482 0.1116 0.0949 0.0005  -0.0080 0.0022  18  ALA A O   
150 C  CB  . ALA A 18 ? 0.0860 0.0988 0.1168 0.0033  0.0058  0.0118  18  ALA A CB  
151 N  N   . ASN A 19 ? 0.0408 0.1003 0.0796 -0.0037 -0.0032 0.0044  19  ASN A N   
152 C  CA  . ASN A 19 ? 0.0709 0.1291 0.0750 -0.0091 -0.0105 -0.0047 19  ASN A CA  
153 C  C   . ASN A 19 ? 0.0603 0.1207 0.0698 -0.0061 -0.0093 0.0041  19  ASN A C   
154 O  O   . ASN A 19 ? 0.0739 0.1500 0.1001 -0.0466 -0.0226 -0.0045 19  ASN A O   
155 C  CB  . ASN A 19 ? 0.1058 0.1240 0.1049 -0.0334 -0.0345 -0.0003 19  ASN A CB  
156 C  CG  . ASN A 19 ? 0.1242 0.1732 0.1213 -0.0133 -0.0727 0.0260  19  ASN A CG  
157 O  OD1 . ASN A 19 ? 0.2636 0.2047 0.2421 0.0206  -0.0480 0.0368  19  ASN A OD1 
158 N  ND2 . ASN A 19 ? 0.1140 0.2444 0.1230 -0.0026 0.0098  0.0664  19  ASN A ND2 
159 N  N   . VAL A 20 ? 0.0429 0.1053 0.0921 0.0013  0.0041  0.0085  20  VAL A N   
160 C  CA  . VAL A 20 ? 0.0374 0.1257 0.0908 -0.0117 0.0132  0.0129  20  VAL A CA  
161 C  C   . VAL A 20 ? 0.0554 0.1172 0.0638 0.0004  0.0026  -0.0005 20  VAL A C   
162 O  O   . VAL A 20 ? 0.0511 0.1192 0.0922 -0.0265 -0.0129 -0.0086 20  VAL A O   
163 C  CB  . VAL A 20 ? 0.0377 0.1807 0.1201 -0.0135 0.0167  0.0400  20  VAL A CB  
164 C  CG1 . VAL A 20 ? 0.0838 0.1970 0.1592 0.0000  0.0236  0.0704  20  VAL A CG1 
165 C  CG2 . VAL A 20 ? 0.0702 0.1612 0.1348 -0.0105 -0.0166 -0.0080 20  VAL A CG2 
166 N  N   . ASP A 21 ? 0.0660 0.1087 0.0753 -0.0239 -0.0044 0.0034  21  ASP A N   
167 C  CA  . ASP A 21 ? 0.0592 0.1052 0.0806 -0.0057 0.0025  0.0074  21  ASP A CA  
168 C  C   . ASP A 21 ? 0.0562 0.1089 0.0853 -0.0026 0.0082  -0.0037 21  ASP A C   
169 O  O   . ASP A 21 ? 0.0565 0.1931 0.1012 -0.0186 0.0072  0.0071  21  ASP A O   
170 C  CB  . ASP A 21 ? 0.0751 0.0967 0.1265 -0.0165 0.0192  -0.0083 21  ASP A CB  
171 C  CG  . ASP A 21 ? 0.0715 0.0715 0.1545 -0.0259 -0.0062 -0.0109 21  ASP A CG  
172 O  OD1 . ASP A 21 ? 0.0758 0.1159 0.1012 -0.0454 -0.0050 -0.0084 21  ASP A OD1 
173 O  OD2 . ASP A 21 ? 0.1188 0.1059 0.1826 -0.0377 0.0315  -0.0147 21  ASP A OD2 
174 N  N   . THR A 22 ? 0.0484 0.1131 0.0869 -0.0153 -0.0004 -0.0061 22  THR A N   
175 C  CA  . THR A 22 ? 0.0606 0.1353 0.0853 -0.0097 0.0101  -0.0173 22  THR A CA  
176 C  C   . THR A 22 ? 0.0473 0.1429 0.0664 -0.0235 0.0046  -0.0149 22  THR A C   
177 O  O   . THR A 22 ? 0.0957 0.1266 0.1155 -0.0217 -0.0054 0.0052  22  THR A O   
178 C  CB  . THR A 22 ? 0.0874 0.1391 0.1032 0.0115  0.0119  -0.0011 22  THR A CB  
179 O  OG1 . THR A 22 ? 0.1143 0.1213 0.1206 -0.0060 0.0061  -0.0393 22  THR A OG1 
180 C  CG2 . THR A 22 ? 0.1436 0.1530 0.1411 0.0430  0.0369  -0.0023 22  THR A CG2 
181 N  N   . VAL A 23 ? 0.0693 0.1469 0.0912 -0.0076 0.0163  -0.0069 23  VAL A N   
182 C  CA  . VAL A 23 ? 0.0737 0.1456 0.0792 -0.0111 0.0030  -0.0186 23  VAL A CA  
183 C  C   . VAL A 23 ? 0.0791 0.1274 0.0947 -0.0236 -0.0057 -0.0091 23  VAL A C   
184 O  O   . VAL A 23 ? 0.0864 0.1336 0.0842 -0.0216 0.0201  0.0198  23  VAL A O   
185 C  CB  . VAL A 23 ? 0.0896 0.1512 0.1015 0.0018  0.0159  -0.0523 23  VAL A CB  
186 C  CG1 . VAL A 23 ? 0.1019 0.1863 0.0852 -0.0417 -0.0150 -0.0015 23  VAL A CG1 
187 C  CG2 . VAL A 23 ? 0.1220 0.2730 0.1666 -0.0377 -0.0012 -0.0959 23  VAL A CG2 
188 N  N   . GLY A 24 ? 0.0693 0.1151 0.0583 -0.0209 0.0056  -0.0094 24  GLY A N   
189 C  CA  . GLY A 24 ? 0.0459 0.1069 0.0603 -0.0057 0.0137  -0.0119 24  GLY A CA  
190 C  C   . GLY A 24 ? 0.0530 0.0731 0.0653 -0.0117 0.0150  -0.0074 24  GLY A C   
191 O  O   . GLY A 24 ? 0.0532 0.0793 0.0663 -0.0033 0.0091  -0.0076 24  GLY A O   
192 N  N   . PRO A 25 ? 0.0553 0.0665 0.0526 -0.0052 0.0025  0.0009  25  PRO A N   
193 C  CA  . PRO A 25 ? 0.0564 0.0709 0.0478 -0.0035 -0.0005 -0.0093 25  PRO A CA  
194 C  C   . PRO A 25 ? 0.0421 0.0608 0.0575 -0.0116 0.0003  -0.0203 25  PRO A C   
195 O  O   . PRO A 25 ? 0.0417 0.0661 0.0678 -0.0133 -0.0094 -0.0085 25  PRO A O   
196 C  CB  . PRO A 25 ? 0.0854 0.0742 0.0622 0.0114  -0.0250 0.0050  25  PRO A CB  
197 C  CG  . PRO A 25 ? 0.0931 0.1311 0.1268 0.0286  -0.0197 -0.0254 25  PRO A CG  
198 C  CD  . PRO A 25 ? 0.0606 0.0657 0.0569 -0.0112 -0.0004 -0.0207 25  PRO A CD  
199 N  N   . SER A 26 ? 0.0328 0.0943 0.0456 -0.0088 -0.0085 -0.0146 26  SER A N   
200 C  CA  . SER A 26 ? 0.0549 0.0614 0.0676 -0.0038 0.0029  0.0116  26  SER A CA  
201 C  C   . SER A 26 ? 0.0310 0.0758 0.0558 0.0075  -0.0063 -0.0126 26  SER A C   
202 O  O   . SER A 26 ? 0.0396 0.0722 0.0582 -0.0206 -0.0018 -0.0056 26  SER A O   
203 C  CB  . SER A 26 ? 0.0563 0.1178 0.0652 -0.0131 -0.0024 -0.0162 26  SER A CB  
204 O  OG  . SER A 26 ? 0.0542 0.1125 0.0687 -0.0177 -0.0037 -0.0143 26  SER A OG  
205 N  N   . LEU A 27 ? 0.0379 0.0580 0.0810 0.0006  0.0025  0.0025  27  LEU A N   
206 C  CA  . LEU A 27 ? 0.0328 0.0943 0.0609 -0.0126 0.0063  -0.0052 27  LEU A CA  
207 C  C   . LEU A 27 ? 0.0427 0.0626 0.0805 -0.0193 -0.0147 -0.0033 27  LEU A C   
208 O  O   . LEU A 27 ? 0.0460 0.0771 0.0597 -0.0116 0.0146  -0.0001 27  LEU A O   
209 C  CB  . LEU A 27 ? 0.0498 0.0688 0.0747 -0.0146 -0.0051 -0.0051 27  LEU A CB  
210 C  CG  . LEU A 27 ? 0.0558 0.0691 0.0744 -0.0063 -0.0024 -0.0102 27  LEU A CG  
211 C  CD1 . LEU A 27 ? 0.1407 0.0722 0.1136 -0.0187 -0.0103 -0.0208 27  LEU A CD1 
212 C  CD2 . LEU A 27 ? 0.0833 0.1198 0.0788 -0.0136 -0.0084 -0.0255 27  LEU A CD2 
213 N  N   . LYS A 28 ? 0.0705 0.0710 0.0457 -0.0173 -0.0169 -0.0055 28  LYS A N   
214 C  CA  . LYS A 28 ? 0.0483 0.0984 0.0718 -0.0047 -0.0181 0.0108  28  LYS A CA  
215 C  C   . LYS A 28 ? 0.0559 0.0895 0.0560 -0.0147 -0.0043 -0.0040 28  LYS A C   
216 O  O   . LYS A 28 ? 0.0764 0.0844 0.0679 -0.0151 -0.0063 -0.0044 28  LYS A O   
217 C  CB  . LYS A 28 ? 0.0845 0.1227 0.0806 -0.0047 -0.0232 -0.0134 28  LYS A CB  
218 C  CG  . LYS A 28 ? 0.0911 0.2255 0.1364 -0.0244 -0.0480 -0.0572 28  LYS A CG  
219 C  CD  . LYS A 28 ? 0.2123 0.3053 0.1800 -0.0427 -0.0807 -0.0483 28  LYS A CD  
220 C  CE  . LYS A 28 ? 0.3847 0.3814 0.3454 0.0235  -0.0102 -0.0124 28  LYS A CE  
221 N  NZ  . LYS A 28 ? 0.2802 0.5059 0.3068 -0.0489 -0.0924 0.0145  28  LYS A NZ  
222 N  N   . LYS A 29 ? 0.0575 0.0779 0.0585 -0.0091 0.0015  -0.0099 29  LYS A N   
223 C  CA  . LYS A 29 ? 0.0570 0.0838 0.0797 -0.0072 0.0048  0.0093  29  LYS A CA  
224 C  C   . LYS A 29 ? 0.0622 0.0617 0.0538 -0.0253 -0.0045 -0.0035 29  LYS A C   
225 O  O   . LYS A 29 ? 0.0766 0.0648 0.0705 -0.0158 0.0037  -0.0032 29  LYS A O   
226 C  CB  . LYS A 29 ? 0.0767 0.0976 0.0843 -0.0319 0.0089  0.0123  29  LYS A CB  
227 C  CG  . LYS A 29 ? 0.1027 0.1204 0.1300 0.0009  0.0353  0.0413  29  LYS A CG  
228 C  CD  . LYS A 29 ? 0.0999 0.1462 0.1439 -0.0174 0.0054  0.0243  29  LYS A CD  
229 C  CE  . LYS A 29 ? 0.1464 0.1287 0.1898 -0.0449 0.0140  0.0025  29  LYS A CE  
230 N  NZ  . LYS A 29 ? 0.1916 0.1120 0.2377 -0.0193 0.1374  0.0177  29  LYS A NZ  
231 N  N   . ILE A 30 ? 0.0346 0.0736 0.0559 -0.0104 0.0043  -0.0008 30  ILE A N   
232 C  CA  . ILE A 30 ? 0.0638 0.0632 0.0529 -0.0087 0.0033  -0.0189 30  ILE A CA  
233 C  C   . ILE A 30 ? 0.0365 0.0647 0.0527 -0.0143 0.0030  -0.0271 30  ILE A C   
234 O  O   . ILE A 30 ? 0.0555 0.0700 0.0504 -0.0110 -0.0006 -0.0132 30  ILE A O   
235 C  CB  . ILE A 30 ? 0.0559 0.0618 0.0518 -0.0016 0.0014  -0.0085 30  ILE A CB  
236 C  CG1 . ILE A 30 ? 0.0593 0.1008 0.0399 0.0025  0.0027  -0.0051 30  ILE A CG1 
237 C  CG2 . ILE A 30 ? 0.0588 0.0744 0.0677 -0.0159 -0.0039 -0.0167 30  ILE A CG2 
238 C  CD1 . ILE A 30 ? 0.0798 0.1246 0.0651 0.0068  -0.0148 -0.0323 30  ILE A CD1 
239 N  N   . ALA A 31 ? 0.0507 0.0539 0.0547 -0.0099 -0.0049 -0.0162 31  ALA A N   
240 C  CA  . ALA A 31 ? 0.0572 0.0724 0.0566 -0.0214 0.0155  -0.0140 31  ALA A CA  
241 C  C   . ALA A 31 ? 0.0599 0.0545 0.0607 -0.0312 0.0077  -0.0014 31  ALA A C   
242 O  O   . ALA A 31 ? 0.0791 0.0867 0.0779 -0.0287 0.0219  -0.0331 31  ALA A O   
243 C  CB  . ALA A 31 ? 0.0589 0.0709 0.0795 -0.0012 -0.0014 0.0092  31  ALA A CB  
244 N  N   . GLN A 32 ? 0.0777 0.0536 0.0603 -0.0189 0.0004  -0.0151 32  GLN A N   
245 C  CA  . GLN A 32 ? 0.0683 0.0863 0.0753 -0.0337 0.0020  -0.0091 32  GLN A CA  
246 C  C   . GLN A 32 ? 0.0964 0.0621 0.0480 -0.0313 -0.0015 -0.0220 32  GLN A C   
247 O  O   . GLN A 32 ? 0.1181 0.0791 0.0619 -0.0266 0.0140  -0.0222 32  GLN A O   
248 C  CB  . GLN A 32 ? 0.1018 0.0834 0.0947 -0.0235 -0.0165 -0.0429 32  GLN A CB  
249 C  CG  . GLN A 32 ? 0.1951 0.1842 0.1861 0.0036  -0.0217 -0.0424 32  GLN A CG  
250 C  CD  . GLN A 32 ? 0.3007 0.2830 0.2828 0.0469  -0.0990 -0.0481 32  GLN A CD  
251 O  OE1 . GLN A 32 ? 0.3886 0.3764 0.2073 -0.0046 -0.0476 -0.1410 32  GLN A OE1 
252 N  NE2 . GLN A 32 ? 0.4137 0.3710 0.3095 0.0232  -0.0622 0.0278  32  GLN A NE2 
253 N  N   . ALA A 33 ? 0.0906 0.0582 0.0601 -0.0179 0.0051  -0.0154 33  ALA A N   
254 C  CA  . ALA A 33 ? 0.0923 0.0607 0.0659 -0.0085 0.0177  0.0035  33  ALA A CA  
255 C  C   . ALA A 33 ? 0.1158 0.0849 0.0378 0.0048  0.0197  -0.0027 33  ALA A C   
256 O  O   . ALA A 33 ? 0.1208 0.0741 0.0833 0.0066  0.0244  -0.0211 33  ALA A O   
257 C  CB  . ALA A 33 ? 0.0972 0.0973 0.0759 -0.0117 0.0140  0.0023  33  ALA A CB  
258 N  N   . TYR A 34 ? 0.0773 0.0491 0.0593 -0.0110 0.0114  -0.0091 34  TYR A N   
259 C  CA  . TYR A 34 ? 0.0772 0.0729 0.0394 -0.0166 0.0120  -0.0046 34  TYR A CA  
260 C  C   . TYR A 34 ? 0.0797 0.0794 0.0484 -0.0039 -0.0029 -0.0253 34  TYR A C   
261 O  O   . TYR A 34 ? 0.0775 0.0856 0.0536 -0.0169 0.0122  -0.0047 34  TYR A O   
262 C  CB  . TYR A 34 ? 0.0746 0.0577 0.0435 -0.0143 0.0025  -0.0099 34  TYR A CB  
263 C  CG  . TYR A 34 ? 0.0803 0.0479 0.0424 -0.0233 0.0188  -0.0116 34  TYR A CG  
264 C  CD1 . TYR A 34 ? 0.0571 0.0829 0.0444 0.0048  0.0110  -0.0175 34  TYR A CD1 
265 C  CD2 . TYR A 34 ? 0.0691 0.0483 0.0622 -0.0049 0.0205  -0.0050 34  TYR A CD2 
266 C  CE1 . TYR A 34 ? 0.0666 0.0651 0.0579 0.0051  0.0211  0.0002  34  TYR A CE1 
267 C  CE2 . TYR A 34 ? 0.0765 0.0475 0.0476 0.0030  0.0108  -0.0079 34  TYR A CE2 
268 C  CZ  . TYR A 34 ? 0.0706 0.0469 0.0435 -0.0003 0.0041  -0.0067 34  TYR A CZ  
269 O  OH  . TYR A 34 ? 0.0604 0.0684 0.0601 -0.0013 0.0018  -0.0045 34  TYR A OH  
270 N  N   . ALA A 35 ? 0.0960 0.0908 0.0326 -0.0070 0.0187  0.0012  35  ALA A N   
271 C  CA  . ALA A 35 ? 0.0824 0.1160 0.0458 -0.0025 -0.0089 -0.0096 35  ALA A CA  
272 C  C   . ALA A 35 ? 0.1054 0.1350 0.0357 -0.0023 -0.0082 -0.0032 35  ALA A C   
273 O  O   . ALA A 35 ? 0.1408 0.1161 0.0580 0.0084  0.0139  -0.0086 35  ALA A O   
274 C  CB  . ALA A 35 ? 0.1052 0.1743 0.0744 -0.0234 0.0012  -0.0087 35  ALA A CB  
275 N  N   . GLY A 36 ? 0.0734 0.1529 0.0473 -0.0019 -0.0047 -0.0041 36  GLY A N   
276 C  CA  . GLY A 36 ? 0.0755 0.2239 0.0601 0.0132  0.0269  0.0011  36  GLY A CA  
277 C  C   . GLY A 36 ? 0.0862 0.1560 0.0515 -0.0061 0.0033  -0.0061 36  GLY A C   
278 O  O   . GLY A 36 ? 0.1096 0.2154 0.0670 0.0237  0.0221  0.0046  36  GLY A O   
279 N  N   . LYS A 37 ? 0.0937 0.1687 0.0386 0.0076  -0.0035 0.0073  37  LYS A N   
280 C  CA  . LYS A 37 ? 0.0899 0.1726 0.0454 -0.0061 -0.0003 0.0024  37  LYS A CA  
281 C  C   . LYS A 37 ? 0.0524 0.1816 0.0480 0.0148  0.0031  0.0090  37  LYS A C   
282 O  O   . LYS A 37 ? 0.0835 0.1839 0.0401 -0.0002 0.0051  0.0097  37  LYS A O   
283 C  CB  . LYS A 37 ? 0.1013 0.1822 0.0879 0.0119  -0.0135 0.0223  37  LYS A CB  
284 C  CG  . LYS A 37 ? 0.1763 0.1376 0.1328 -0.0347 -0.0230 -0.0051 37  LYS A CG  
285 C  CD  . LYS A 37 ? 0.2089 0.1708 0.1866 -0.0181 -0.0218 0.0410  37  LYS A CD  
286 C  CE  . LYS A 37 ? 0.3156 0.1548 0.2624 -0.0566 -0.0876 0.0929  37  LYS A CE  
287 N  NZ  . LYS A 37 ? 0.3394 0.3314 0.2945 -0.0111 -0.0522 0.0240  37  LYS A NZ  
288 N  N   . GLU A 38 ? 0.0954 0.1512 0.0514 0.0153  0.0038  0.0167  38  GLU A N   
289 C  CA  . GLU A 38 ? 0.1136 0.1671 0.0606 0.0326  -0.0054 -0.0167 38  GLU A CA  
290 C  C   . GLU A 38 ? 0.0590 0.1455 0.0734 0.0218  0.0113  0.0114  38  GLU A C   
291 O  O   . GLU A 38 ? 0.0806 0.1554 0.0569 0.0252  0.0070  -0.0036 38  GLU A O   
292 C  CB  . GLU A 38 ? 0.1751 0.1422 0.1022 0.0380  -0.0516 -0.0017 38  GLU A CB  
293 C  CG  . GLU A 38 ? 0.2801 0.1778 0.1938 0.0649  -0.0694 -0.0603 38  GLU A CG  
294 C  CD  . GLU A 38 ? 0.1123 0.1990 0.1598 0.0079  0.0337  -0.0224 38  GLU A CD  
295 O  OE1 . GLU A 38 ? 0.3895 0.3919 0.1113 0.2006  -0.0008 0.0020  38  GLU A OE1 
296 O  OE2 . GLU A 38 ? 0.1820 0.2022 0.1445 -0.0176 -0.0067 0.0002  38  GLU A OE2 
297 N  N   . ASP A 39 ? 0.0878 0.1677 0.0528 0.0311  0.0224  0.0143  39  ASP A N   
298 C  CA  . ASP A 39 ? 0.0654 0.1668 0.0555 0.0267  0.0305  0.0116  39  ASP A CA  
299 C  C   . ASP A 39 ? 0.0589 0.1228 0.0651 0.0305  0.0015  -0.0023 39  ASP A C   
300 O  O   . ASP A 39 ? 0.0650 0.1280 0.0579 0.0169  0.0053  -0.0015 39  ASP A O   
301 C  CB  . ASP A 39 ? 0.0850 0.1898 0.0816 0.0299  0.0394  0.0037  39  ASP A CB  
302 C  CG  . ASP A 39 ? 0.1200 0.2494 0.1168 0.0477  0.0614  -0.0130 39  ASP A CG  
303 O  OD1 . ASP A 39 ? 0.1687 0.2768 0.1712 0.0299  0.0811  0.0841  39  ASP A OD1 
304 O  OD2 . ASP A 39 ? 0.1858 0.3197 0.1571 0.0171  0.0652  -0.0098 39  ASP A OD2 
305 N  N   . GLN A 40 ? 0.0841 0.1290 0.0469 0.0333  0.0015  -0.0145 40  GLN A N   
306 C  CA  . GLN A 40 ? 0.0816 0.1060 0.0488 0.0225  0.0155  0.0009  40  GLN A CA  
307 C  C   . GLN A 40 ? 0.0500 0.0689 0.0718 0.0199  0.0097  -0.0069 40  GLN A C   
308 O  O   . GLN A 40 ? 0.0886 0.0925 0.0423 0.0227  0.0076  0.0004  40  GLN A O   
309 C  CB  . GLN A 40 ? 0.1038 0.1000 0.0624 0.0362  0.0154  -0.0316 40  GLN A CB  
310 C  CG  . GLN A 40 ? 0.1128 0.1236 0.1324 -0.0039 0.0150  -0.0344 40  GLN A CG  
311 C  CD  . GLN A 40 ? 0.1534 0.1313 0.1441 0.0266  0.0416  -0.0403 40  GLN A CD  
312 O  OE1 . GLN A 40 ? 0.1864 0.1921 0.2314 0.0006  0.0030  -0.0955 40  GLN A OE1 
313 N  NE2 . GLN A 40 ? 0.1119 0.1520 0.2104 0.0122  0.0527  -0.0536 40  GLN A NE2 
314 N  N   . LEU A 41 ? 0.0672 0.0792 0.0487 0.0081  0.0144  -0.0093 41  LEU A N   
315 C  CA  . LEU A 41 ? 0.0483 0.0850 0.0418 0.0077  0.0042  -0.0202 41  LEU A CA  
316 C  C   . LEU A 41 ? 0.0280 0.0736 0.0534 0.0114  0.0045  0.0168  41  LEU A C   
317 O  O   . LEU A 41 ? 0.0570 0.0842 0.0409 0.0051  0.0037  0.0007  41  LEU A O   
318 C  CB  . LEU A 41 ? 0.0532 0.0849 0.0368 0.0049  0.0097  0.0037  41  LEU A CB  
319 C  CG  . LEU A 41 ? 0.0632 0.0739 0.0472 0.0087  0.0142  -0.0164 41  LEU A CG  
320 C  CD1 . LEU A 41 ? 0.0537 0.0810 0.0620 0.0037  0.0201  0.0039  41  LEU A CD1 
321 C  CD2 . LEU A 41 ? 0.0536 0.0654 0.0673 0.0029  -0.0222 0.0001  41  LEU A CD2 
322 N  N   . ILE A 42 ? 0.0509 0.0834 0.0551 0.0021  -0.0047 -0.0043 42  ILE A N   
323 C  CA  . ILE A 42 ? 0.0519 0.0951 0.0603 0.0043  0.0016  0.0181  42  ILE A CA  
324 C  C   . ILE A 42 ? 0.0486 0.0875 0.0507 0.0058  0.0050  -0.0031 42  ILE A C   
325 O  O   . ILE A 42 ? 0.0439 0.0996 0.0561 0.0040  0.0013  -0.0026 42  ILE A O   
326 C  CB  . ILE A 42 ? 0.0574 0.1092 0.0622 0.0148  0.0047  0.0210  42  ILE A CB  
327 C  CG1 . ILE A 42 ? 0.1026 0.1235 0.0797 -0.0036 0.0197  0.0258  42  ILE A CG1 
328 C  CG2 . ILE A 42 ? 0.0720 0.1064 0.0853 0.0035  0.0183  0.0106  42  ILE A CG2 
329 C  CD1 . ILE A 42 ? 0.1272 0.1198 0.1087 -0.0023 0.0205  0.0237  42  ILE A CD1 
330 N  N   . LYS A 43 ? 0.0519 0.1015 0.0508 0.0109  0.0060  0.0194  43  LYS A N   
331 C  CA  . LYS A 43 ? 0.0608 0.1009 0.0676 0.0163  0.0087  -0.0035 43  LYS A CA  
332 C  C   . LYS A 43 ? 0.0374 0.0643 0.0629 0.0127  0.0127  0.0100  43  LYS A C   
333 O  O   . LYS A 43 ? 0.0643 0.1262 0.0474 0.0239  -0.0081 0.0156  43  LYS A O   
334 C  CB  . LYS A 43 ? 0.0601 0.1266 0.0764 0.0306  0.0109  0.0083  43  LYS A CB  
335 C  CG  . LYS A 43 ? 0.1098 0.2088 0.1017 0.0489  0.0570  -0.0050 43  LYS A CG  
336 C  CD  . LYS A 43 ? 0.2055 0.3092 0.2266 0.0590  0.0824  -0.0413 43  LYS A CD  
337 C  CE  . LYS A 43 ? 0.3535 0.2778 0.3652 0.0165  -0.0106 -0.0284 43  LYS A CE  
338 N  NZ  . LYS A 43 ? 0.4150 0.4522 0.5107 -0.0134 0.0230  -0.0006 43  LYS A NZ  
339 N  N   . PHE A 44 ? 0.0510 0.0804 0.0490 0.0183  0.0076  -0.0007 44  PHE A N   
340 C  CA  . PHE A 44 ? 0.0418 0.0774 0.0572 -0.0033 0.0073  0.0001  44  PHE A CA  
341 C  C   . PHE A 44 ? 0.0304 0.0566 0.0485 -0.0055 -0.0027 -0.0102 44  PHE A C   
342 O  O   . PHE A 44 ? 0.0467 0.0907 0.0393 0.0064  0.0038  -0.0009 44  PHE A O   
343 C  CB  . PHE A 44 ? 0.0619 0.0687 0.0456 0.0038  0.0060  0.0041  44  PHE A CB  
344 C  CG  . PHE A 44 ? 0.0429 0.0565 0.0503 -0.0025 0.0011  -0.0121 44  PHE A CG  
345 C  CD1 . PHE A 44 ? 0.0608 0.0636 0.0606 -0.0049 0.0028  -0.0108 44  PHE A CD1 
346 C  CD2 . PHE A 44 ? 0.0350 0.0668 0.0606 -0.0039 -0.0103 -0.0170 44  PHE A CD2 
347 C  CE1 . PHE A 44 ? 0.0599 0.0745 0.0573 -0.0006 -0.0009 -0.0013 44  PHE A CE1 
348 C  CE2 . PHE A 44 ? 0.0457 0.0748 0.0511 -0.0080 0.0001  -0.0178 44  PHE A CE2 
349 C  CZ  . PHE A 44 ? 0.0459 0.1004 0.0498 -0.0081 -0.0066 -0.0108 44  PHE A CZ  
350 N  N   . LEU A 45 ? 0.0391 0.0532 0.0581 0.0092  0.0035  0.0049  45  LEU A N   
351 C  CA  . LEU A 45 ? 0.0492 0.0635 0.0667 0.0019  0.0002  -0.0046 45  LEU A CA  
352 C  C   . LEU A 45 ? 0.0391 0.0728 0.0544 0.0011  0.0042  -0.0078 45  LEU A C   
353 O  O   . LEU A 45 ? 0.0532 0.0926 0.0574 0.0027  -0.0010 -0.0189 45  LEU A O   
354 C  CB  . LEU A 45 ? 0.0381 0.0746 0.0588 0.0170  -0.0017 0.0092  45  LEU A CB  
355 C  CG  . LEU A 45 ? 0.0567 0.0633 0.0652 0.0125  -0.0144 -0.0154 45  LEU A CG  
356 C  CD1 . LEU A 45 ? 0.1044 0.0832 0.0703 0.0162  -0.0219 0.0069  45  LEU A CD1 
357 C  CD2 . LEU A 45 ? 0.0439 0.0851 0.0934 -0.0069 -0.0036 -0.0186 45  LEU A CD2 
358 N  N   . LYS A 46 ? 0.0437 0.0884 0.0574 -0.0087 -0.0005 0.0004  46  LYS A N   
359 C  CA  . LYS A 46 ? 0.0415 0.1227 0.0722 -0.0060 0.0073  0.0092  46  LYS A CA  
360 C  C   . LYS A 46 ? 0.0685 0.0958 0.0790 -0.0076 -0.0133 -0.0016 46  LYS A C   
361 O  O   . LYS A 46 ? 0.0716 0.1615 0.0912 -0.0209 -0.0360 0.0017  46  LYS A O   
362 C  CB  . LYS A 46 ? 0.0424 0.1177 0.0761 -0.0011 -0.0130 0.0094  46  LYS A CB  
363 C  CG  . LYS A 46 ? 0.0722 0.1538 0.1157 -0.0277 0.0026  0.0308  46  LYS A CG  
364 C  CD  . LYS A 46 ? 0.0834 0.3363 0.1728 -0.0318 0.0152  0.0890  46  LYS A CD  
365 C  CE  . LYS A 46 ? 0.2419 0.3670 0.3320 -0.0823 -0.0052 0.0543  46  LYS A CE  
366 N  NZ  . LYS A 46 ? 0.3299 0.1944 0.2955 0.0002  -0.0315 0.0215  46  LYS A NZ  
367 N  N   . GLY A 47 ? 0.0737 0.1004 0.0558 0.0070  -0.0095 0.0009  47  GLY A N   
368 C  CA  . GLY A 47 ? 0.1086 0.1186 0.0735 0.0041  -0.0234 0.0186  47  GLY A CA  
369 C  C   . GLY A 47 ? 0.1698 0.0863 0.1102 0.0177  -0.0637 0.0228  47  GLY A C   
370 O  O   . GLY A 47 ? 0.2837 0.1233 0.1322 0.0517  -0.0920 0.0088  47  GLY A O   
371 N  N   A GLU A 48 ? 0.1743 0.1239 0.1179 0.0138  -0.0282 -0.0135 48  GLU A N   
372 N  N   B GLU A 48 ? 0.0693 0.0723 0.0667 0.0120  -0.0426 -0.0120 48  GLU A N   
373 C  CA  A GLU A 48 ? 0.1481 0.1421 0.1631 0.0221  -0.0437 -0.0137 48  GLU A CA  
374 C  CA  B GLU A 48 ? 0.0975 0.1119 0.1145 0.0406  -0.0607 -0.0152 48  GLU A CA  
375 C  C   A GLU A 48 ? 0.1431 0.1111 0.1669 0.0271  -0.0193 0.0096  48  GLU A C   
376 C  C   B GLU A 48 ? 0.0848 0.0822 0.0966 0.0304  -0.0168 0.0024  48  GLU A C   
377 O  O   A GLU A 48 ? 0.1331 0.1278 0.1697 0.0232  -0.0200 0.0081  48  GLU A O   
378 O  O   B GLU A 48 ? 0.0851 0.1237 0.0542 0.0159  -0.0079 -0.0047 48  GLU A O   
379 C  CB  A GLU A 48 ? 0.0768 0.1810 0.2203 -0.0278 -0.0379 -0.0209 48  GLU A CB  
380 C  CB  B GLU A 48 ? 0.0416 0.1570 0.1763 0.0355  -0.0315 -0.0015 48  GLU A CB  
381 C  CG  A GLU A 48 ? 0.0945 0.1394 0.1769 0.0171  -0.0243 -0.0661 48  GLU A CG  
382 C  CG  B GLU A 48 ? 0.1210 0.2253 0.2632 0.0263  0.0309  -0.0589 48  GLU A CG  
383 C  CD  A GLU A 48 ? 0.2026 0.2191 0.1874 0.0230  0.0187  -0.0352 48  GLU A CD  
384 C  CD  B GLU A 48 ? 0.1643 0.2884 0.2804 -0.0221 0.0134  -0.0244 48  GLU A CD  
385 O  OE1 A GLU A 48 ? 0.0966 0.3010 0.1057 0.0191  -0.0061 -0.0328 48  GLU A OE1 
386 O  OE1 B GLU A 48 ? 0.2561 0.3667 0.3797 0.0246  0.0052  0.0190  48  GLU A OE1 
387 O  OE2 A GLU A 48 ? 0.2074 0.3445 0.1941 -0.0349 0.0309  -0.0093 48  GLU A OE2 
388 O  OE2 B GLU A 48 ? 0.1309 0.3021 0.1503 0.0217  -0.0171 -0.0149 48  GLU A OE2 
389 N  N   . ALA A 49 ? 0.0907 0.0891 0.0956 0.0227  -0.0123 -0.0085 49  ALA A N   
390 C  CA  . ALA A 49 ? 0.0896 0.0779 0.1091 0.0259  0.0135  -0.0160 49  ALA A CA  
391 C  C   . ALA A 49 ? 0.0770 0.0932 0.0953 0.0325  -0.0093 0.0012  49  ALA A C   
392 O  O   . ALA A 49 ? 0.1092 0.1022 0.0768 0.0347  0.0116  -0.0075 49  ALA A O   
393 C  CB  . ALA A 49 ? 0.0940 0.1024 0.1003 0.0209  -0.0011 0.0095  49  ALA A CB  
394 N  N   . PRO A 50 ? 0.0826 0.0918 0.1151 0.0330  0.0101  -0.0185 50  PRO A N   
395 C  CA  . PRO A 50 ? 0.0880 0.0948 0.1423 0.0299  0.0112  0.0409  50  PRO A CA  
396 C  C   . PRO A 50 ? 0.1028 0.0613 0.0990 0.0056  0.0184  0.0080  50  PRO A C   
397 O  O   . PRO A 50 ? 0.1117 0.1003 0.0782 0.0128  0.0115  0.0037  50  PRO A O   
398 C  CB  . PRO A 50 ? 0.1057 0.1064 0.2279 0.0194  -0.0059 0.0368  50  PRO A CB  
399 C  CG  . PRO A 50 ? 0.1340 0.0744 0.2293 0.0124  0.0214  -0.0084 50  PRO A CG  
400 C  CD  . PRO A 50 ? 0.0851 0.0993 0.1803 0.0185  0.0103  -0.0301 50  PRO A CD  
401 N  N   . ALA A 51 ? 0.1025 0.0731 0.0762 0.0044  0.0117  0.0026  51  ALA A N   
402 C  CA  . ALA A 51 ? 0.0695 0.0705 0.0747 0.0148  0.0119  -0.0035 51  ALA A CA  
403 C  C   . ALA A 51 ? 0.0965 0.0393 0.0838 0.0211  0.0092  -0.0133 51  ALA A C   
404 O  O   . ALA A 51 ? 0.1418 0.0540 0.1152 0.0147  -0.0056 -0.0087 51  ALA A O   
405 C  CB  . ALA A 51 ? 0.0969 0.0600 0.0801 0.0143  0.0078  0.0027  51  ALA A CB  
406 N  N   . ILE A 52 ? 0.0781 0.0682 0.0693 0.0181  0.0133  -0.0123 52  ILE A N   
407 C  CA  . ILE A 52 ? 0.0860 0.0521 0.0837 0.0038  0.0109  -0.0347 52  ILE A CA  
408 C  C   . ILE A 52 ? 0.0792 0.0647 0.0965 0.0108  0.0213  -0.0192 52  ILE A C   
409 O  O   . ILE A 52 ? 0.1060 0.0759 0.1828 -0.0051 -0.0085 -0.0800 52  ILE A O   
410 C  CB  . ILE A 52 ? 0.0976 0.0562 0.0871 0.0197  0.0162  -0.0306 52  ILE A CB  
411 C  CG1 . ILE A 52 ? 0.1194 0.0653 0.0823 0.0222  0.0049  -0.0165 52  ILE A CG1 
412 C  CG2 . ILE A 52 ? 0.1009 0.1188 0.1081 0.0191  0.0257  -0.0097 52  ILE A CG2 
413 C  CD1 . ILE A 52 ? 0.1376 0.0984 0.0779 -0.0019 0.0076  -0.0194 52  ILE A CD1 
414 N  N   . VAL A 53 ? 0.0562 0.0529 0.0706 0.0121  0.0136  0.0029  53  VAL A N   
415 C  CA  . VAL A 53 ? 0.0803 0.0679 0.0680 -0.0038 0.0131  -0.0062 53  VAL A CA  
416 C  C   . VAL A 53 ? 0.0622 0.0634 0.0705 -0.0032 0.0085  -0.0040 53  VAL A C   
417 O  O   . VAL A 53 ? 0.1115 0.1184 0.0800 -0.0524 0.0116  -0.0250 53  VAL A O   
418 C  CB  . VAL A 53 ? 0.0704 0.0596 0.0825 0.0108  0.0176  -0.0044 53  VAL A CB  
419 C  CG1 . VAL A 53 ? 0.1001 0.0969 0.1005 0.0154  -0.0021 -0.0215 53  VAL A CG1 
420 C  CG2 . VAL A 53 ? 0.1077 0.0927 0.0719 -0.0050 0.0188  0.0118  53  VAL A CG2 
421 N  N   . ASP A 54 ? 0.0990 0.0805 0.0537 -0.0108 0.0088  0.0026  54  ASP A N   
422 C  CA  . ASP A 54 ? 0.0948 0.0730 0.0723 -0.0260 -0.0055 -0.0069 54  ASP A CA  
423 C  C   . ASP A 54 ? 0.1163 0.0622 0.0770 -0.0278 0.0011  0.0039  54  ASP A C   
424 O  O   . ASP A 54 ? 0.1588 0.0539 0.0692 -0.0335 -0.0144 0.0071  54  ASP A O   
425 C  CB  . ASP A 54 ? 0.1163 0.0712 0.0960 -0.0351 0.0035  0.0000  54  ASP A CB  
426 C  CG  . ASP A 54 ? 0.1982 0.0863 0.1079 -0.0410 0.0198  -0.0290 54  ASP A CG  
427 O  OD1 . ASP A 54 ? 0.3144 0.1073 0.1802 -0.0665 0.1203  -0.0426 54  ASP A OD1 
428 O  OD2 . ASP A 54 ? 0.1636 0.1253 0.1351 -0.0290 0.0276  -0.0129 54  ASP A OD2 
429 N  N   . PRO A 55 ? 0.1099 0.0667 0.0798 -0.0177 -0.0042 0.0011  55  PRO A N   
430 C  CA  . PRO A 55 ? 0.0934 0.0851 0.0735 -0.0125 0.0124  -0.0081 55  PRO A CA  
431 C  C   . PRO A 55 ? 0.0835 0.0672 0.0859 -0.0185 0.0091  0.0147  55  PRO A C   
432 O  O   . PRO A 55 ? 0.0816 0.1207 0.0696 -0.0118 -0.0114 -0.0005 55  PRO A O   
433 C  CB  . PRO A 55 ? 0.0803 0.1311 0.0923 0.0085  0.0011  -0.0070 55  PRO A CB  
434 C  CG  . PRO A 55 ? 0.2234 0.1250 0.1283 0.0240  -0.0198 -0.0526 55  PRO A CG  
435 C  CD  . PRO A 55 ? 0.1188 0.0603 0.1021 -0.0031 -0.0040 -0.0137 55  PRO A CD  
436 N  N   . ALA A 56 ? 0.0938 0.0539 0.0820 -0.0284 0.0051  0.0138  56  ALA A N   
437 C  CA  . ALA A 56 ? 0.0820 0.0776 0.0967 -0.0178 0.0061  0.0079  56  ALA A CA  
438 C  C   . ALA A 56 ? 0.0689 0.0819 0.0675 -0.0187 0.0125  0.0120  56  ALA A C   
439 O  O   . ALA A 56 ? 0.1044 0.0914 0.0949 -0.0172 -0.0036 0.0287  56  ALA A O   
440 C  CB  . ALA A 56 ? 0.0749 0.0852 0.0912 -0.0411 0.0121  0.0140  56  ALA A CB  
441 N  N   A LYS A 57 ? 0.0730 0.0568 0.0908 -0.0168 0.0114  0.0154  57  LYS A N   
442 N  N   B LYS A 57 ? 0.0787 0.0556 0.0881 -0.0177 0.0122  0.0156  57  LYS A N   
443 C  CA  A LYS A 57 ? 0.0833 0.0778 0.0867 -0.0099 0.0215  0.0200  57  LYS A CA  
444 C  CA  B LYS A 57 ? 0.0762 0.0718 0.0790 -0.0126 0.0195  0.0168  57  LYS A CA  
445 C  C   A LYS A 57 ? 0.0948 0.0937 0.0510 -0.0136 -0.0031 0.0170  57  LYS A C   
446 C  C   B LYS A 57 ? 0.0801 0.0836 0.0302 -0.0105 -0.0074 0.0152  57  LYS A C   
447 O  O   A LYS A 57 ? 0.1087 0.0670 0.0539 -0.0103 0.0001  0.0171  57  LYS A O   
448 O  O   B LYS A 57 ? 0.0766 0.0679 0.0647 -0.0042 -0.0045 0.0000  57  LYS A O   
449 C  CB  A LYS A 57 ? 0.0783 0.1029 0.1003 -0.0112 0.0210  0.0177  57  LYS A CB  
450 C  CB  B LYS A 57 ? 0.0603 0.0879 0.1002 -0.0142 0.0180  0.0090  57  LYS A CB  
451 C  CG  A LYS A 57 ? 0.0917 0.1067 0.1664 0.0008  0.0333  -0.0245 57  LYS A CG  
452 C  CG  B LYS A 57 ? 0.0734 0.0610 0.0782 -0.0308 0.0166  -0.0377 57  LYS A CG  
453 C  CD  A LYS A 57 ? 0.0874 0.0779 0.2091 -0.0068 0.0299  -0.0189 57  LYS A CD  
454 C  CD  B LYS A 57 ? 0.0901 0.1102 0.1506 0.0185  0.0565  -0.0246 57  LYS A CD  
455 C  CE  A LYS A 57 ? 0.0849 0.1341 0.2079 -0.0191 0.0441  -0.0136 57  LYS A CE  
456 C  CE  B LYS A 57 ? 0.0937 0.1057 0.1124 0.0034  0.0330  -0.0165 57  LYS A CE  
457 N  NZ  A LYS A 57 ? 0.1339 0.1529 0.2262 -0.0347 0.0199  -0.0170 57  LYS A NZ  
458 N  NZ  B LYS A 57 ? 0.1552 0.1972 0.1772 -0.0325 0.0556  0.0126  57  LYS A NZ  
459 N  N   . GLU A 58 ? 0.0651 0.0774 0.0606 -0.0095 0.0032  0.0094  58  GLU A N   
460 C  CA  . GLU A 58 ? 0.0784 0.1029 0.0656 -0.0200 0.0076  0.0057  58  GLU A CA  
461 C  C   . GLU A 58 ? 0.0624 0.0738 0.0677 -0.0173 0.0139  0.0111  58  GLU A C   
462 O  O   . GLU A 58 ? 0.0636 0.0850 0.0803 -0.0151 -0.0075 0.0121  58  GLU A O   
463 C  CB  . GLU A 58 ? 0.0586 0.1206 0.1082 -0.0166 0.0198  -0.0263 58  GLU A CB  
464 C  CG  . GLU A 58 ? 0.0888 0.1320 0.1178 0.0016  -0.0023 -0.0215 58  GLU A CG  
465 C  CD  . GLU A 58 ? 0.1060 0.0965 0.1292 -0.0334 -0.0042 0.0123  58  GLU A CD  
466 O  OE1 . GLU A 58 ? 0.1458 0.1356 0.1262 0.0048  0.0112  0.0057  58  GLU A OE1 
467 O  OE2 . GLU A 58 ? 0.1061 0.1154 0.1062 -0.0135 -0.0059 0.0170  58  GLU A OE2 
468 N  N   . ALA A 59 ? 0.0993 0.0880 0.0636 -0.0146 -0.0137 0.0139  59  ALA A N   
469 C  CA  . ALA A 59 ? 0.1004 0.0826 0.0813 -0.0234 -0.0253 0.0370  59  ALA A CA  
470 C  C   . ALA A 59 ? 0.0967 0.1141 0.0801 -0.0174 -0.0073 0.0274  59  ALA A C   
471 O  O   . ALA A 59 ? 0.1064 0.1124 0.0907 -0.0152 -0.0208 -0.0104 59  ALA A O   
472 C  CB  . ALA A 59 ? 0.1681 0.1112 0.1023 -0.0124 -0.0390 0.0261  59  ALA A CB  
473 N  N   . ILE A 60 ? 0.0949 0.0970 0.0778 -0.0251 0.0071  0.0192  60  ILE A N   
474 C  CA  . ILE A 60 ? 0.0712 0.1218 0.1023 -0.0181 0.0151  0.0136  60  ILE A CA  
475 C  C   . ILE A 60 ? 0.0743 0.0907 0.0634 -0.0040 -0.0046 0.0167  60  ILE A C   
476 O  O   . ILE A 60 ? 0.1015 0.1011 0.0698 0.0031  0.0105  -0.0048 60  ILE A O   
477 C  CB  . ILE A 60 ? 0.1035 0.1687 0.0810 -0.0211 0.0264  0.0191  60  ILE A CB  
478 C  CG1 . ILE A 60 ? 0.1775 0.2808 0.1864 -0.0589 0.0243  0.0384  60  ILE A CG1 
479 C  CG2 . ILE A 60 ? 0.1073 0.2494 0.2109 0.0291  0.0248  -0.0826 60  ILE A CG2 
480 C  CD1 . ILE A 60 ? 0.3009 0.3794 0.3288 -0.0781 -0.0212 -0.0297 60  ILE A CD1 
481 N  N   . MET A 61 ? 0.0691 0.0939 0.0456 -0.0061 0.0050  0.0015  61  MET A N   
482 C  CA  . MET A 61 ? 0.0726 0.0665 0.0603 -0.0143 -0.0159 0.0030  61  MET A CA  
483 C  C   . MET A 61 ? 0.0772 0.0715 0.0409 0.0062  -0.0196 -0.0069 61  MET A C   
484 O  O   . MET A 61 ? 0.0833 0.0664 0.0648 -0.0157 -0.0188 -0.0014 61  MET A O   
485 C  CB  . MET A 61 ? 0.0728 0.0723 0.0392 -0.0098 -0.0062 -0.0074 61  MET A CB  
486 C  CG  . MET A 61 ? 0.0652 0.0513 0.0434 -0.0023 0.0006  -0.0088 61  MET A CG  
487 S  SD  . MET A 61 ? 0.0441 0.0484 0.0394 -0.0021 -0.0001 -0.0143 61  MET A SD  
488 C  CE  . MET A 61 ? 0.0377 0.0742 0.0741 -0.0228 0.0045  -0.0036 61  MET A CE  
489 N  N   . LYS A 62 ? 0.0505 0.0864 0.0549 -0.0148 0.0025  0.0008  62  LYS A N   
490 C  CA  . LYS A 62 ? 0.0616 0.0709 0.0814 -0.0050 0.0086  -0.0212 62  LYS A CA  
491 C  C   . LYS A 62 ? 0.0540 0.0841 0.0451 0.0037  -0.0124 -0.0073 62  LYS A C   
492 O  O   . LYS A 62 ? 0.0631 0.0860 0.0603 -0.0144 0.0013  -0.0085 62  LYS A O   
493 C  CB  . LYS A 62 ? 0.0889 0.0812 0.1243 0.0167  -0.0078 -0.0144 62  LYS A CB  
494 C  CG  . LYS A 62 ? 0.0519 0.1031 0.1484 0.0024  -0.0281 -0.0161 62  LYS A CG  
495 C  CD  . LYS A 62 ? 0.1010 0.1273 0.1518 0.0133  -0.0093 0.0014  62  LYS A CD  
496 C  CE  . LYS A 62 ? 0.1084 0.1577 0.1799 -0.0099 -0.0259 0.0360  62  LYS A CE  
497 N  NZ  . LYS A 62 ? 0.1469 0.1745 0.2657 0.0300  -0.0622 0.0643  62  LYS A NZ  
498 N  N   . PRO A 63 ? 0.0627 0.0743 0.0638 -0.0170 -0.0078 -0.0085 63  PRO A N   
499 C  CA  . PRO A 63 ? 0.0807 0.0995 0.0518 -0.0200 -0.0119 -0.0168 63  PRO A CA  
500 C  C   . PRO A 63 ? 0.0722 0.0895 0.0461 -0.0050 -0.0118 -0.0179 63  PRO A C   
501 O  O   . PRO A 63 ? 0.0808 0.0912 0.0584 -0.0144 -0.0118 -0.0249 63  PRO A O   
502 C  CB  . PRO A 63 ? 0.1518 0.1019 0.0508 -0.0038 0.0194  0.0067  63  PRO A CB  
503 C  CG  . PRO A 63 ? 0.1563 0.1701 0.1356 -0.0631 0.0378  -0.0129 63  PRO A CG  
504 C  CD  . PRO A 63 ? 0.0936 0.1005 0.0439 -0.0154 0.0001  -0.0060 63  PRO A CD  
505 N  N   . GLN A 64 ? 0.0791 0.0846 0.0408 -0.0014 0.0040  -0.0204 64  GLN A N   
506 C  CA  . GLN A 64 ? 0.0715 0.0849 0.0549 -0.0039 -0.0122 -0.0198 64  GLN A CA  
507 C  C   . GLN A 64 ? 0.0785 0.0842 0.0450 0.0070  0.0044  -0.0175 64  GLN A C   
508 O  O   . GLN A 64 ? 0.0803 0.0867 0.0900 0.0012  0.0097  -0.0008 64  GLN A O   
509 C  CB  . GLN A 64 ? 0.0815 0.1054 0.0606 0.0056  -0.0001 -0.0137 64  GLN A CB  
510 C  CG  . GLN A 64 ? 0.0818 0.0577 0.0773 -0.0117 0.0072  -0.0144 64  GLN A CG  
511 C  CD  . GLN A 64 ? 0.0623 0.0621 0.1057 -0.0072 -0.0129 0.0004  64  GLN A CD  
512 O  OE1 . GLN A 64 ? 0.0954 0.0734 0.1100 0.0187  0.0053  -0.0140 64  GLN A OE1 
513 N  NE2 . GLN A 64 ? 0.1090 0.0944 0.0886 0.0008  0.0234  -0.0196 64  GLN A NE2 
514 N  N   . LEU A 65 ? 0.0777 0.0753 0.0445 0.0088  0.0008  -0.0119 65  LEU A N   
515 C  CA  . LEU A 65 ? 0.0843 0.0728 0.0571 -0.0006 0.0079  -0.0241 65  LEU A CA  
516 C  C   . LEU A 65 ? 0.0950 0.0796 0.0441 -0.0009 0.0014  -0.0304 65  LEU A C   
517 O  O   . LEU A 65 ? 0.0952 0.0979 0.0686 -0.0234 0.0245  -0.0221 65  LEU A O   
518 C  CB  . LEU A 65 ? 0.0858 0.0867 0.0493 0.0001  0.0024  -0.0237 65  LEU A CB  
519 C  CG  . LEU A 65 ? 0.1030 0.0711 0.0514 0.0059  0.0147  -0.0107 65  LEU A CG  
520 C  CD1 . LEU A 65 ? 0.0960 0.0787 0.0871 0.0093  0.0152  -0.0128 65  LEU A CD1 
521 C  CD2 . LEU A 65 ? 0.0787 0.1179 0.0535 -0.0327 0.0053  -0.0228 65  LEU A CD2 
522 N  N   A THR A 66 ? 0.0898 0.0835 0.0737 -0.0152 0.0025  -0.0347 66  THR A N   
523 N  N   B THR A 66 ? 0.0903 0.0873 0.0781 -0.0124 -0.0070 -0.0296 66  THR A N   
524 C  CA  A THR A 66 ? 0.1046 0.0953 0.0663 -0.0244 0.0064  -0.0492 66  THR A CA  
525 C  CA  B THR A 66 ? 0.1022 0.1112 0.0879 -0.0024 -0.0113 -0.0308 66  THR A CA  
526 C  C   A THR A 66 ? 0.1392 0.1226 0.0819 -0.0373 0.0155  -0.0430 66  THR A C   
527 C  C   B THR A 66 ? 0.1156 0.1138 0.0809 -0.0139 -0.0211 -0.0397 66  THR A C   
528 O  O   A THR A 66 ? 0.1221 0.1426 0.1231 -0.0592 0.0186  -0.0486 66  THR A O   
529 O  O   B THR A 66 ? 0.1174 0.0899 0.1230 -0.0547 0.0062  -0.0537 66  THR A O   
530 C  CB  A THR A 66 ? 0.1035 0.1192 0.0568 -0.0180 -0.0091 -0.0495 66  THR A CB  
531 C  CB  B THR A 66 ? 0.1014 0.1612 0.1004 -0.0155 -0.0342 -0.0173 66  THR A CB  
532 O  OG1 A THR A 66 ? 0.0744 0.0680 0.0732 0.0037  0.0040  -0.0441 66  THR A OG1 
533 O  OG1 B THR A 66 ? 0.0558 0.1805 0.1026 0.0156  -0.0254 0.0030  66  THR A OG1 
534 C  CG2 A THR A 66 ? 0.1347 0.1477 0.1195 -0.0084 -0.0397 -0.0105 66  THR A CG2 
535 C  CG2 B THR A 66 ? 0.1668 0.2324 0.1578 -0.0296 -0.0341 -0.0397 66  THR A CG2 
536 N  N   A MET A 67 ? 0.1193 0.0888 0.1060 -0.0387 0.0073  -0.0437 67  MET A N   
537 N  N   B MET A 67 ? 0.0978 0.0962 0.0911 -0.0004 0.0089  -0.0404 67  MET A N   
538 C  CA  A MET A 67 ? 0.0943 0.0703 0.1703 -0.0425 0.0310  -0.0520 67  MET A CA  
539 C  CA  B MET A 67 ? 0.0809 0.1169 0.1377 -0.0089 0.0128  -0.0350 67  MET A CA  
540 C  C   A MET A 67 ? 0.1374 0.1425 0.1547 -0.0295 -0.0018 -0.0437 67  MET A C   
541 C  C   B MET A 67 ? 0.0350 0.0725 0.1036 -0.0083 -0.0171 -0.0283 67  MET A C   
542 O  O   A MET A 67 ? 0.2202 0.1483 0.2196 -0.0400 0.0009  -0.0481 67  MET A O   
543 O  O   B MET A 67 ? 0.0505 0.0556 0.1077 -0.0108 -0.0220 -0.0306 67  MET A O   
544 C  CB  A MET A 67 ? 0.1213 0.0917 0.1794 -0.0422 0.0322  -0.0365 67  MET A CB  
545 C  CB  B MET A 67 ? 0.0641 0.1276 0.1411 -0.0151 -0.0081 -0.0526 67  MET A CB  
546 C  CG  A MET A 67 ? 0.1397 0.1049 0.2001 0.0025  0.0209  -0.0468 67  MET A CG  
547 C  CG  B MET A 67 ? 0.1452 0.1519 0.2065 -0.0297 0.0446  -0.0553 67  MET A CG  
548 S  SD  A MET A 67 ? 0.0965 0.1590 0.1450 -0.0135 -0.0058 -0.0502 67  MET A SD  
549 S  SD  B MET A 67 ? 0.1578 0.1350 0.3063 -0.0188 0.0639  -0.0849 67  MET A SD  
550 C  CE  A MET A 67 ? 0.0706 0.1252 0.1554 -0.0137 0.0227  0.0081  67  MET A CE  
551 C  CE  B MET A 67 ? 0.0905 0.0697 0.2679 -0.0193 0.0997  -0.0885 67  MET A CE  
552 N  N   . LEU A 68 ? 0.0886 0.0885 0.0914 -0.0129 0.0164  -0.0339 68  LEU A N   
553 C  CA  . LEU A 68 ? 0.0898 0.0984 0.0855 -0.0261 0.0001  -0.0307 68  LEU A CA  
554 C  C   . LEU A 68 ? 0.0868 0.1085 0.0824 -0.0326 -0.0333 -0.0284 68  LEU A C   
555 O  O   . LEU A 68 ? 0.0921 0.1213 0.0973 -0.0401 -0.0148 -0.0016 68  LEU A O   
556 C  CB  . LEU A 68 ? 0.0829 0.0758 0.0735 -0.0098 -0.0016 -0.0269 68  LEU A CB  
557 C  CG  . LEU A 68 ? 0.0696 0.0967 0.1047 -0.0183 -0.0025 -0.0354 68  LEU A CG  
558 C  CD1 . LEU A 68 ? 0.0678 0.0930 0.1048 -0.0252 -0.0107 -0.0246 68  LEU A CD1 
559 C  CD2 . LEU A 68 ? 0.0563 0.0952 0.1552 -0.0101 -0.0026 -0.0354 68  LEU A CD2 
560 N  N   A LYS A 69 ? 0.1029 0.1241 0.1161 -0.0253 -0.0133 -0.0178 69  LYS A N   
561 N  N   B LYS A 69 ? 0.0782 0.0985 0.1064 -0.0341 -0.0092 -0.0015 69  LYS A N   
562 C  CA  A LYS A 69 ? 0.1143 0.0955 0.1223 -0.0180 -0.0155 -0.0013 69  LYS A CA  
563 C  CA  B LYS A 69 ? 0.0897 0.0999 0.1213 -0.0288 -0.0151 0.0129  69  LYS A CA  
564 C  C   A LYS A 69 ? 0.0803 0.1372 0.0742 -0.0308 -0.0182 -0.0129 69  LYS A C   
565 C  C   B LYS A 69 ? 0.0602 0.1415 0.0914 -0.0278 -0.0023 0.0142  69  LYS A C   
566 O  O   A LYS A 69 ? 0.1256 0.1619 0.1033 -0.0410 0.0045  -0.0055 69  LYS A O   
567 O  O   B LYS A 69 ? 0.0776 0.1697 0.0853 -0.0045 -0.0084 0.0086  69  LYS A O   
568 C  CB  A LYS A 69 ? 0.1408 0.1214 0.0864 -0.0213 -0.0258 -0.0297 69  LYS A CB  
569 C  CB  B LYS A 69 ? 0.0972 0.1124 0.0868 -0.0518 -0.0237 0.0215  69  LYS A CB  
570 C  CG  A LYS A 69 ? 0.1324 0.0847 0.1011 0.0016  -0.0320 -0.0143 69  LYS A CG  
571 C  CG  B LYS A 69 ? 0.0690 0.1243 0.1209 -0.0563 -0.0439 0.0201  69  LYS A CG  
572 C  CD  A LYS A 69 ? 0.0979 0.0860 0.1102 -0.0251 -0.0158 -0.0296 69  LYS A CD  
573 C  CD  B LYS A 69 ? 0.1822 0.1597 0.1792 0.0115  -0.0189 0.0270  69  LYS A CD  
574 C  CE  A LYS A 69 ? 0.0795 0.0643 0.0992 0.0012  -0.0006 -0.0179 69  LYS A CE  
575 C  CE  B LYS A 69 ? 0.1464 0.1708 0.1766 0.0107  0.0015  0.0299  69  LYS A CE  
576 N  NZ  A LYS A 69 ? 0.1156 0.0566 0.0830 -0.0085 -0.0717 0.0028  69  LYS A NZ  
577 N  NZ  B LYS A 69 ? 0.1577 0.1454 0.1749 0.0055  0.0109  -0.0204 69  LYS A NZ  
578 N  N   . GLY A 70 ? 0.0994 0.1128 0.0820 -0.0348 -0.0108 -0.0197 70  GLY A N   
579 C  CA  . GLY A 70 ? 0.1121 0.0994 0.0824 -0.0454 -0.0003 -0.0257 70  GLY A CA  
580 C  C   . GLY A 70 ? 0.0776 0.0720 0.1116 -0.0262 0.0089  -0.0322 70  GLY A C   
581 O  O   . GLY A 70 ? 0.1111 0.0901 0.1284 -0.0588 0.0111  -0.0284 70  GLY A O   
582 N  N   . LEU A 71 ? 0.0728 0.1004 0.0813 -0.0310 -0.0088 -0.0142 71  LEU A N   
583 C  CA  . LEU A 71 ? 0.0527 0.0925 0.1049 -0.0118 -0.0028 -0.0334 71  LEU A CA  
584 C  C   . LEU A 71 ? 0.0521 0.0924 0.1076 -0.0334 -0.0161 -0.0228 71  LEU A C   
585 O  O   . LEU A 71 ? 0.0806 0.1172 0.0936 0.0067  0.0006  -0.0203 71  LEU A O   
586 C  CB  . LEU A 71 ? 0.0761 0.0725 0.1175 -0.0259 -0.0117 -0.0142 71  LEU A CB  
587 C  CG  . LEU A 71 ? 0.0650 0.1088 0.1254 -0.0066 0.0146  0.0127  71  LEU A CG  
588 C  CD1 . LEU A 71 ? 0.0468 0.1456 0.2114 -0.0266 0.0024  0.0336  71  LEU A CD1 
589 C  CD2 . LEU A 71 ? 0.0712 0.1192 0.1603 -0.0093 0.0197  -0.0123 71  LEU A CD2 
590 N  N   . SER A 72 ? 0.0438 0.0941 0.0998 -0.0250 -0.0070 -0.0229 72  SER A N   
591 C  CA  . SER A 72 ? 0.0419 0.1113 0.1094 -0.0323 0.0015  -0.0300 72  SER A CA  
592 C  C   . SER A 72 ? 0.0686 0.1351 0.0773 0.0010  -0.0175 -0.0147 72  SER A C   
593 O  O   . SER A 72 ? 0.0515 0.0917 0.0851 -0.0095 -0.0097 -0.0160 72  SER A O   
594 C  CB  . SER A 72 ? 0.0814 0.1145 0.1031 -0.0328 0.0059  -0.0399 72  SER A CB  
595 O  OG  . SER A 72 ? 0.0704 0.1123 0.0964 -0.0326 -0.0017 -0.0159 72  SER A OG  
596 N  N   . ASP A 73 ? 0.0643 0.1233 0.1065 0.0029  -0.0147 -0.0554 73  ASP A N   
597 C  CA  . ASP A 73 ? 0.0788 0.1459 0.1197 0.0168  -0.0253 -0.0446 73  ASP A CA  
598 C  C   . ASP A 73 ? 0.0779 0.1219 0.1045 0.0067  0.0035  -0.0327 73  ASP A C   
599 O  O   . ASP A 73 ? 0.0677 0.1254 0.0988 -0.0133 -0.0004 -0.0535 73  ASP A O   
600 C  CB  . ASP A 73 ? 0.1115 0.1572 0.1550 0.0376  -0.0341 -0.0539 73  ASP A CB  
601 C  CG  . ASP A 73 ? 0.1855 0.2005 0.2215 0.0880  -0.0135 -0.0486 73  ASP A CG  
602 O  OD1 . ASP A 73 ? 0.1724 0.1325 0.2436 0.0396  -0.0621 -0.0081 73  ASP A OD1 
603 O  OD2 . ASP A 73 ? 0.2709 0.2890 0.2843 0.1632  -0.0122 -0.0506 73  ASP A OD2 
604 N  N   . ALA A 74 ? 0.0645 0.1314 0.0963 -0.0081 0.0022  -0.0271 74  ALA A N   
605 C  CA  . ALA A 74 ? 0.0854 0.1466 0.0772 -0.0341 0.0184  -0.0150 74  ALA A CA  
606 C  C   . ALA A 74 ? 0.0936 0.0837 0.0740 -0.0361 0.0050  -0.0079 74  ALA A C   
607 O  O   . ALA A 74 ? 0.0772 0.1146 0.0636 -0.0426 -0.0094 -0.0059 74  ALA A O   
608 C  CB  . ALA A 74 ? 0.1159 0.1644 0.1078 -0.0522 0.0085  0.0258  74  ALA A CB  
609 N  N   . GLU A 75 ? 0.0594 0.0760 0.0775 -0.0197 0.0054  -0.0122 75  GLU A N   
610 C  CA  . GLU A 75 ? 0.0548 0.0538 0.0813 -0.0132 -0.0114 -0.0130 75  GLU A CA  
611 C  C   . GLU A 75 ? 0.0589 0.0548 0.0765 -0.0113 -0.0103 -0.0085 75  GLU A C   
612 O  O   . GLU A 75 ? 0.0640 0.0752 0.0759 -0.0192 -0.0149 -0.0120 75  GLU A O   
613 C  CB  . GLU A 75 ? 0.0569 0.0578 0.1005 -0.0247 -0.0033 -0.0221 75  GLU A CB  
614 C  CG  . GLU A 75 ? 0.0881 0.0856 0.1149 -0.0224 -0.0178 -0.0040 75  GLU A CG  
615 C  CD  . GLU A 75 ? 0.1533 0.0835 0.1146 -0.0200 -0.0303 -0.0063 75  GLU A CD  
616 O  OE1 . GLU A 75 ? 0.1039 0.0928 0.1083 -0.0282 -0.0095 -0.0302 75  GLU A OE1 
617 O  OE2 . GLU A 75 ? 0.3973 0.0759 0.1885 0.0316  -0.1184 -0.0249 75  GLU A OE2 
618 N  N   . LEU A 76 ? 0.0644 0.0715 0.0683 -0.0204 0.0004  -0.0114 76  LEU A N   
619 C  CA  . LEU A 76 ? 0.0526 0.0731 0.0702 -0.0185 -0.0072 -0.0201 76  LEU A CA  
620 C  C   . LEU A 76 ? 0.0621 0.0658 0.0686 -0.0128 -0.0041 0.0104  76  LEU A C   
621 O  O   . LEU A 76 ? 0.0576 0.0865 0.0696 -0.0226 -0.0102 -0.0033 76  LEU A O   
622 C  CB  . LEU A 76 ? 0.0743 0.0859 0.0758 -0.0120 -0.0113 -0.0104 76  LEU A CB  
623 C  CG  . LEU A 76 ? 0.0675 0.0985 0.0745 -0.0059 -0.0192 -0.0059 76  LEU A CG  
624 C  CD1 . LEU A 76 ? 0.1204 0.1809 0.1157 0.0003  -0.0318 0.0308  76  LEU A CD1 
625 C  CD2 . LEU A 76 ? 0.0967 0.1579 0.0895 -0.0372 0.0002  -0.0069 76  LEU A CD2 
626 N  N   . LYS A 77 ? 0.0687 0.0691 0.0565 -0.0223 -0.0097 -0.0109 77  LYS A N   
627 C  CA  . LYS A 77 ? 0.0720 0.0889 0.0816 -0.0266 -0.0067 -0.0029 77  LYS A CA  
628 C  C   . LYS A 77 ? 0.0967 0.0642 0.0539 -0.0208 0.0053  -0.0119 77  LYS A C   
629 O  O   . LYS A 77 ? 0.0655 0.0916 0.0687 -0.0289 -0.0120 -0.0027 77  LYS A O   
630 C  CB  . LYS A 77 ? 0.0733 0.1164 0.0576 -0.0151 0.0072  -0.0053 77  LYS A CB  
631 C  CG  . LYS A 77 ? 0.1197 0.1395 0.0875 0.0005  0.0181  -0.0200 77  LYS A CG  
632 C  CD  . LYS A 77 ? 0.1827 0.2317 0.0869 0.0199  0.0362  -0.0149 77  LYS A CD  
633 C  CE  . LYS A 77 ? 0.3147 0.3754 0.0819 0.0193  0.0295  0.0132  77  LYS A CE  
634 N  NZ  . LYS A 77 ? 0.4127 0.3933 0.1586 -0.0224 0.0045  0.0117  77  LYS A NZ  
635 N  N   . ALA A 78 ? 0.0582 0.0807 0.0744 -0.0162 0.0000  0.0031  78  ALA A N   
636 C  CA  . ALA A 78 ? 0.0577 0.0694 0.1131 -0.0174 -0.0110 0.0242  78  ALA A CA  
637 C  C   . ALA A 78 ? 0.0773 0.0494 0.0736 -0.0199 -0.0045 0.0026  78  ALA A C   
638 O  O   . ALA A 78 ? 0.0585 0.0737 0.0706 -0.0214 -0.0074 -0.0002 78  ALA A O   
639 C  CB  . ALA A 78 ? 0.0905 0.0654 0.1413 -0.0270 0.0025  0.0271  78  ALA A CB  
640 N  N   . LEU A 79 ? 0.0711 0.0591 0.0716 -0.0235 0.0039  0.0051  79  LEU A N   
641 C  CA  . LEU A 79 ? 0.0628 0.0573 0.0667 -0.0247 -0.0089 -0.0015 79  LEU A CA  
642 C  C   . LEU A 79 ? 0.0608 0.0604 0.0535 -0.0243 -0.0153 0.0090  79  LEU A C   
643 O  O   . LEU A 79 ? 0.0603 0.0617 0.0656 -0.0190 -0.0001 -0.0053 79  LEU A O   
644 C  CB  . LEU A 79 ? 0.0566 0.0747 0.0663 -0.0149 -0.0020 -0.0037 79  LEU A CB  
645 C  CG  . LEU A 79 ? 0.0707 0.0720 0.0608 -0.0137 -0.0092 -0.0020 79  LEU A CG  
646 C  CD1 . LEU A 79 ? 0.0735 0.1012 0.0786 0.0036  0.0013  -0.0023 79  LEU A CD1 
647 C  CD2 . LEU A 79 ? 0.0838 0.0894 0.0648 -0.0031 -0.0275 -0.0050 79  LEU A CD2 
648 N  N   . ALA A 80 ? 0.0556 0.0679 0.0596 -0.0111 -0.0176 -0.0062 80  ALA A N   
649 C  CA  . ALA A 80 ? 0.0525 0.0616 0.0610 -0.0184 -0.0049 -0.0014 80  ALA A CA  
650 C  C   . ALA A 80 ? 0.0529 0.0685 0.0584 -0.0122 -0.0062 -0.0171 80  ALA A C   
651 O  O   . ALA A 80 ? 0.0546 0.0797 0.0842 -0.0088 -0.0203 -0.0196 80  ALA A O   
652 C  CB  . ALA A 80 ? 0.0557 0.0703 0.0802 -0.0080 -0.0018 -0.0033 80  ALA A CB  
653 N  N   A ASP A 81 ? 0.0526 0.0843 0.0288 -0.0132 -0.0012 -0.0125 81  ASP A N   
654 N  N   B ASP A 81 ? 0.0693 0.1138 0.0745 -0.0158 -0.0130 0.0087  81  ASP A N   
655 C  CA  A ASP A 81 ? 0.0666 0.1146 0.0562 -0.0166 -0.0140 -0.0012 81  ASP A CA  
656 C  CA  B ASP A 81 ? 0.0607 0.1281 0.0814 -0.0259 -0.0108 0.0086  81  ASP A CA  
657 C  C   A ASP A 81 ? 0.0805 0.0801 0.0327 -0.0231 -0.0073 0.0200  81  ASP A C   
658 C  C   B ASP A 81 ? 0.0660 0.0630 0.0372 -0.0371 -0.0063 0.0118  81  ASP A C   
659 O  O   A ASP A 81 ? 0.0621 0.0634 0.0472 -0.0175 -0.0209 0.0264  81  ASP A O   
660 O  O   B ASP A 81 ? 0.0824 0.0570 0.0466 -0.0356 -0.0200 0.0240  81  ASP A O   
661 C  CB  A ASP A 81 ? 0.0600 0.1297 0.0263 -0.0354 -0.0048 0.0080  81  ASP A CB  
662 C  CB  B ASP A 81 ? 0.0455 0.1729 0.0815 -0.0381 0.0082  0.0347  81  ASP A CB  
663 C  CG  A ASP A 81 ? 0.1468 0.0582 0.1100 -0.0423 -0.0434 0.0068  81  ASP A CG  
664 C  CG  B ASP A 81 ? 0.0706 0.1352 0.0748 -0.0691 -0.0208 0.0183  81  ASP A CG  
665 O  OD1 A ASP A 81 ? 0.1089 0.0787 0.0603 -0.0138 -0.0054 0.0033  81  ASP A OD1 
666 O  OD1 B ASP A 81 ? 0.0762 0.1896 0.1147 -0.0348 0.0017  0.0449  81  ASP A OD1 
667 O  OD2 A ASP A 81 ? 0.1092 0.0759 0.1094 -0.0485 -0.0172 0.0120  81  ASP A OD2 
668 O  OD2 B ASP A 81 ? 0.0604 0.1753 0.0902 0.0122  -0.0066 -0.0070 81  ASP A OD2 
669 N  N   . PHE A 82 ? 0.0669 0.0616 0.0690 -0.0101 -0.0002 0.0030  82  PHE A N   
670 C  CA  . PHE A 82 ? 0.0789 0.0674 0.0986 -0.0208 -0.0065 -0.0074 82  PHE A CA  
671 C  C   . PHE A 82 ? 0.0835 0.0461 0.0525 0.0015  -0.0034 -0.0034 82  PHE A C   
672 O  O   . PHE A 82 ? 0.0587 0.0776 0.0784 -0.0105 -0.0175 0.0022  82  PHE A O   
673 C  CB  . PHE A 82 ? 0.0684 0.0594 0.1027 -0.0071 -0.0219 -0.0215 82  PHE A CB  
674 C  CG  . PHE A 82 ? 0.0812 0.0709 0.1155 -0.0031 -0.0084 -0.0127 82  PHE A CG  
675 C  CD1 . PHE A 82 ? 0.0947 0.0937 0.1664 0.0178  -0.0121 0.0257  82  PHE A CD1 
676 C  CD2 . PHE A 82 ? 0.0968 0.1070 0.1195 -0.0239 0.0058  -0.0473 82  PHE A CD2 
677 C  CE1 . PHE A 82 ? 0.1147 0.1333 0.1890 0.0321  -0.0184 -0.0314 82  PHE A CE1 
678 C  CE2 . PHE A 82 ? 0.1184 0.1539 0.1228 -0.0069 0.0088  -0.0450 82  PHE A CE2 
679 C  CZ  . PHE A 82 ? 0.1006 0.1611 0.2154 0.0022  0.0241  -0.0564 82  PHE A CZ  
680 N  N   . ILE A 83 ? 0.0651 0.0661 0.0554 -0.0051 -0.0073 -0.0135 83  ILE A N   
681 C  CA  . ILE A 83 ? 0.0767 0.0469 0.0557 -0.0204 -0.0063 0.0029  83  ILE A CA  
682 C  C   . ILE A 83 ? 0.0563 0.0621 0.0402 -0.0078 -0.0056 0.0004  83  ILE A C   
683 O  O   . ILE A 83 ? 0.0512 0.0680 0.0607 -0.0129 -0.0089 -0.0067 83  ILE A O   
684 C  CB  . ILE A 83 ? 0.0801 0.0642 0.0600 -0.0068 -0.0159 -0.0139 83  ILE A CB  
685 C  CG1 . ILE A 83 ? 0.0883 0.0850 0.0393 0.0002  0.0007  -0.0109 83  ILE A CG1 
686 C  CG2 . ILE A 83 ? 0.1366 0.0552 0.0787 -0.0249 -0.0371 -0.0123 83  ILE A CG2 
687 C  CD1 . ILE A 83 ? 0.1392 0.0945 0.0679 0.0124  -0.0327 -0.0074 83  ILE A CD1 
688 N  N   . LEU A 84 ? 0.0564 0.0619 0.0442 -0.0107 -0.0002 -0.0008 84  LEU A N   
689 C  CA  . LEU A 84 ? 0.0503 0.0690 0.0445 -0.0082 -0.0096 0.0006  84  LEU A CA  
690 C  C   . LEU A 84 ? 0.0647 0.0604 0.0580 -0.0169 -0.0098 -0.0074 84  LEU A C   
691 O  O   . LEU A 84 ? 0.0727 0.0925 0.0662 -0.0194 -0.0278 -0.0136 84  LEU A O   
692 C  CB  . LEU A 84 ? 0.0704 0.0556 0.0562 -0.0062 0.0033  -0.0096 84  LEU A CB  
693 C  CG  . LEU A 84 ? 0.0890 0.0530 0.0575 0.0087  0.0129  -0.0167 84  LEU A CG  
694 C  CD1 . LEU A 84 ? 0.0597 0.1236 0.0848 -0.0158 0.0160  -0.0134 84  LEU A CD1 
695 C  CD2 . LEU A 84 ? 0.0915 0.0716 0.1086 0.0051  0.0219  0.0006  84  LEU A CD2 
696 N  N   . SER A 85 ? 0.0698 0.0782 0.0518 -0.0075 -0.0073 0.0106  85  SER A N   
697 C  CA  . SER A 85 ? 0.0709 0.0903 0.0701 -0.0208 -0.0146 0.0197  85  SER A CA  
698 C  C   . SER A 85 ? 0.0750 0.1176 0.0803 -0.0238 -0.0095 0.0185  85  SER A C   
699 O  O   . SER A 85 ? 0.1035 0.1344 0.1002 -0.0213 -0.0541 0.0439  85  SER A O   
700 C  CB  . SER A 85 ? 0.0887 0.1057 0.0774 -0.0134 -0.0200 0.0075  85  SER A CB  
701 O  OG  . SER A 85 ? 0.1100 0.0953 0.1061 0.0077  -0.0252 0.0140  85  SER A OG  
702 N  N   . HIS A 86 ? 0.0555 0.1140 0.0760 -0.0066 -0.0058 0.0202  86  HIS A N   
703 C  CA  . HIS A 86 ? 0.0688 0.1569 0.0800 -0.0319 -0.0145 0.0171  86  HIS A CA  
704 C  C   . HIS A 86 ? 0.0561 0.2329 0.1076 -0.0625 -0.0299 -0.0041 86  HIS A C   
705 O  O   . HIS A 86 ? 0.1841 0.2550 0.1707 -0.1002 -0.0409 0.0423  86  HIS A O   
706 C  CB  . HIS A 86 ? 0.0576 0.1460 0.1196 -0.0206 0.0050  0.0401  86  HIS A CB  
707 C  CG  . HIS A 86 ? 0.0786 0.1140 0.0788 -0.0149 0.0079  0.0361  86  HIS A CG  
708 N  ND1 . HIS A 86 ? 0.0707 0.1291 0.0927 -0.0143 -0.0051 0.0227  86  HIS A ND1 
709 C  CD2 . HIS A 86 ? 0.0794 0.1498 0.1117 0.0283  0.0005  0.0179  86  HIS A CD2 
710 C  CE1 . HIS A 86 ? 0.1396 0.0984 0.1298 -0.0147 0.0217  0.0133  86  HIS A CE1 
711 N  NE2 . HIS A 86 ? 0.0993 0.1518 0.1336 0.0145  0.0036  -0.0171 86  HIS A NE2 
712 FE FE  . HEC B .  ? 0.0372 0.0390 0.0366 -0.0052 0.0055  -0.0122 200 HEC A FE  
713 C  CHA . HEC B .  ? 0.0453 0.0589 0.0357 -0.0049 0.0122  -0.0056 200 HEC A CHA 
714 C  CHB . HEC B .  ? 0.0425 0.0406 0.0552 0.0023  -0.0065 -0.0211 200 HEC A CHB 
715 C  CHC . HEC B .  ? 0.0434 0.0562 0.0486 -0.0010 0.0105  -0.0101 200 HEC A CHC 
716 C  CHD . HEC B .  ? 0.0489 0.0468 0.0554 0.0049  0.0081  -0.0218 200 HEC A CHD 
717 N  NA  . HEC B .  ? 0.0510 0.0531 0.0345 -0.0059 0.0108  -0.0134 200 HEC A NA  
718 C  C1A . HEC B .  ? 0.0388 0.0371 0.0429 -0.0121 0.0124  -0.0131 200 HEC A C1A 
719 C  C2A . HEC B .  ? 0.0431 0.0424 0.0437 -0.0034 0.0029  -0.0003 200 HEC A C2A 
720 C  C3A . HEC B .  ? 0.0394 0.0533 0.0348 0.0033  0.0042  -0.0139 200 HEC A C3A 
721 C  C4A . HEC B .  ? 0.0396 0.0523 0.0311 -0.0050 0.0040  -0.0121 200 HEC A C4A 
722 C  CMA . HEC B .  ? 0.0523 0.0559 0.0582 -0.0154 0.0248  -0.0005 200 HEC A CMA 
723 C  CAA . HEC B .  ? 0.0460 0.0332 0.0592 -0.0071 0.0056  -0.0125 200 HEC A CAA 
724 C  CBA . HEC B .  ? 0.0715 0.0268 0.0576 -0.0012 0.0017  -0.0034 200 HEC A CBA 
725 C  CGA . HEC B .  ? 0.0524 0.0515 0.0481 0.0020  0.0130  0.0071  200 HEC A CGA 
726 O  O1A . HEC B .  ? 0.0681 0.0451 0.0530 0.0018  0.0147  -0.0069 200 HEC A O1A 
727 O  O2A . HEC B .  ? 0.0789 0.0411 0.0484 0.0057  0.0208  -0.0094 200 HEC A O2A 
728 N  NB  . HEC B .  ? 0.0573 0.0309 0.0581 -0.0114 -0.0053 -0.0051 200 HEC A NB  
729 C  C1B . HEC B .  ? 0.0417 0.0462 0.0449 0.0011  0.0137  -0.0081 200 HEC A C1B 
730 C  C2B . HEC B .  ? 0.0489 0.0565 0.0503 0.0001  -0.0046 -0.0118 200 HEC A C2B 
731 C  C3B . HEC B .  ? 0.0452 0.0382 0.0661 -0.0067 -0.0009 -0.0107 200 HEC A C3B 
732 C  C4B . HEC B .  ? 0.0384 0.0339 0.0450 -0.0030 -0.0068 -0.0086 200 HEC A C4B 
733 C  CMB . HEC B .  ? 0.0758 0.0668 0.0659 -0.0250 0.0258  0.0035  200 HEC A CMB 
734 C  CAB . HEC B .  ? 0.0736 0.0406 0.0966 -0.0085 -0.0032 -0.0252 200 HEC A CAB 
735 C  CBB . HEC B .  ? 0.0560 0.0717 0.1094 -0.0249 -0.0007 -0.0215 200 HEC A CBB 
736 N  NC  . HEC B .  ? 0.0437 0.0618 0.0401 -0.0018 0.0127  -0.0153 200 HEC A NC  
737 C  C1C . HEC B .  ? 0.0482 0.0396 0.0459 -0.0138 -0.0013 -0.0101 200 HEC A C1C 
738 C  C2C . HEC B .  ? 0.0560 0.0631 0.0461 -0.0013 0.0024  -0.0181 200 HEC A C2C 
739 C  C3C . HEC B .  ? 0.0448 0.0646 0.0506 0.0019  0.0082  -0.0261 200 HEC A C3C 
740 C  C4C . HEC B .  ? 0.0580 0.0511 0.0329 0.0140  0.0060  -0.0085 200 HEC A C4C 
741 C  CMC . HEC B .  ? 0.0831 0.0580 0.0717 0.0094  -0.0003 -0.0244 200 HEC A CMC 
742 C  CAC . HEC B .  ? 0.0733 0.0810 0.0447 0.0101  0.0225  -0.0081 200 HEC A CAC 
743 C  CBC . HEC B .  ? 0.0982 0.1339 0.0355 0.0162  0.0150  -0.0214 200 HEC A CBC 
744 N  ND  . HEC B .  ? 0.0430 0.0514 0.0558 -0.0116 -0.0044 -0.0007 200 HEC A ND  
745 C  C1D . HEC B .  ? 0.0361 0.0610 0.0373 -0.0138 0.0056  0.0013  200 HEC A C1D 
746 C  C2D . HEC B .  ? 0.0398 0.0576 0.0919 -0.0050 -0.0046 0.0082  200 HEC A C2D 
747 C  C3D . HEC B .  ? 0.0565 0.0567 0.0485 -0.0013 0.0156  -0.0031 200 HEC A C3D 
748 C  C4D . HEC B .  ? 0.0487 0.0357 0.0579 -0.0083 -0.0142 -0.0080 200 HEC A C4D 
749 C  CMD . HEC B .  ? 0.0904 0.0625 0.0535 -0.0194 0.0249  -0.0027 200 HEC A CMD 
750 C  CAD . HEC B .  ? 0.0548 0.0500 0.0629 -0.0251 0.0236  -0.0128 200 HEC A CAD 
751 C  CBD . HEC B .  ? 0.0477 0.0424 0.0727 0.0024  0.0093  -0.0068 200 HEC A CBD 
752 C  CGD . HEC B .  ? 0.0344 0.0484 0.0779 -0.0117 0.0002  -0.0028 200 HEC A CGD 
753 O  O1D . HEC B .  ? 0.0551 0.0640 0.0356 -0.0109 -0.0068 -0.0125 200 HEC A O1D 
754 O  O2D . HEC B .  ? 0.0812 0.0581 0.0516 0.0031  0.0007  -0.0052 200 HEC A O2D 
755 O  O   . HOH C .  ? 0.3317 0.1892 0.2782 0.0527  -0.0872 -0.1310 88  HOH A O   
756 O  O   . HOH C .  ? 0.3799 0.3799 0.3799 0.0000  0.0000  0.0000  89  HOH A O   
757 O  O   . HOH C .  ? 0.2821 0.4636 0.3507 0.0354  -0.0017 -0.0629 90  HOH A O   
758 O  O   . HOH C .  ? 0.2501 0.3446 0.3957 0.0651  -0.0211 -0.0275 91  HOH A O   
759 O  O   . HOH C .  ? 0.2567 0.1891 0.3020 -0.0691 0.0660  -0.0922 92  HOH A O   
760 O  O   . HOH C .  ? 0.3671 0.3299 0.3677 -0.0127 -0.1142 -0.0958 93  HOH A O   
761 O  O   . HOH C .  ? 0.4201 0.3308 0.3127 0.0632  0.0574  -0.0495 94  HOH A O   
762 O  O   . HOH C .  ? 0.0843 0.1016 0.0921 0.0217  0.0149  0.0137  95  HOH A O   
763 O  O   . HOH C .  ? 0.0579 0.0765 0.0996 -0.0118 -0.0080 -0.0078 96  HOH A O   
764 O  O   . HOH C .  ? 0.2308 0.1895 0.1879 -0.0995 0.0547  -0.0430 97  HOH A O   
765 O  O   . HOH C .  ? 0.3446 0.4736 0.2734 -0.0258 0.0580  0.0426  98  HOH A O   
766 O  O   . HOH C .  ? 0.2494 0.4563 0.3080 -0.0410 0.0296  -0.1422 99  HOH A O   
767 O  O   . HOH C .  ? 0.3109 0.2369 0.4085 0.0203  -0.1179 -0.0649 100 HOH A O   
768 O  O   . HOH C .  ? 0.1466 0.0882 0.1572 0.0017  0.0057  0.0114  101 HOH A O   
769 O  O   . HOH C .  ? 0.4183 0.2486 0.3160 0.0151  -0.0592 -0.0094 102 HOH A O   
770 O  O   . HOH C .  ? 0.3652 0.3198 0.2047 0.0813  0.0608  0.0635  103 HOH A O   
771 O  O   . HOH C .  ? 0.3058 0.4595 0.3098 -0.0158 -0.0165 -0.0321 104 HOH A O   
772 O  O   . HOH C .  ? 0.2169 0.2659 0.3599 -0.0141 -0.0060 -0.0377 105 HOH A O   
773 O  O   . HOH C .  ? 0.2570 0.3879 0.3227 -0.0492 0.0168  0.0137  106 HOH A O   
774 O  O   . HOH C .  ? 0.2221 0.2667 0.5279 0.0588  -0.0103 0.0018  107 HOH A O   
775 O  O   . HOH C .  ? 0.2493 0.2062 0.4243 0.0269  0.0464  -0.0945 108 HOH A O   
776 O  O   . HOH C .  ? 0.2636 0.5231 0.3517 0.0521  0.0503  -0.0136 109 HOH A O   
777 O  O   . HOH C .  ? 0.1752 0.1757 0.2379 -0.0284 0.0221  0.0414  110 HOH A O   
778 O  O   . HOH C .  ? 0.2777 0.2032 0.2277 -0.0277 -0.0419 0.0291  111 HOH A O   
779 O  O   . HOH C .  ? 0.3431 0.3942 0.3789 0.1318  0.0727  0.1363  112 HOH A O   
780 O  O   . HOH C .  ? 0.0632 0.0942 0.0903 -0.0131 0.0051  0.0139  113 HOH A O   
781 O  O   . HOH C .  ? 0.4572 0.3616 0.5581 0.1013  0.0589  -0.0548 114 HOH A O   
782 O  O   . HOH C .  ? 0.2621 0.3572 0.2637 -0.0943 -0.0530 0.0217  115 HOH A O   
783 O  O   . HOH C .  ? 0.2068 0.1765 0.5678 0.0147  -0.0398 -0.0320 116 HOH A O   
784 O  O   . HOH C .  ? 0.0846 0.0894 0.0798 0.0061  -0.0036 0.0097  117 HOH A O   
785 O  O   . HOH C .  ? 0.3344 0.2593 0.4471 -0.0582 -0.0400 0.0566  118 HOH A O   
786 O  O   . HOH C .  ? 0.2193 0.3856 0.4988 -0.0611 0.0056  0.0990  119 HOH A O   
787 O  O   . HOH C .  ? 0.1559 0.1379 0.3128 0.0038  -0.0510 0.0495  120 HOH A O   
788 O  O   . HOH C .  ? 0.3799 0.3799 0.3799 0.0000  0.0000  0.0000  121 HOH A O   
789 O  O   . HOH C .  ? 0.3799 0.3799 0.3799 0.0000  0.0000  0.0000  122 HOH A O   
790 O  O   . HOH C .  ? 0.5030 0.1811 0.4813 -0.0296 0.0097  0.0145  123 HOH A O   
791 O  O   . HOH C .  ? 0.2820 0.3482 0.3566 -0.0656 0.0157  0.1913  124 HOH A O   
792 O  O   . HOH C .  ? 0.1747 0.1205 0.1998 -0.0488 -0.0333 -0.0282 125 HOH A O   
793 O  O   . HOH C .  ? 0.2444 0.2903 0.2353 0.0316  -0.0048 0.0858  126 HOH A O   
794 O  O   . HOH C .  ? 0.2457 0.1965 0.1807 -0.0317 -0.0279 -0.0052 127 HOH A O   
795 O  O   . HOH C .  ? 0.2431 0.1566 0.4200 -0.0356 -0.1936 -0.0744 128 HOH A O   
796 O  O   . HOH C .  ? 0.1621 0.4290 0.2131 -0.0249 0.0543  0.0009  129 HOH A O   
797 O  O   . HOH C .  ? 0.0645 0.1379 0.0558 0.0018  -0.0139 -0.0073 130 HOH A O   
798 O  O   . HOH C .  ? 0.2647 0.2699 0.1234 -0.0105 0.0113  0.0015  131 HOH A O   
799 O  O   . HOH C .  ? 0.3133 0.2868 0.1820 -0.0128 0.0267  -0.1189 132 HOH A O   
800 O  O   . HOH C .  ? 0.4189 0.1443 0.3186 -0.1028 -0.1057 0.0237  133 HOH A O   
801 O  O   . HOH C .  ? 0.1303 0.1124 0.0732 -0.0235 -0.0131 -0.0247 134 HOH A O   
802 O  O   . HOH C .  ? 0.2870 0.4251 0.2213 -0.0636 -0.0389 -0.0105 135 HOH A O   
803 O  O   . HOH C .  ? 0.2029 0.1784 0.2104 0.0622  -0.0866 -0.0689 136 HOH A O   
804 O  O   . HOH C .  ? 0.2579 0.3325 0.2120 0.0530  0.0167  0.0257  137 HOH A O   
805 O  O   . HOH C .  ? 0.2556 0.1765 0.3162 0.0305  0.0103  -0.1107 138 HOH A O   
806 O  O   . HOH C .  ? 0.1288 0.1984 0.2118 -0.0405 -0.0168 0.0239  139 HOH A O   
807 O  O   . HOH C .  ? 0.1045 0.1628 0.1904 -0.0048 0.0060  -0.0398 140 HOH A O   
808 O  O   . HOH C .  ? 0.1653 0.1256 0.4633 0.0039  0.0167  -0.0111 141 HOH A O   
809 O  O   . HOH C .  ? 0.1930 0.2781 0.5350 -0.0095 -0.0649 -0.2041 142 HOH A O   
810 O  O   . HOH C .  ? 0.0941 0.4792 0.1409 -0.0052 0.0375  -0.0853 143 HOH A O   
811 O  O   . HOH C .  ? 0.1013 0.2573 0.1294 -0.0564 0.0146  -0.0379 144 HOH A O   
812 O  O   . HOH C .  ? 0.3018 0.3521 0.3433 -0.0446 -0.0968 0.1195  145 HOH A O   
813 O  O   . HOH C .  ? 0.1315 0.0957 0.3095 -0.0298 -0.0122 0.0816  146 HOH A O   
814 O  O   . HOH C .  ? 0.2339 0.4000 0.3975 0.1219  0.0168  0.0735  147 HOH A O   
815 O  O   . HOH C .  ? 0.2133 0.2523 0.2994 0.0433  0.0144  -0.0708 148 HOH A O   
816 O  O   . HOH C .  ? 0.3958 0.4557 0.2440 0.0499  -0.0462 0.0837  149 HOH A O   
817 O  O   . HOH C .  ? 0.3956 0.5094 0.3380 -0.0406 -0.0716 0.0151  150 HOH A O   
818 O  O   . HOH C .  ? 0.3107 0.3037 0.2107 -0.0121 -0.0268 -0.0455 151 HOH A O   
819 O  O   . HOH C .  ? 0.1467 0.1571 0.4976 -0.0028 0.0611  -0.0185 152 HOH A O   
820 O  O   . HOH C .  ? 0.0849 0.1130 0.1047 -0.0163 -0.0051 0.0126  153 HOH A O   
821 O  O   . HOH C .  ? 0.2563 0.2196 0.3139 -0.0001 0.0230  -0.0467 154 HOH A O   
822 O  O   . HOH C .  ? 0.5136 0.2569 0.2335 -0.0055 -0.0337 -0.0383 155 HOH A O   
823 O  O   . HOH C .  ? 0.2524 0.4475 0.5047 -0.0031 -0.0062 -0.0101 156 HOH A O   
824 O  O   . HOH C .  ? 0.3306 0.2453 0.3444 0.0423  -0.0106 -0.0655 157 HOH A O   
825 O  O   . HOH C .  ? 0.3656 0.3089 0.3723 0.0445  0.0271  -0.0594 158 HOH A O   
826 O  O   . HOH C .  ? 0.4019 0.3787 0.3027 0.0133  -0.0735 0.0736  159 HOH A O   
827 O  O   . HOH C .  ? 0.3799 0.3799 0.3799 0.0000  0.0000  0.0000  160 HOH A O   
828 O  O   . HOH C .  ? 0.0630 0.2023 0.2017 -0.0050 0.0066  -0.0589 161 HOH A O   
829 O  O   . HOH C .  ? 0.1731 0.1209 0.1476 -0.0390 0.0235  -0.0552 162 HOH A O   
830 O  O   . HOH C .  ? 0.2147 0.2041 0.1049 -0.0129 -0.0014 0.0316  163 HOH A O   
831 O  O   . HOH C .  ? 0.1576 0.1817 0.2754 -0.0112 -0.0004 -0.0667 164 HOH A O   
832 O  O   . HOH C .  ? 0.2823 0.1660 0.2621 -0.0799 0.0241  0.0594  165 HOH A O   
833 O  O   . HOH C .  ? 0.1665 0.1518 0.1057 -0.0319 -0.0053 -0.0124 166 HOH A O   
834 O  O   . HOH C .  ? 0.1830 0.1921 0.3165 -0.0041 0.0281  0.0220  167 HOH A O   
835 O  O   . HOH C .  ? 0.1725 0.1072 0.2026 0.0077  0.0150  -0.0206 168 HOH A O   
836 O  O   . HOH C .  ? 0.1261 0.1122 0.1664 -0.0004 -0.0446 0.0116  169 HOH A O   
837 O  O   . HOH C .  ? 0.1640 0.1252 0.1097 0.0238  -0.0253 -0.0181 170 HOH A O   
838 O  O   . HOH C .  ? 0.1970 0.1319 0.2505 -0.0054 -0.0298 -0.0051 171 HOH A O   
839 O  O   . HOH C .  ? 0.1726 0.1399 0.3042 -0.0157 -0.1144 0.0113  172 HOH A O   
840 O  O   . HOH C .  ? 0.2123 0.2408 0.3279 -0.0750 -0.0769 0.0165  173 HOH A O   
841 O  O   . HOH C .  ? 0.1596 0.1891 0.1534 -0.0553 -0.0054 0.0139  174 HOH A O   
842 O  O   . HOH C .  ? 0.2514 0.2447 0.0928 -0.0558 -0.0306 0.0567  175 HOH A O   
843 O  O   . HOH C .  ? 0.0958 0.1125 0.2718 0.0060  0.0352  -0.0292 176 HOH A O   
844 O  O   . HOH C .  ? 0.1970 0.1006 0.1091 -0.0535 -0.0336 0.0188  177 HOH A O   
845 O  O   . HOH C .  ? 0.2221 0.4048 0.3106 -0.0946 -0.0167 0.0347  178 HOH A O   
846 O  O   . HOH C .  ? 0.1675 0.3496 0.1049 0.0726  -0.0151 -0.0182 179 HOH A O   
847 O  O   . HOH C .  ? 0.2782 0.3000 0.2640 -0.0017 -0.0266 -0.1258 180 HOH A O   
848 O  O   . HOH C .  ? 0.1040 0.3153 0.1674 0.0492  0.0068  -0.0513 181 HOH A O   
849 O  O   . HOH C .  ? 0.2890 0.1871 0.2064 -0.0006 0.0195  -0.0187 182 HOH A O   
850 O  O   . HOH C .  ? 0.2889 0.2861 0.3687 0.0225  -0.0383 0.0144  183 HOH A O   
851 O  O   . HOH C .  ? 0.2231 0.2766 0.2736 0.0175  0.0389  -0.0614 184 HOH A O   
852 O  O   . HOH C .  ? 0.1440 0.2356 0.1508 0.0482  -0.0635 -0.0332 185 HOH A O   
853 O  O   . HOH C .  ? 0.3603 0.1324 0.2183 0.0985  0.0325  0.0109  186 HOH A O   
854 O  O   . HOH C .  ? 0.1684 0.3480 0.2722 -0.0303 0.0535  0.0549  187 HOH A O   
855 O  O   . HOH C .  ? 0.4189 0.2924 0.2099 0.1019  0.0776  0.0076  188 HOH A O   
856 O  O   . HOH C .  ? 0.3989 0.2253 0.2598 0.0344  0.0136  -0.0376 189 HOH A O   
857 O  O   . HOH C .  ? 0.2903 0.2739 0.2826 -0.0563 -0.1054 0.0727  190 HOH A O   
858 O  O   . HOH C .  ? 0.1837 0.2015 0.2346 0.0045  0.0727  0.0224  191 HOH A O   
859 O  O   . HOH C .  ? 0.1749 0.3466 0.2308 -0.0165 -0.0017 -0.0741 192 HOH A O   
860 O  O   . HOH C .  ? 0.1845 0.3723 0.2071 0.0033  -0.0211 -0.0758 193 HOH A O   
861 O  O   . HOH C .  ? 0.4823 0.2311 0.4000 0.0313  0.0491  0.0039  194 HOH A O   
862 O  O   . HOH C .  ? 0.2675 0.3122 0.1805 -0.0819 0.0131  -0.0369 195 HOH A O   
863 O  O   . HOH C .  ? 0.3225 0.3460 0.4191 -0.0724 -0.0044 -0.1559 196 HOH A O   
864 O  O   . HOH C .  ? 0.3656 0.1546 0.2872 0.0358  -0.1276 -0.0242 197 HOH A O   
865 O  O   . HOH C .  ? 0.2623 0.2442 0.3528 -0.0591 0.0477  -0.0811 198 HOH A O   
866 O  O   . HOH C .  ? 0.3473 0.2362 0.2056 -0.0069 -0.0653 0.0187  199 HOH A O   
867 O  O   . HOH C .  ? 0.2970 0.2809 0.2606 -0.0230 0.0828  0.0484  201 HOH A O   
868 O  O   . HOH C .  ? 0.2800 0.3000 0.3808 -0.0261 -0.0368 -0.0518 202 HOH A O   
869 O  O   . HOH C .  ? 0.2416 0.2811 0.3129 -0.1298 0.0048  0.0461  203 HOH A O   
870 O  O   . HOH C .  ? 0.1543 0.0806 0.1378 -0.0346 0.0209  0.0085  204 HOH A O   
871 O  O   . HOH C .  ? 0.2033 0.3161 0.4819 0.0715  0.0280  -0.1319 205 HOH A O   
872 O  O   . HOH C .  ? 0.2641 0.2672 0.3068 -0.0096 -0.0828 -0.0645 206 HOH A O   
873 O  O   . HOH C .  ? 0.2371 0.3103 0.2192 -0.0312 0.0318  0.0280  207 HOH A O   
874 O  O   . HOH C .  ? 0.1125 0.1969 0.1972 0.0087  0.0274  -0.0224 208 HOH A O   
875 O  O   . HOH C .  ? 0.1798 0.2942 0.3831 -0.0078 0.0240  -0.1014 209 HOH A O   
876 O  O   . HOH C .  ? 0.1691 0.2044 0.3428 0.0112  0.0168  0.0773  210 HOH A O   
877 O  O   . HOH C .  ? 0.3147 0.2310 0.3235 -0.0608 0.0779  -0.0133 211 HOH A O   
878 O  O   . HOH C .  ? 0.3080 0.2905 0.2944 0.0493  0.0584  -0.0263 212 HOH A O   
879 O  O   . HOH C .  ? 0.2116 0.4068 0.1887 -0.1208 0.0323  -0.0812 213 HOH A O   
880 O  O   . HOH C .  ? 0.2908 0.1533 0.3414 -0.0373 0.0929  -0.0685 214 HOH A O   
881 O  O   . HOH C .  ? 0.0615 0.1915 0.1617 0.0062  0.0000  -0.0259 215 HOH A O   
882 O  O   . HOH C .  ? 0.2624 0.2583 0.3974 -0.0467 0.0346  -0.0260 216 HOH A O   
883 O  O   . HOH C .  ? 0.1803 0.2278 0.2745 0.0566  0.0599  -0.0365 217 HOH A O   
884 O  O   . HOH C .  ? 0.3942 0.3778 0.2130 -0.0662 -0.0006 0.0863  218 HOH A O   
885 O  O   . HOH C .  ? 0.2701 0.2633 0.3072 -0.0028 0.0098  0.0137  219 HOH A O   
886 O  O   . HOH C .  ? 0.2153 0.3038 0.1876 -0.0893 0.0054  -0.0382 220 HOH A O   
887 O  O   . HOH C .  ? 0.3284 0.2847 0.3459 0.0355  0.0034  -0.0090 222 HOH A O   
888 O  O   . HOH C .  ? 0.2358 0.1734 0.3892 0.0494  0.0062  -0.0070 223 HOH A O   
889 O  O   . HOH C .  ? 0.3046 0.1532 0.2453 0.0196  -0.0007 0.0283  224 HOH A O   
890 O  O   . HOH C .  ? 0.3105 0.1690 0.3493 -0.0018 -0.0124 0.0350  225 HOH A O   
891 O  O   . HOH C .  ? 0.1909 0.2264 0.1788 0.0228  -0.0400 -0.0112 226 HOH A O   
892 O  O   . HOH C .  ? 0.2118 0.2050 0.3954 0.0429  -0.0716 -0.0186 227 HOH A O   
893 O  O   . HOH C .  ? 0.4917 0.2513 0.4167 0.1422  -0.0298 0.0046  228 HOH A O   
894 O  O   . HOH C .  ? 0.2344 0.2617 0.2862 0.0851  -0.0200 -0.0008 229 HOH A O   
895 O  O   . HOH C .  ? 0.2537 0.3737 0.2332 0.0411  0.0343  0.1090  230 HOH A O   
896 O  O   . HOH C .  ? 0.2572 0.2694 0.1911 0.0450  0.0190  0.0463  231 HOH A O   
897 O  O   . HOH C .  ? 0.2616 0.2292 0.4215 -0.0202 0.0251  -0.0517 232 HOH A O   
898 O  O   . HOH C .  ? 0.3027 0.2154 0.4102 0.0391  -0.1327 -0.0020 233 HOH A O   
899 O  O   . HOH C .  ? 0.5086 0.2037 0.3197 -0.0740 -0.0307 0.0378  234 HOH A O   
# 
